data_7VKY
#
_entry.id   7VKY
#
_cell.length_a   163.530
_cell.length_b   71.660
_cell.length_c   129.820
_cell.angle_alpha   90.000
_cell.angle_beta   106.020
_cell.angle_gamma   90.000
#
_symmetry.space_group_name_H-M   'C 1 2 1'
#
loop_
_entity.id
_entity.type
_entity.pdbx_description
1 polymer beta-1,2-glucosyltransferase
2 branched beta-D-glucopyranose-(1-2)-beta-D-glucopyranose
3 branched beta-D-glucopyranose-(1-2)-alpha-D-glucopyranose
4 non-polymer 'CALCIUM ION'
5 water water
#
_entity_poly.entity_id   1
_entity_poly.type   'polypeptide(L)'
_entity_poly.pdbx_seq_one_letter_code
;SEKYFVKNGQPHFLISGEVHYFRINPKLWRNHLQLLKQTGADTVSTYIPWDWHEIEEDDFDFEGKTHPARNLIRFIKLCK
EENLDLIVKPGPYILAEYENQGLPSWLLKKLSKNAFALDENGNVISPDLVSYLSDEFLEYTFKWYDKVMPIISKHQKEHY
GPITMMQLCNEIGVFQWLSGKSDYNPKVINLYKEFIIQRYKTIEKLNSVYSTNYNSFDDLKAPSGKIKLRSDYCAYFDFH
LFFREYYNKYISILKNKIRSFGINIKLTHNIPGWIYGNASELPMLISTYSEIMKNHPDIIFGLDHIPEFVSFRNAHSDLA
CNKILEAMQPEAPVWAAEFQAGTREHHVKAYAKDLETFYIASLAHGIKGFNYYMFSQGINPEGKGFYGKTFYFQTALDAA
SNKLALYDSIKKVNRFIRKEQKDLLRTNVNSEICVGFYKPYFFTELISSQLLKEKKLNVEELGLYIDPRFLREEILFNGL
LRGLQTLNYNYDVVDLENCDLKSLTAYKQLWITSAEFMDAETQNLLSEFVLNGGNLILYPAVPTLDNYLNRCEILKNNFG
IEFITKDSSHKVSAFGIEDVFTAFSKKQIYNDTNSKPIAFTQENEICGIRKKIGKGELTILGFAFGYTSDEHLELIDKLV
KLNKIKRELFVSDKDIQFVVRENNKSRYIFFLNYHNERKTFNYRKSSELKKKKSEEISIAPFSYKVIKENK
;
_entity_poly.pdbx_strand_id   A,B
#
loop_
_chem_comp.id
_chem_comp.type
_chem_comp.name
_chem_comp.formula
BGC D-saccharide, beta linking beta-D-glucopyranose 'C6 H12 O6'
CA non-polymer 'CALCIUM ION' 'Ca 2'
GLC D-saccharide, alpha linking alpha-D-glucopyranose 'C6 H12 O6'
#
# COMPACT_ATOMS: atom_id res chain seq x y z
N SER A 1 -14.98 -19.77 -30.88
CA SER A 1 -13.61 -19.82 -30.27
C SER A 1 -13.57 -19.00 -28.97
N GLU A 2 -13.98 -17.74 -29.00
CA GLU A 2 -14.24 -16.93 -27.78
C GLU A 2 -15.35 -17.57 -26.94
N LYS A 3 -15.32 -17.39 -25.62
CA LYS A 3 -16.44 -17.79 -24.74
C LYS A 3 -17.19 -16.52 -24.35
N TYR A 4 -18.50 -16.51 -24.55
CA TYR A 4 -19.38 -15.35 -24.27
C TYR A 4 -20.76 -15.86 -23.90
N PHE A 5 -21.56 -15.01 -23.25
CA PHE A 5 -22.98 -15.31 -22.94
C PHE A 5 -23.74 -15.28 -24.25
N VAL A 6 -24.86 -16.00 -24.30
CA VAL A 6 -25.72 -16.12 -25.50
C VAL A 6 -27.16 -15.79 -25.08
N LYS A 7 -27.86 -15.06 -25.92
CA LYS A 7 -29.33 -14.85 -25.85
C LYS A 7 -29.87 -14.93 -27.28
N ASN A 8 -30.84 -15.82 -27.50
CA ASN A 8 -31.52 -16.02 -28.81
C ASN A 8 -30.50 -16.53 -29.82
N GLY A 9 -29.63 -17.46 -29.39
CA GLY A 9 -28.51 -17.99 -30.20
C GLY A 9 -27.63 -16.90 -30.80
N GLN A 10 -27.53 -15.72 -30.18
CA GLN A 10 -26.63 -14.61 -30.59
C GLN A 10 -25.68 -14.26 -29.44
N PRO A 11 -24.49 -13.70 -29.74
CA PRO A 11 -23.62 -13.17 -28.69
C PRO A 11 -24.40 -12.09 -27.94
N HIS A 12 -24.40 -12.15 -26.61
CA HIS A 12 -25.06 -11.17 -25.72
C HIS A 12 -24.10 -10.75 -24.61
N PHE A 13 -23.85 -9.45 -24.50
CA PHE A 13 -23.01 -8.88 -23.42
C PHE A 13 -23.88 -8.81 -22.17
N LEU A 14 -23.53 -9.55 -21.13
CA LEU A 14 -24.26 -9.48 -19.83
C LEU A 14 -23.96 -8.11 -19.23
N ILE A 15 -24.94 -7.21 -19.23
CA ILE A 15 -24.88 -5.93 -18.46
C ILE A 15 -25.90 -5.97 -17.34
N SER A 16 -25.40 -6.07 -16.12
CA SER A 16 -26.22 -6.04 -14.88
C SER A 16 -25.89 -4.77 -14.09
N GLY A 17 -26.82 -4.35 -13.24
CA GLY A 17 -26.54 -3.35 -12.21
C GLY A 17 -27.03 -3.83 -10.86
N GLU A 18 -26.21 -3.60 -9.84
CA GLU A 18 -26.53 -4.00 -8.48
C GLU A 18 -27.43 -2.92 -7.91
N VAL A 19 -28.59 -3.35 -7.43
CA VAL A 19 -29.62 -2.46 -6.81
C VAL A 19 -30.14 -3.18 -5.56
N HIS A 20 -29.82 -2.70 -4.38
CA HIS A 20 -30.18 -3.38 -3.11
C HIS A 20 -31.56 -2.88 -2.67
N TYR A 21 -32.61 -3.67 -2.97
CA TYR A 21 -34.03 -3.35 -2.66
C TYR A 21 -34.13 -3.01 -1.16
N PHE A 22 -33.35 -3.73 -0.31
CA PHE A 22 -33.44 -3.63 1.18
C PHE A 22 -32.82 -2.31 1.68
N ARG A 23 -32.19 -1.51 0.82
CA ARG A 23 -31.53 -0.25 1.20
C ARG A 23 -32.12 0.91 0.40
N ILE A 24 -33.30 0.70 -0.20
CA ILE A 24 -33.97 1.72 -1.05
C ILE A 24 -35.44 1.80 -0.63
N ASN A 25 -35.94 3.03 -0.47
CA ASN A 25 -37.39 3.27 -0.27
C ASN A 25 -38.15 2.48 -1.32
N PRO A 26 -39.02 1.51 -0.93
CA PRO A 26 -39.74 0.69 -1.92
C PRO A 26 -40.67 1.44 -2.89
N LYS A 27 -41.11 2.63 -2.52
CA LYS A 27 -41.86 3.53 -3.44
C LYS A 27 -40.95 3.93 -4.60
N LEU A 28 -39.62 3.80 -4.46
CA LEU A 28 -38.66 4.23 -5.50
C LEU A 28 -38.03 3.03 -6.21
N TRP A 29 -38.43 1.80 -5.86
CA TRP A 29 -37.84 0.60 -6.52
C TRP A 29 -38.04 0.69 -8.04
N ARG A 30 -39.23 1.05 -8.49
CA ARG A 30 -39.55 1.04 -9.94
C ARG A 30 -38.67 2.05 -10.66
N ASN A 31 -38.53 3.24 -10.08
CA ASN A 31 -37.72 4.30 -10.69
C ASN A 31 -36.27 3.82 -10.81
N HIS A 32 -35.73 3.13 -9.80
CA HIS A 32 -34.35 2.56 -9.90
C HIS A 32 -34.29 1.57 -11.07
N LEU A 33 -35.23 0.64 -11.17
CA LEU A 33 -35.22 -0.37 -12.24
C LEU A 33 -35.35 0.29 -13.62
N GLN A 34 -36.27 1.25 -13.79
CA GLN A 34 -36.48 1.92 -15.09
C GLN A 34 -35.20 2.65 -15.53
N LEU A 35 -34.56 3.39 -14.61
CA LEU A 35 -33.32 4.14 -14.93
C LEU A 35 -32.18 3.16 -15.28
N LEU A 36 -32.10 2.01 -14.61
CA LEU A 36 -31.07 0.99 -14.91
C LEU A 36 -31.33 0.45 -16.32
N LYS A 37 -32.58 0.11 -16.62
CA LYS A 37 -33.00 -0.41 -17.94
C LYS A 37 -32.64 0.62 -19.01
N GLN A 38 -32.82 1.91 -18.71
CA GLN A 38 -32.61 2.98 -19.71
C GLN A 38 -31.11 3.16 -20.00
N THR A 39 -30.21 2.55 -19.22
CA THR A 39 -28.77 2.55 -19.60
C THR A 39 -28.46 1.43 -20.60
N GLY A 40 -29.43 0.55 -20.90
CA GLY A 40 -29.23 -0.61 -21.81
C GLY A 40 -28.87 -1.86 -21.03
N ALA A 41 -28.84 -1.78 -19.70
CA ALA A 41 -28.64 -2.98 -18.85
C ALA A 41 -29.80 -3.94 -19.07
N ASP A 42 -29.52 -5.25 -19.02
CA ASP A 42 -30.53 -6.31 -19.26
C ASP A 42 -30.87 -7.02 -17.95
N THR A 43 -30.06 -6.82 -16.90
CA THR A 43 -30.11 -7.60 -15.65
C THR A 43 -29.94 -6.65 -14.47
N VAL A 44 -30.57 -7.02 -13.36
CA VAL A 44 -30.36 -6.37 -12.04
C VAL A 44 -29.95 -7.45 -11.05
N SER A 45 -29.15 -7.08 -10.06
CA SER A 45 -28.48 -8.02 -9.16
C SER A 45 -28.66 -7.52 -7.73
N THR A 46 -28.96 -8.43 -6.81
CA THR A 46 -29.12 -8.06 -5.40
C THR A 46 -28.81 -9.26 -4.52
N TYR A 47 -28.33 -8.93 -3.34
CA TYR A 47 -28.33 -9.83 -2.18
C TYR A 47 -29.77 -9.95 -1.66
N ILE A 48 -30.06 -11.11 -1.10
CA ILE A 48 -31.24 -11.33 -0.22
C ILE A 48 -30.66 -11.63 1.16
N PRO A 49 -30.57 -10.62 2.05
CA PRO A 49 -29.91 -10.80 3.34
C PRO A 49 -30.74 -11.59 4.36
N TRP A 50 -30.14 -12.69 4.83
CA TRP A 50 -30.70 -13.56 5.88
C TRP A 50 -31.17 -12.71 7.07
N ASP A 51 -30.27 -11.89 7.61
CA ASP A 51 -30.54 -10.99 8.75
C ASP A 51 -31.80 -10.17 8.44
N TRP A 52 -31.98 -9.75 7.20
CA TRP A 52 -33.07 -8.81 6.85
C TRP A 52 -34.43 -9.53 6.90
N HIS A 53 -34.47 -10.82 6.55
CA HIS A 53 -35.74 -11.54 6.29
C HIS A 53 -36.10 -12.53 7.42
N GLU A 54 -35.11 -13.08 8.11
CA GLU A 54 -35.38 -13.87 9.35
C GLU A 54 -35.18 -12.91 10.52
N ILE A 55 -36.23 -12.15 10.81
CA ILE A 55 -36.18 -10.94 11.68
C ILE A 55 -35.97 -11.38 13.14
N GLU A 56 -36.51 -12.53 13.53
CA GLU A 56 -36.21 -13.25 14.79
C GLU A 56 -36.08 -14.71 14.40
N GLU A 57 -35.64 -15.57 15.30
CA GLU A 57 -35.48 -17.01 14.98
C GLU A 57 -36.85 -17.54 14.58
N ASP A 58 -36.96 -18.11 13.37
CA ASP A 58 -38.18 -18.75 12.85
C ASP A 58 -39.28 -17.71 12.62
N ASP A 59 -38.94 -16.43 12.47
CA ASP A 59 -39.91 -15.38 12.11
C ASP A 59 -39.44 -14.77 10.77
N PHE A 60 -40.09 -15.12 9.65
CA PHE A 60 -39.66 -14.72 8.28
C PHE A 60 -40.61 -13.69 7.70
N ASP A 61 -40.06 -12.70 6.99
CA ASP A 61 -40.87 -11.70 6.27
C ASP A 61 -40.22 -11.43 4.91
N PHE A 62 -40.90 -11.89 3.86
CA PHE A 62 -40.54 -11.63 2.45
C PHE A 62 -41.60 -10.77 1.75
N GLU A 63 -42.56 -10.23 2.50
CA GLU A 63 -43.76 -9.59 1.89
C GLU A 63 -43.95 -8.17 2.41
N GLY A 64 -43.01 -7.63 3.19
CA GLY A 64 -43.15 -6.28 3.73
C GLY A 64 -44.20 -6.20 4.83
N LYS A 65 -44.46 -7.30 5.55
CA LYS A 65 -45.40 -7.31 6.70
C LYS A 65 -44.84 -6.52 7.88
N THR A 66 -43.52 -6.44 8.08
CA THR A 66 -42.92 -5.78 9.28
C THR A 66 -42.13 -4.53 8.89
N HIS A 67 -41.75 -4.42 7.62
CA HIS A 67 -41.03 -3.28 7.02
C HIS A 67 -41.26 -3.38 5.52
N PRO A 68 -41.68 -2.30 4.83
CA PRO A 68 -41.98 -2.41 3.42
C PRO A 68 -40.78 -2.91 2.60
N ALA A 69 -39.55 -2.65 3.02
CA ALA A 69 -38.36 -3.03 2.20
C ALA A 69 -38.04 -4.52 2.44
N ARG A 70 -38.84 -5.21 3.25
CA ARG A 70 -38.77 -6.69 3.37
C ARG A 70 -39.62 -7.38 2.29
N ASN A 71 -40.25 -6.60 1.40
CA ASN A 71 -41.13 -7.15 0.33
C ASN A 71 -40.29 -7.60 -0.87
N LEU A 72 -39.49 -8.65 -0.70
CA LEU A 72 -38.70 -9.29 -1.78
C LEU A 72 -39.63 -9.69 -2.93
N ILE A 73 -40.80 -10.23 -2.59
CA ILE A 73 -41.78 -10.76 -3.57
C ILE A 73 -42.14 -9.62 -4.52
N ARG A 74 -42.43 -8.43 -3.97
CA ARG A 74 -42.78 -7.24 -4.79
C ARG A 74 -41.56 -6.82 -5.65
N PHE A 75 -40.35 -6.81 -5.11
CA PHE A 75 -39.14 -6.42 -5.89
C PHE A 75 -38.96 -7.36 -7.08
N ILE A 76 -39.11 -8.67 -6.85
CA ILE A 76 -39.02 -9.70 -7.92
C ILE A 76 -40.07 -9.37 -9.01
N LYS A 77 -41.29 -9.07 -8.60
CA LYS A 77 -42.43 -8.77 -9.52
C LYS A 77 -42.09 -7.54 -10.34
N LEU A 78 -41.52 -6.49 -9.74
CA LEU A 78 -41.15 -5.24 -10.47
C LEU A 78 -40.05 -5.52 -11.49
N CYS A 79 -39.05 -6.32 -11.14
CA CYS A 79 -37.97 -6.72 -12.10
C CYS A 79 -38.65 -7.29 -13.36
N LYS A 80 -39.67 -8.13 -13.20
CA LYS A 80 -40.36 -8.77 -14.35
C LYS A 80 -41.13 -7.70 -15.14
N GLU A 81 -41.92 -6.86 -14.46
CA GLU A 81 -42.69 -5.75 -15.09
C GLU A 81 -41.70 -4.82 -15.82
N GLU A 82 -40.48 -4.62 -15.35
CA GLU A 82 -39.57 -3.64 -16.00
C GLU A 82 -38.60 -4.33 -16.97
N ASN A 83 -38.84 -5.61 -17.26
CA ASN A 83 -38.11 -6.39 -18.29
C ASN A 83 -36.62 -6.41 -17.95
N LEU A 84 -36.29 -6.59 -16.68
CA LEU A 84 -34.90 -6.91 -16.26
C LEU A 84 -34.89 -8.36 -15.77
N ASP A 85 -33.93 -9.15 -16.23
CA ASP A 85 -33.57 -10.42 -15.58
C ASP A 85 -32.94 -10.12 -14.19
N LEU A 86 -32.97 -11.06 -13.27
CA LEU A 86 -32.58 -10.84 -11.87
C LEU A 86 -31.56 -11.89 -11.43
N ILE A 87 -30.43 -11.42 -10.91
CA ILE A 87 -29.45 -12.24 -10.16
C ILE A 87 -29.77 -12.09 -8.67
N VAL A 88 -29.98 -13.23 -7.98
CA VAL A 88 -30.28 -13.26 -6.52
C VAL A 88 -29.08 -13.90 -5.81
N LYS A 89 -28.79 -13.40 -4.61
CA LYS A 89 -27.60 -13.80 -3.84
C LYS A 89 -28.02 -13.89 -2.39
N PRO A 90 -28.62 -15.03 -1.97
CA PRO A 90 -29.15 -15.17 -0.60
C PRO A 90 -28.19 -15.67 0.49
N GLY A 91 -26.90 -15.74 0.20
CA GLY A 91 -25.89 -15.99 1.24
C GLY A 91 -25.66 -17.49 1.43
N PRO A 92 -25.42 -17.96 2.68
CA PRO A 92 -25.73 -17.19 3.89
C PRO A 92 -24.90 -15.92 4.13
N TYR A 93 -23.61 -15.93 3.80
CA TYR A 93 -22.80 -14.69 3.86
C TYR A 93 -23.11 -13.82 2.66
N ILE A 94 -23.21 -12.51 2.88
CA ILE A 94 -23.25 -11.53 1.75
C ILE A 94 -22.12 -10.51 1.83
N LEU A 95 -21.59 -10.30 3.04
CA LEU A 95 -20.63 -9.20 3.35
C LEU A 95 -21.35 -7.88 3.11
N ALA A 96 -21.18 -7.26 1.93
CA ALA A 96 -22.03 -6.15 1.42
C ALA A 96 -22.03 -4.94 2.39
N GLU A 97 -20.99 -4.75 3.21
CA GLU A 97 -20.95 -3.68 4.24
C GLU A 97 -22.24 -3.74 5.09
N TYR A 98 -22.71 -4.95 5.37
CA TYR A 98 -23.93 -5.20 6.17
C TYR A 98 -23.47 -5.73 7.52
N GLU A 99 -24.14 -5.30 8.59
CA GLU A 99 -23.84 -5.74 9.98
C GLU A 99 -23.71 -7.27 10.00
N ASN A 100 -22.65 -7.76 10.64
CA ASN A 100 -22.35 -9.21 10.79
C ASN A 100 -22.26 -9.91 9.43
N GLN A 101 -21.91 -9.18 8.37
CA GLN A 101 -21.70 -9.78 7.03
C GLN A 101 -23.01 -10.42 6.51
N GLY A 102 -24.17 -10.03 7.07
CA GLY A 102 -25.49 -10.46 6.62
C GLY A 102 -26.08 -11.56 7.47
N LEU A 103 -25.32 -12.13 8.39
CA LEU A 103 -25.87 -13.18 9.31
C LEU A 103 -26.72 -12.50 10.37
N PRO A 104 -27.83 -13.15 10.79
CA PRO A 104 -28.70 -12.56 11.82
C PRO A 104 -27.97 -12.35 13.16
N SER A 105 -28.19 -11.21 13.80
CA SER A 105 -27.74 -11.00 15.20
C SER A 105 -28.19 -12.14 16.10
N TRP A 106 -29.46 -12.55 16.01
CA TRP A 106 -30.01 -13.60 16.92
C TRP A 106 -29.19 -14.89 16.73
N LEU A 107 -28.76 -15.20 15.50
CA LEU A 107 -27.95 -16.43 15.22
C LEU A 107 -26.60 -16.32 15.92
N LEU A 108 -25.86 -15.24 15.73
CA LEU A 108 -24.50 -15.13 16.29
C LEU A 108 -24.56 -15.13 17.82
N LYS A 109 -25.65 -14.62 18.41
CA LYS A 109 -25.82 -14.64 19.88
C LYS A 109 -26.17 -16.06 20.32
N LYS A 110 -26.80 -16.88 19.50
CA LYS A 110 -27.29 -18.20 19.92
C LYS A 110 -26.22 -19.28 19.73
N LEU A 111 -25.45 -19.21 18.65
CA LEU A 111 -24.45 -20.22 18.25
C LEU A 111 -23.49 -20.50 19.42
N SER A 112 -23.17 -21.77 19.63
CA SER A 112 -22.13 -22.17 20.59
C SER A 112 -20.75 -21.88 19.99
N LYS A 113 -19.73 -21.90 20.84
CA LYS A 113 -18.33 -21.53 20.47
C LYS A 113 -17.86 -22.36 19.28
N ASN A 114 -18.21 -23.64 19.22
CA ASN A 114 -17.76 -24.56 18.14
C ASN A 114 -18.41 -24.26 16.77
N ALA A 115 -19.35 -23.34 16.68
CA ALA A 115 -19.85 -22.83 15.39
C ALA A 115 -18.85 -21.84 14.76
N PHE A 116 -17.89 -21.29 15.52
CA PHE A 116 -17.04 -20.14 15.08
C PHE A 116 -15.65 -20.60 14.58
N ALA A 117 -15.04 -19.86 13.65
CA ALA A 117 -13.60 -20.01 13.34
C ALA A 117 -12.78 -19.74 14.62
N LEU A 118 -11.84 -20.64 14.93
CA LEU A 118 -11.00 -20.57 16.13
C LEU A 118 -9.53 -20.46 15.69
N ASP A 119 -8.71 -19.73 16.45
CA ASP A 119 -7.24 -19.65 16.20
C ASP A 119 -6.55 -20.89 16.77
N GLU A 120 -5.23 -20.98 16.60
CA GLU A 120 -4.26 -21.98 17.17
C GLU A 120 -4.63 -22.36 18.62
N ASN A 121 -5.03 -21.38 19.43
CA ASN A 121 -5.26 -21.52 20.90
C ASN A 121 -6.73 -21.79 21.20
N GLY A 122 -7.62 -21.84 20.21
CA GLY A 122 -9.02 -22.20 20.46
C GLY A 122 -9.87 -20.98 20.78
N ASN A 123 -9.37 -19.77 20.56
CA ASN A 123 -10.19 -18.54 20.76
C ASN A 123 -10.91 -18.17 19.46
N VAL A 124 -12.08 -17.58 19.60
CA VAL A 124 -12.95 -17.09 18.51
C VAL A 124 -12.16 -16.02 17.78
N ILE A 125 -11.97 -16.16 16.48
CA ILE A 125 -11.23 -15.16 15.67
C ILE A 125 -12.06 -13.86 15.56
N SER A 126 -13.36 -13.97 15.29
CA SER A 126 -14.24 -12.81 15.10
C SER A 126 -15.67 -13.24 15.41
N PRO A 127 -16.47 -12.37 16.10
CA PRO A 127 -17.84 -12.71 16.46
C PRO A 127 -18.82 -12.87 15.28
N ASP A 128 -18.42 -12.52 14.06
CA ASP A 128 -19.30 -12.75 12.88
C ASP A 128 -18.67 -13.78 11.95
N LEU A 129 -17.64 -14.51 12.39
CA LEU A 129 -16.87 -15.42 11.48
C LEU A 129 -17.10 -16.87 11.90
N VAL A 130 -17.96 -17.56 11.14
CA VAL A 130 -18.33 -18.97 11.44
C VAL A 130 -17.30 -19.90 10.82
N SER A 131 -17.27 -21.13 11.32
CA SER A 131 -16.54 -22.23 10.66
C SER A 131 -17.51 -22.84 9.65
N TYR A 132 -17.13 -22.86 8.36
CA TYR A 132 -18.05 -23.14 7.23
C TYR A 132 -18.76 -24.50 7.43
N LEU A 133 -18.08 -25.53 7.93
CA LEU A 133 -18.72 -26.88 8.02
C LEU A 133 -19.21 -27.15 9.43
N SER A 134 -19.36 -26.11 10.25
CA SER A 134 -20.02 -26.19 11.58
C SER A 134 -21.41 -26.79 11.41
N ASP A 135 -21.72 -27.86 12.16
CA ASP A 135 -23.06 -28.50 12.12
C ASP A 135 -24.12 -27.45 12.39
N GLU A 136 -23.91 -26.64 13.42
CA GLU A 136 -24.91 -25.62 13.84
C GLU A 136 -25.09 -24.57 12.75
N PHE A 137 -23.99 -24.05 12.23
CA PHE A 137 -24.04 -23.05 11.15
C PHE A 137 -24.85 -23.59 9.96
N LEU A 138 -24.55 -24.81 9.50
CA LEU A 138 -25.21 -25.38 8.30
C LEU A 138 -26.68 -25.72 8.63
N GLU A 139 -27.02 -26.06 9.88
CA GLU A 139 -28.44 -26.27 10.26
C GLU A 139 -29.25 -24.98 10.06
N TYR A 140 -28.76 -23.86 10.60
CA TYR A 140 -29.46 -22.55 10.50
C TYR A 140 -29.47 -22.08 9.03
N THR A 141 -28.36 -22.23 8.31
CA THR A 141 -28.28 -21.91 6.86
C THR A 141 -29.36 -22.73 6.15
N PHE A 142 -29.51 -24.02 6.45
CA PHE A 142 -30.51 -24.89 5.77
C PHE A 142 -31.92 -24.35 6.04
N LYS A 143 -32.21 -23.97 7.29
CA LYS A 143 -33.54 -23.42 7.66
C LYS A 143 -33.76 -22.08 6.95
N TRP A 144 -32.69 -21.28 6.72
CA TRP A 144 -32.80 -20.03 5.94
C TRP A 144 -33.13 -20.38 4.48
N TYR A 145 -32.39 -21.33 3.90
CA TYR A 145 -32.63 -21.84 2.53
C TYR A 145 -34.04 -22.42 2.43
N ASP A 146 -34.54 -23.08 3.47
CA ASP A 146 -35.90 -23.69 3.43
C ASP A 146 -36.98 -22.64 3.14
N LYS A 147 -36.75 -21.38 3.53
CA LYS A 147 -37.74 -20.29 3.36
C LYS A 147 -37.41 -19.47 2.11
N VAL A 148 -36.15 -19.21 1.81
CA VAL A 148 -35.84 -18.27 0.68
C VAL A 148 -35.82 -19.06 -0.62
N MET A 149 -35.41 -20.34 -0.63
CA MET A 149 -35.21 -21.05 -1.91
C MET A 149 -36.54 -21.34 -2.62
N PRO A 150 -37.64 -21.68 -1.93
CA PRO A 150 -38.94 -21.85 -2.61
C PRO A 150 -39.37 -20.61 -3.38
N ILE A 151 -39.07 -19.43 -2.84
CA ILE A 151 -39.43 -18.14 -3.50
C ILE A 151 -38.60 -18.00 -4.77
N ILE A 152 -37.29 -18.25 -4.67
CA ILE A 152 -36.35 -18.18 -5.83
C ILE A 152 -36.80 -19.22 -6.86
N SER A 153 -37.11 -20.45 -6.44
CA SER A 153 -37.54 -21.54 -7.37
C SER A 153 -38.77 -21.12 -8.18
N LYS A 154 -39.74 -20.52 -7.50
CA LYS A 154 -41.06 -20.14 -8.09
C LYS A 154 -40.85 -19.04 -9.15
N HIS A 155 -39.82 -18.20 -8.98
CA HIS A 155 -39.64 -16.99 -9.82
C HIS A 155 -38.46 -17.15 -10.79
N GLN A 156 -38.00 -18.37 -11.03
CA GLN A 156 -36.99 -18.66 -12.06
C GLN A 156 -37.58 -18.34 -13.42
N LYS A 157 -36.67 -18.13 -14.39
CA LYS A 157 -36.99 -17.91 -15.82
C LYS A 157 -37.85 -19.06 -16.34
N GLU A 158 -37.57 -20.31 -15.96
CA GLU A 158 -38.28 -21.49 -16.53
C GLU A 158 -39.73 -21.47 -16.04
N HIS A 159 -40.07 -20.73 -14.96
CA HIS A 159 -41.48 -20.49 -14.54
C HIS A 159 -41.94 -19.10 -14.98
N TYR A 160 -41.31 -18.53 -16.03
CA TYR A 160 -41.63 -17.19 -16.59
C TYR A 160 -41.30 -16.07 -15.61
N GLY A 161 -40.54 -16.37 -14.55
CA GLY A 161 -40.07 -15.34 -13.62
C GLY A 161 -38.85 -14.63 -14.20
N PRO A 162 -38.32 -13.61 -13.51
CA PRO A 162 -37.12 -12.93 -13.99
C PRO A 162 -35.79 -13.54 -13.55
N ILE A 163 -35.79 -14.51 -12.61
CA ILE A 163 -34.51 -14.99 -12.00
C ILE A 163 -33.74 -15.91 -12.95
N THR A 164 -32.56 -15.47 -13.37
CA THR A 164 -31.70 -16.23 -14.32
C THR A 164 -30.44 -16.78 -13.63
N MET A 165 -30.01 -16.24 -12.50
CA MET A 165 -28.73 -16.70 -11.90
C MET A 165 -28.88 -16.56 -10.40
N MET A 166 -28.13 -17.39 -9.69
CA MET A 166 -28.02 -17.26 -8.23
C MET A 166 -26.58 -17.46 -7.78
N GLN A 167 -26.11 -16.60 -6.89
CA GLN A 167 -24.78 -16.73 -6.26
C GLN A 167 -24.90 -17.58 -5.00
N LEU A 168 -23.97 -18.52 -4.84
CA LEU A 168 -23.82 -19.35 -3.63
C LEU A 168 -22.90 -18.62 -2.64
N CYS A 169 -23.48 -18.19 -1.51
CA CYS A 169 -22.75 -17.53 -0.40
C CYS A 169 -22.07 -16.30 -1.02
N ASN A 170 -20.85 -15.99 -0.60
CA ASN A 170 -20.15 -14.78 -1.07
C ASN A 170 -18.66 -14.93 -0.80
N GLU A 171 -17.84 -14.92 -1.83
CA GLU A 171 -16.35 -14.88 -1.70
C GLU A 171 -15.88 -15.80 -0.57
N ILE A 172 -16.10 -17.09 -0.76
CA ILE A 172 -15.69 -18.10 0.26
C ILE A 172 -14.21 -17.86 0.62
N GLY A 173 -13.93 -17.85 1.91
CA GLY A 173 -12.60 -17.60 2.46
C GLY A 173 -12.26 -16.12 2.61
N VAL A 174 -13.04 -15.18 2.08
CA VAL A 174 -12.69 -13.72 2.15
C VAL A 174 -12.59 -13.30 3.63
N PHE A 175 -13.52 -13.74 4.48
CA PHE A 175 -13.59 -13.36 5.92
C PHE A 175 -12.40 -13.96 6.65
N GLN A 176 -12.05 -15.22 6.43
CA GLN A 176 -10.82 -15.82 7.00
C GLN A 176 -9.61 -14.98 6.58
N TRP A 177 -9.49 -14.70 5.28
CA TRP A 177 -8.35 -13.94 4.70
C TRP A 177 -8.23 -12.57 5.39
N LEU A 178 -9.31 -11.78 5.43
CA LEU A 178 -9.25 -10.41 6.02
C LEU A 178 -8.96 -10.47 7.53
N SER A 179 -9.37 -11.49 8.27
CA SER A 179 -9.09 -11.59 9.74
C SER A 179 -7.59 -11.76 9.98
N GLY A 180 -6.82 -12.17 8.97
CA GLY A 180 -5.37 -12.43 9.14
C GLY A 180 -5.04 -13.71 9.90
N LYS A 181 -6.01 -14.61 10.10
CA LYS A 181 -5.84 -15.88 10.86
C LYS A 181 -6.61 -17.00 10.17
N SER A 182 -6.09 -18.21 10.21
CA SER A 182 -6.72 -19.41 9.58
C SER A 182 -7.53 -20.17 10.64
N ASP A 183 -8.46 -21.02 10.19
CA ASP A 183 -9.48 -21.68 11.02
C ASP A 183 -8.90 -22.98 11.56
N TYR A 184 -8.83 -23.13 12.88
CA TYR A 184 -8.44 -24.37 13.61
C TYR A 184 -9.62 -24.86 14.47
N ASN A 185 -10.85 -24.59 14.07
CA ASN A 185 -12.10 -25.20 14.64
C ASN A 185 -11.91 -26.72 14.69
N PRO A 186 -12.45 -27.45 15.70
CA PRO A 186 -12.30 -28.91 15.75
C PRO A 186 -12.84 -29.68 14.53
N LYS A 187 -13.86 -29.16 13.84
CA LYS A 187 -14.34 -29.79 12.57
C LYS A 187 -13.21 -29.78 11.53
N VAL A 188 -12.52 -28.65 11.40
CA VAL A 188 -11.33 -28.54 10.52
C VAL A 188 -10.28 -29.59 10.95
N ILE A 189 -9.92 -29.63 12.23
CA ILE A 189 -8.88 -30.56 12.80
C ILE A 189 -9.28 -31.98 12.41
N ASN A 190 -10.53 -32.38 12.65
CA ASN A 190 -10.99 -33.79 12.47
C ASN A 190 -11.07 -34.10 10.99
N LEU A 191 -11.59 -33.19 10.16
CA LEU A 191 -11.69 -33.45 8.71
C LEU A 191 -10.26 -33.51 8.14
N TYR A 192 -9.33 -32.73 8.68
CA TYR A 192 -7.94 -32.76 8.20
C TYR A 192 -7.33 -34.15 8.45
N LYS A 193 -7.54 -34.70 9.64
CA LYS A 193 -6.97 -36.02 10.07
C LYS A 193 -7.50 -37.08 9.08
N GLU A 194 -8.80 -37.05 8.79
CA GLU A 194 -9.43 -38.00 7.85
C GLU A 194 -8.80 -37.87 6.46
N PHE A 195 -8.59 -36.63 6.01
CA PHE A 195 -7.92 -36.28 4.73
C PHE A 195 -6.52 -36.91 4.67
N ILE A 196 -5.71 -36.71 5.70
CA ILE A 196 -4.30 -37.23 5.73
C ILE A 196 -4.34 -38.76 5.72
N ILE A 197 -5.24 -39.41 6.46
CA ILE A 197 -5.31 -40.90 6.52
C ILE A 197 -5.67 -41.41 5.12
N GLN A 198 -6.67 -40.79 4.49
CA GLN A 198 -7.13 -41.16 3.12
C GLN A 198 -5.98 -40.94 2.12
N ARG A 199 -5.22 -39.86 2.31
CA ARG A 199 -4.17 -39.48 1.34
C ARG A 199 -2.98 -40.44 1.48
N TYR A 200 -2.56 -40.79 2.70
CA TYR A 200 -1.28 -41.53 2.91
C TYR A 200 -1.50 -43.01 3.22
N LYS A 201 -2.67 -43.41 3.74
CA LYS A 201 -3.06 -44.83 3.99
C LYS A 201 -2.30 -45.37 5.20
N THR A 202 -0.99 -45.17 5.26
CA THR A 202 -0.17 -45.66 6.41
C THR A 202 0.71 -44.54 6.92
N ILE A 203 1.03 -44.61 8.20
CA ILE A 203 1.95 -43.61 8.81
C ILE A 203 3.36 -43.76 8.22
N GLU A 204 3.78 -44.98 7.86
CA GLU A 204 5.09 -45.23 7.19
C GLU A 204 5.19 -44.38 5.91
N LYS A 205 4.13 -44.36 5.10
CA LYS A 205 4.10 -43.62 3.80
C LYS A 205 4.18 -42.10 4.08
N LEU A 206 3.41 -41.60 5.05
CA LEU A 206 3.48 -40.17 5.41
C LEU A 206 4.90 -39.87 5.85
N ASN A 207 5.47 -40.69 6.74
CA ASN A 207 6.83 -40.50 7.28
C ASN A 207 7.87 -40.45 6.13
N SER A 208 7.75 -41.31 5.11
CA SER A 208 8.71 -41.35 3.97
C SER A 208 8.63 -40.05 3.15
N VAL A 209 7.46 -39.45 2.99
CA VAL A 209 7.28 -38.14 2.29
C VAL A 209 7.78 -37.02 3.19
N TYR A 210 7.34 -36.97 4.44
CA TYR A 210 7.65 -35.81 5.34
C TYR A 210 9.05 -35.91 5.95
N SER A 211 9.68 -37.10 5.94
CA SER A 211 10.87 -37.45 6.76
C SER A 211 10.58 -37.25 8.24
N THR A 212 9.43 -37.72 8.71
CA THR A 212 9.07 -37.71 10.16
C THR A 212 9.19 -39.12 10.69
N ASN A 213 9.01 -39.28 12.00
CA ASN A 213 9.16 -40.54 12.75
C ASN A 213 7.93 -40.78 13.62
N TYR A 214 6.73 -40.45 13.13
CA TYR A 214 5.48 -40.69 13.89
C TYR A 214 5.30 -42.22 14.04
N ASN A 215 4.76 -42.64 15.18
CA ASN A 215 4.43 -44.06 15.45
C ASN A 215 3.05 -44.33 14.87
N SER A 216 2.17 -43.32 14.82
CA SER A 216 0.81 -43.52 14.26
C SER A 216 0.18 -42.17 13.86
N PHE A 217 -0.88 -42.25 13.07
CA PHE A 217 -1.72 -41.10 12.67
C PHE A 217 -2.19 -40.34 13.92
N ASP A 218 -2.37 -41.00 15.06
CA ASP A 218 -2.80 -40.34 16.32
C ASP A 218 -1.74 -39.33 16.81
N ASP A 219 -0.47 -39.40 16.39
CA ASP A 219 0.62 -38.49 16.86
C ASP A 219 0.66 -37.19 16.05
N LEU A 220 0.01 -37.21 14.90
CA LEU A 220 0.02 -36.16 13.83
C LEU A 220 -1.16 -35.22 14.15
N LYS A 221 -0.96 -33.90 14.16
CA LYS A 221 -2.12 -32.97 14.17
C LYS A 221 -1.96 -31.90 13.08
N ALA A 222 -3.05 -31.19 12.76
CA ALA A 222 -3.03 -30.04 11.83
C ALA A 222 -1.86 -29.16 12.22
N PRO A 223 -0.98 -28.74 11.28
CA PRO A 223 0.19 -27.96 11.65
C PRO A 223 -0.21 -26.55 12.14
N SER A 224 0.48 -26.09 13.17
CA SER A 224 0.36 -24.75 13.76
C SER A 224 1.75 -24.14 13.95
N GLY A 225 1.82 -22.85 14.13
CA GLY A 225 3.09 -22.16 14.36
C GLY A 225 3.94 -22.13 13.10
N LYS A 226 5.11 -21.53 13.23
CA LYS A 226 6.00 -21.23 12.08
C LYS A 226 6.58 -22.52 11.48
N ILE A 227 6.91 -22.51 10.19
CA ILE A 227 7.63 -23.60 9.47
C ILE A 227 9.11 -23.49 9.83
N LYS A 228 9.64 -24.47 10.56
CA LYS A 228 11.09 -24.51 10.96
C LYS A 228 11.81 -25.63 10.20
N LEU A 229 11.13 -26.72 9.84
CA LEU A 229 11.69 -27.90 9.14
C LEU A 229 10.91 -28.14 7.83
N ARG A 230 11.49 -28.88 6.90
CA ARG A 230 10.83 -29.28 5.63
C ARG A 230 9.57 -30.08 5.96
N SER A 231 9.60 -30.94 6.99
CA SER A 231 8.42 -31.72 7.45
C SER A 231 7.28 -30.74 7.82
N ASP A 232 7.58 -29.60 8.43
CA ASP A 232 6.50 -28.62 8.70
C ASP A 232 5.96 -28.10 7.38
N TYR A 233 6.81 -27.84 6.39
CA TYR A 233 6.35 -27.33 5.07
C TYR A 233 5.41 -28.35 4.42
N CYS A 234 5.78 -29.63 4.48
CA CYS A 234 4.97 -30.75 3.93
C CYS A 234 3.60 -30.77 4.61
N ALA A 235 3.56 -30.69 5.94
CA ALA A 235 2.30 -30.69 6.73
C ALA A 235 1.41 -29.52 6.25
N TYR A 236 1.98 -28.33 6.08
CA TYR A 236 1.23 -27.13 5.66
C TYR A 236 0.76 -27.29 4.21
N PHE A 237 1.59 -27.89 3.36
CA PHE A 237 1.22 -28.06 1.93
C PHE A 237 -0.04 -28.93 1.85
N ASP A 238 -0.06 -30.05 2.58
CA ASP A 238 -1.23 -30.96 2.67
C ASP A 238 -2.41 -30.18 3.28
N PHE A 239 -2.15 -29.26 4.21
CA PHE A 239 -3.20 -28.46 4.87
C PHE A 239 -3.84 -27.53 3.82
N HIS A 240 -3.01 -26.95 2.94
CA HIS A 240 -3.50 -26.14 1.80
C HIS A 240 -4.38 -27.02 0.89
N LEU A 241 -3.93 -28.24 0.55
CA LEU A 241 -4.73 -29.13 -0.34
C LEU A 241 -6.07 -29.42 0.33
N PHE A 242 -6.01 -29.67 1.63
CA PHE A 242 -7.21 -29.95 2.44
C PHE A 242 -8.21 -28.79 2.38
N PHE A 243 -7.76 -27.54 2.59
CA PHE A 243 -8.67 -26.36 2.58
C PHE A 243 -9.35 -26.21 1.22
N ARG A 244 -8.70 -26.57 0.12
CA ARG A 244 -9.35 -26.52 -1.20
C ARG A 244 -10.46 -27.59 -1.25
N GLU A 245 -10.25 -28.75 -0.62
CA GLU A 245 -11.29 -29.82 -0.57
C GLU A 245 -12.41 -29.34 0.36
N TYR A 246 -12.04 -28.63 1.41
CA TYR A 246 -12.96 -28.12 2.44
C TYR A 246 -13.91 -27.10 1.81
N TYR A 247 -13.38 -26.17 1.01
CA TYR A 247 -14.21 -25.14 0.32
C TYR A 247 -15.10 -25.81 -0.73
N ASN A 248 -14.59 -26.84 -1.40
CA ASN A 248 -15.42 -27.61 -2.36
C ASN A 248 -16.54 -28.33 -1.61
N LYS A 249 -16.26 -28.92 -0.44
CA LYS A 249 -17.33 -29.57 0.37
C LYS A 249 -18.43 -28.55 0.71
N TYR A 250 -18.05 -27.36 1.19
CA TYR A 250 -18.99 -26.30 1.60
C TYR A 250 -19.92 -25.95 0.43
N ILE A 251 -19.35 -25.64 -0.73
CA ILE A 251 -20.16 -25.16 -1.88
C ILE A 251 -20.98 -26.34 -2.44
N SER A 252 -20.46 -27.57 -2.39
CA SER A 252 -21.18 -28.79 -2.84
C SER A 252 -22.42 -28.96 -1.95
N ILE A 253 -22.24 -28.78 -0.64
CA ILE A 253 -23.36 -28.91 0.34
C ILE A 253 -24.44 -27.86 0.05
N LEU A 254 -24.05 -26.61 -0.16
CA LEU A 254 -25.04 -25.55 -0.51
C LEU A 254 -25.72 -25.89 -1.84
N LYS A 255 -24.95 -26.29 -2.83
CA LYS A 255 -25.46 -26.53 -4.20
C LYS A 255 -26.48 -27.69 -4.17
N ASN A 256 -26.08 -28.82 -3.58
CA ASN A 256 -26.99 -29.98 -3.42
C ASN A 256 -28.30 -29.53 -2.73
N LYS A 257 -28.20 -28.76 -1.63
CA LYS A 257 -29.38 -28.25 -0.89
C LYS A 257 -30.28 -27.44 -1.84
N ILE A 258 -29.71 -26.51 -2.61
CA ILE A 258 -30.43 -25.63 -3.58
C ILE A 258 -31.14 -26.44 -4.65
N ARG A 259 -30.44 -27.40 -5.25
CA ARG A 259 -30.98 -28.22 -6.37
C ARG A 259 -32.25 -28.93 -5.90
N SER A 260 -32.35 -29.31 -4.62
CA SER A 260 -33.48 -30.07 -4.02
C SER A 260 -34.76 -29.23 -4.12
N PHE A 261 -34.68 -27.91 -4.33
CA PHE A 261 -35.87 -27.01 -4.42
C PHE A 261 -36.34 -26.85 -5.87
N GLY A 262 -35.75 -27.57 -6.82
CA GLY A 262 -36.13 -27.52 -8.25
C GLY A 262 -35.57 -26.26 -8.89
N ILE A 263 -34.47 -25.75 -8.34
CA ILE A 263 -33.75 -24.56 -8.88
C ILE A 263 -32.74 -25.07 -9.89
N ASN A 264 -32.95 -24.74 -11.17
CA ASN A 264 -32.15 -25.22 -12.33
C ASN A 264 -31.36 -24.07 -12.97
N ILE A 265 -31.47 -22.85 -12.48
CA ILE A 265 -30.76 -21.67 -13.05
C ILE A 265 -29.25 -21.84 -12.89
N LYS A 266 -28.53 -20.98 -13.60
CA LYS A 266 -27.06 -20.84 -13.53
C LYS A 266 -26.67 -20.43 -12.11
N LEU A 267 -25.72 -21.15 -11.52
CA LEU A 267 -25.17 -20.87 -10.17
C LEU A 267 -23.83 -20.17 -10.34
N THR A 268 -23.58 -19.17 -9.50
CA THR A 268 -22.35 -18.38 -9.60
C THR A 268 -21.58 -18.37 -8.29
N HIS A 269 -20.32 -17.99 -8.39
CA HIS A 269 -19.53 -17.59 -7.20
C HIS A 269 -18.67 -16.41 -7.60
N ASN A 270 -18.22 -15.65 -6.61
CA ASN A 270 -17.54 -14.35 -6.83
C ASN A 270 -16.18 -14.38 -6.12
N ILE A 271 -15.17 -13.88 -6.83
CA ILE A 271 -13.73 -13.96 -6.49
C ILE A 271 -13.28 -12.66 -5.82
N PRO A 272 -12.79 -12.75 -4.56
CA PRO A 272 -12.20 -11.59 -3.87
C PRO A 272 -10.69 -11.44 -4.23
N GLY A 273 -10.09 -10.30 -3.82
CA GLY A 273 -8.62 -10.18 -3.87
C GLY A 273 -8.12 -8.77 -4.08
N TRP A 274 -8.94 -7.86 -4.61
CA TRP A 274 -8.47 -6.46 -4.75
C TRP A 274 -8.43 -5.83 -3.36
N ILE A 275 -7.39 -5.05 -3.10
CA ILE A 275 -7.28 -4.26 -1.86
C ILE A 275 -6.39 -3.06 -2.18
N TYR A 276 -6.81 -1.88 -1.78
CA TYR A 276 -6.06 -0.61 -2.00
C TYR A 276 -5.85 -0.38 -3.50
N GLY A 277 -6.68 -0.96 -4.37
CA GLY A 277 -6.63 -0.65 -5.81
C GLY A 277 -5.69 -1.54 -6.59
N ASN A 278 -5.15 -2.62 -5.99
CA ASN A 278 -4.42 -3.64 -6.77
C ASN A 278 -4.85 -5.06 -6.37
N ALA A 279 -4.47 -6.01 -7.21
CA ALA A 279 -5.05 -7.36 -7.13
C ALA A 279 -3.94 -8.41 -7.11
N SER A 280 -2.74 -8.06 -6.63
CA SER A 280 -1.59 -9.00 -6.67
C SER A 280 -1.84 -10.24 -5.78
N GLU A 281 -2.79 -10.19 -4.82
CA GLU A 281 -3.11 -11.36 -3.96
C GLU A 281 -4.34 -12.11 -4.48
N LEU A 282 -5.05 -11.58 -5.48
CA LEU A 282 -6.26 -12.26 -6.02
C LEU A 282 -5.92 -13.65 -6.54
N PRO A 283 -4.80 -13.84 -7.28
CA PRO A 283 -4.41 -15.18 -7.71
C PRO A 283 -4.27 -16.22 -6.57
N MET A 284 -3.82 -15.83 -5.39
CA MET A 284 -3.81 -16.70 -4.18
C MET A 284 -5.24 -17.14 -3.85
N LEU A 285 -6.16 -16.17 -3.79
CA LEU A 285 -7.55 -16.46 -3.37
C LEU A 285 -8.24 -17.30 -4.44
N ILE A 286 -8.08 -16.96 -5.72
CA ILE A 286 -8.70 -17.77 -6.80
C ILE A 286 -8.13 -19.21 -6.68
N SER A 287 -6.87 -19.37 -6.27
CA SER A 287 -6.22 -20.69 -6.12
C SER A 287 -6.93 -21.53 -5.05
N THR A 288 -7.60 -20.89 -4.09
CA THR A 288 -8.32 -21.63 -3.01
C THR A 288 -9.58 -22.30 -3.60
N TYR A 289 -9.97 -21.94 -4.83
CA TYR A 289 -11.18 -22.47 -5.50
C TYR A 289 -10.80 -23.60 -6.50
N SER A 290 -9.55 -24.06 -6.52
CA SER A 290 -9.06 -25.01 -7.56
C SER A 290 -9.95 -26.26 -7.60
N GLU A 291 -10.33 -26.77 -6.43
CA GLU A 291 -11.11 -28.03 -6.36
C GLU A 291 -12.57 -27.74 -6.72
N ILE A 292 -13.10 -26.56 -6.38
CA ILE A 292 -14.48 -26.20 -6.80
C ILE A 292 -14.54 -26.20 -8.33
N MET A 293 -13.58 -25.54 -8.97
CA MET A 293 -13.62 -25.32 -10.44
C MET A 293 -13.42 -26.65 -11.19
N LYS A 294 -12.69 -27.61 -10.64
CA LYS A 294 -12.52 -28.88 -11.37
C LYS A 294 -13.74 -29.78 -11.12
N ASN A 295 -14.49 -29.62 -10.02
CA ASN A 295 -15.59 -30.56 -9.71
C ASN A 295 -16.95 -29.98 -10.12
N HIS A 296 -17.07 -28.68 -10.37
CA HIS A 296 -18.38 -28.03 -10.64
C HIS A 296 -18.30 -27.22 -11.94
N PRO A 297 -18.44 -27.88 -13.11
CA PRO A 297 -18.48 -27.18 -14.40
C PRO A 297 -19.67 -26.22 -14.45
N ASP A 298 -20.70 -26.45 -13.65
CA ASP A 298 -21.98 -25.71 -13.71
C ASP A 298 -21.97 -24.52 -12.73
N ILE A 299 -20.90 -24.28 -11.98
CA ILE A 299 -20.81 -23.04 -11.16
C ILE A 299 -19.86 -22.09 -11.88
N ILE A 300 -20.35 -20.92 -12.27
CA ILE A 300 -19.53 -19.92 -13.01
C ILE A 300 -18.96 -18.91 -12.02
N PHE A 301 -17.64 -18.82 -11.99
CA PHE A 301 -16.91 -17.84 -11.16
C PHE A 301 -16.82 -16.55 -11.97
N GLY A 302 -17.07 -15.43 -11.30
CA GLY A 302 -16.81 -14.09 -11.85
C GLY A 302 -15.93 -13.29 -10.89
N LEU A 303 -15.26 -12.28 -11.44
CA LEU A 303 -14.27 -11.47 -10.70
C LEU A 303 -14.97 -10.30 -9.99
N ASP A 304 -14.43 -9.92 -8.84
CA ASP A 304 -14.88 -8.72 -8.10
C ASP A 304 -13.78 -7.68 -8.24
N HIS A 305 -13.95 -6.74 -9.18
CA HIS A 305 -12.90 -5.75 -9.55
C HIS A 305 -13.14 -4.48 -8.74
N ILE A 306 -12.14 -4.06 -7.96
CA ILE A 306 -12.17 -2.80 -7.16
C ILE A 306 -10.87 -2.03 -7.40
N PRO A 307 -10.71 -1.48 -8.60
CA PRO A 307 -9.52 -0.69 -8.92
C PRO A 307 -9.32 0.61 -8.11
N GLU A 308 -10.39 1.32 -7.71
CA GLU A 308 -10.36 2.56 -6.87
C GLU A 308 -9.84 3.78 -7.64
N PHE A 309 -8.87 3.58 -8.52
CA PHE A 309 -8.35 4.59 -9.49
C PHE A 309 -7.94 3.83 -10.76
N VAL A 310 -7.53 4.54 -11.81
CA VAL A 310 -7.09 3.89 -13.08
C VAL A 310 -5.82 4.58 -13.58
N SER A 311 -4.68 3.94 -13.37
CA SER A 311 -3.37 4.57 -13.65
C SER A 311 -2.33 3.48 -13.88
N PHE A 312 -1.12 3.88 -14.24
CA PHE A 312 -0.05 2.90 -14.39
C PHE A 312 0.17 2.17 -13.07
N ARG A 313 -0.16 2.77 -11.93
CA ARG A 313 0.05 2.10 -10.63
C ARG A 313 -0.74 0.78 -10.56
N ASN A 314 -1.86 0.66 -11.29
CA ASN A 314 -2.71 -0.54 -11.16
C ASN A 314 -3.18 -1.07 -12.52
N ALA A 315 -2.65 -0.57 -13.65
CA ALA A 315 -3.15 -0.87 -15.01
C ALA A 315 -3.18 -2.38 -15.24
N HIS A 316 -2.20 -3.08 -14.68
CA HIS A 316 -1.91 -4.51 -14.99
C HIS A 316 -2.78 -5.44 -14.15
N SER A 317 -3.37 -4.97 -13.06
CA SER A 317 -4.14 -5.87 -12.14
C SER A 317 -5.35 -6.51 -12.88
N ASP A 318 -6.18 -5.74 -13.58
CA ASP A 318 -7.44 -6.30 -14.18
C ASP A 318 -7.08 -7.28 -15.30
N LEU A 319 -6.08 -6.99 -16.13
CA LEU A 319 -5.74 -7.91 -17.23
C LEU A 319 -5.23 -9.24 -16.68
N ALA A 320 -4.28 -9.19 -15.73
CA ALA A 320 -3.69 -10.39 -15.11
C ALA A 320 -4.80 -11.22 -14.43
N CYS A 321 -5.71 -10.57 -13.69
CA CYS A 321 -6.83 -11.28 -13.04
C CYS A 321 -7.75 -11.91 -14.11
N ASN A 322 -8.08 -11.19 -15.17
CA ASN A 322 -8.97 -11.74 -16.23
C ASN A 322 -8.33 -12.97 -16.87
N LYS A 323 -7.02 -12.88 -17.14
CA LYS A 323 -6.23 -13.96 -17.78
C LYS A 323 -6.17 -15.18 -16.83
N ILE A 324 -5.96 -14.97 -15.54
CA ILE A 324 -5.91 -16.05 -14.54
C ILE A 324 -7.28 -16.73 -14.36
N LEU A 325 -8.38 -15.98 -14.35
CA LEU A 325 -9.73 -16.59 -14.33
C LEU A 325 -9.89 -17.46 -15.57
N GLU A 326 -9.48 -16.94 -16.73
CA GLU A 326 -9.60 -17.69 -17.99
C GLU A 326 -8.80 -19.01 -17.86
N ALA A 327 -7.59 -18.97 -17.30
CA ALA A 327 -6.71 -20.15 -17.15
C ALA A 327 -7.43 -21.18 -16.26
N MET A 328 -8.10 -20.72 -15.23
CA MET A 328 -8.73 -21.66 -14.27
C MET A 328 -10.15 -22.04 -14.71
N GLN A 329 -10.75 -21.25 -15.60
CA GLN A 329 -12.15 -21.50 -16.05
C GLN A 329 -12.21 -21.28 -17.54
N PRO A 330 -11.51 -22.11 -18.34
CA PRO A 330 -11.40 -21.86 -19.78
C PRO A 330 -12.70 -22.06 -20.58
N GLU A 331 -13.72 -22.72 -20.02
CA GLU A 331 -14.94 -23.08 -20.79
C GLU A 331 -16.10 -22.12 -20.45
N ALA A 332 -15.88 -21.07 -19.66
CA ALA A 332 -16.91 -20.03 -19.42
C ALA A 332 -16.36 -18.66 -19.75
N PRO A 333 -17.25 -17.70 -20.02
CA PRO A 333 -16.84 -16.33 -20.29
C PRO A 333 -16.19 -15.74 -19.03
N VAL A 334 -15.18 -14.91 -19.24
CA VAL A 334 -14.59 -13.98 -18.24
C VAL A 334 -15.59 -12.85 -17.97
N TRP A 335 -16.00 -12.71 -16.71
CA TRP A 335 -16.99 -11.66 -16.36
C TRP A 335 -16.77 -11.19 -14.93
N ALA A 336 -17.26 -10.01 -14.61
CA ALA A 336 -17.12 -9.41 -13.27
C ALA A 336 -18.46 -9.49 -12.57
N ALA A 337 -18.54 -10.32 -11.54
CA ALA A 337 -19.74 -10.43 -10.66
C ALA A 337 -19.93 -9.11 -9.90
N GLU A 338 -18.84 -8.41 -9.58
CA GLU A 338 -18.85 -7.08 -8.93
C GLU A 338 -17.87 -6.21 -9.70
N PHE A 339 -18.37 -5.17 -10.35
CA PHE A 339 -17.60 -4.35 -11.30
C PHE A 339 -17.71 -2.93 -10.79
N GLN A 340 -16.63 -2.41 -10.22
CA GLN A 340 -16.71 -1.21 -9.37
C GLN A 340 -17.51 -0.09 -10.06
N ALA A 341 -18.54 0.36 -9.35
CA ALA A 341 -19.31 1.58 -9.61
C ALA A 341 -19.46 2.33 -8.29
N GLY A 342 -19.03 3.58 -8.24
CA GLY A 342 -18.94 4.33 -6.99
C GLY A 342 -17.88 3.72 -6.08
N THR A 343 -17.94 4.07 -4.81
CA THR A 343 -16.98 3.65 -3.77
C THR A 343 -17.75 3.15 -2.55
N ARG A 344 -17.29 2.02 -2.02
CA ARG A 344 -17.82 1.42 -0.77
C ARG A 344 -17.51 2.29 0.46
N GLU A 345 -16.53 3.22 0.40
CA GLU A 345 -16.09 3.95 1.61
C GLU A 345 -15.74 5.40 1.30
N HIS A 346 -16.31 6.31 2.09
CA HIS A 346 -16.35 7.77 1.81
C HIS A 346 -14.96 8.34 1.54
N HIS A 347 -13.93 7.85 2.22
CA HIS A 347 -12.55 8.42 2.22
C HIS A 347 -11.74 7.93 1.00
N VAL A 348 -12.31 7.04 0.20
CA VAL A 348 -11.66 6.49 -1.02
C VAL A 348 -12.60 6.83 -2.17
N LYS A 349 -12.23 7.87 -2.93
CA LYS A 349 -13.10 8.43 -3.98
C LYS A 349 -13.07 7.49 -5.17
N ALA A 350 -14.16 7.48 -5.92
CA ALA A 350 -14.30 6.75 -7.19
C ALA A 350 -14.81 7.76 -8.21
N TYR A 351 -13.94 8.23 -9.09
CA TYR A 351 -14.28 9.28 -10.09
C TYR A 351 -14.84 8.58 -11.34
N ALA A 352 -15.94 9.16 -11.83
CA ALA A 352 -16.61 8.74 -13.07
C ALA A 352 -15.56 8.68 -14.20
N LYS A 353 -14.67 9.66 -14.28
CA LYS A 353 -13.65 9.74 -15.37
C LYS A 353 -12.64 8.59 -15.26
N ASP A 354 -12.29 8.12 -14.05
CA ASP A 354 -11.46 6.90 -13.89
C ASP A 354 -12.26 5.66 -14.30
N LEU A 355 -13.44 5.50 -13.74
CA LEU A 355 -14.19 4.23 -13.92
C LEU A 355 -14.60 4.07 -15.36
N GLU A 356 -14.96 5.15 -16.07
CA GLU A 356 -15.30 5.06 -17.51
C GLU A 356 -14.12 4.44 -18.27
N THR A 357 -12.89 4.90 -18.00
CA THR A 357 -11.67 4.32 -18.59
C THR A 357 -11.55 2.86 -18.13
N PHE A 358 -11.80 2.55 -16.87
CA PHE A 358 -11.68 1.15 -16.39
C PHE A 358 -12.60 0.24 -17.22
N TYR A 359 -13.79 0.70 -17.51
CA TYR A 359 -14.85 -0.08 -18.19
C TYR A 359 -14.37 -0.42 -19.62
N ILE A 360 -13.85 0.57 -20.32
CA ILE A 360 -13.28 0.43 -21.69
C ILE A 360 -12.06 -0.49 -21.62
N ALA A 361 -11.14 -0.29 -20.69
CA ALA A 361 -9.92 -1.13 -20.58
C ALA A 361 -10.36 -2.57 -20.35
N SER A 362 -11.42 -2.78 -19.55
CA SER A 362 -11.97 -4.12 -19.27
C SER A 362 -12.42 -4.79 -20.58
N LEU A 363 -13.07 -4.05 -21.46
CA LEU A 363 -13.42 -4.59 -22.82
C LEU A 363 -12.15 -4.97 -23.59
N ALA A 364 -11.18 -4.06 -23.65
CA ALA A 364 -9.84 -4.30 -24.25
C ALA A 364 -9.26 -5.58 -23.68
N HIS A 365 -9.41 -5.77 -22.37
CA HIS A 365 -8.78 -6.86 -21.58
C HIS A 365 -9.67 -8.11 -21.55
N GLY A 366 -10.70 -8.19 -22.38
CA GLY A 366 -11.40 -9.44 -22.73
C GLY A 366 -12.65 -9.70 -21.90
N ILE A 367 -13.11 -8.72 -21.13
CA ILE A 367 -14.31 -8.97 -20.29
C ILE A 367 -15.53 -9.16 -21.21
N LYS A 368 -16.43 -10.06 -20.80
CA LYS A 368 -17.56 -10.51 -21.63
C LYS A 368 -18.90 -10.17 -20.98
N GLY A 369 -18.86 -9.74 -19.71
CA GLY A 369 -20.06 -9.37 -18.96
C GLY A 369 -19.67 -8.78 -17.65
N PHE A 370 -20.56 -8.02 -17.01
CA PHE A 370 -20.29 -7.42 -15.70
C PHE A 370 -21.59 -6.92 -15.07
N ASN A 371 -21.44 -6.71 -13.78
CA ASN A 371 -22.49 -6.26 -12.87
C ASN A 371 -21.92 -5.06 -12.15
N TYR A 372 -22.41 -3.89 -12.53
CA TYR A 372 -22.00 -2.60 -11.94
C TYR A 372 -22.38 -2.65 -10.46
N TYR A 373 -21.35 -2.56 -9.61
CA TYR A 373 -21.44 -2.71 -8.13
C TYR A 373 -20.78 -1.48 -7.50
N MET A 374 -21.54 -0.45 -7.06
CA MET A 374 -22.99 -0.42 -7.00
C MET A 374 -23.55 0.50 -8.08
N PHE A 375 -24.55 0.05 -8.82
CA PHE A 375 -25.27 0.92 -9.79
C PHE A 375 -26.06 1.94 -8.96
N SER A 376 -26.79 1.45 -7.96
CA SER A 376 -27.63 2.29 -7.09
C SER A 376 -27.02 2.36 -5.71
N GLN A 377 -26.91 3.58 -5.18
CA GLN A 377 -26.60 3.83 -3.74
C GLN A 377 -27.75 3.27 -2.92
N GLY A 378 -27.49 2.95 -1.66
CA GLY A 378 -28.49 2.55 -0.69
C GLY A 378 -28.34 3.33 0.60
N ILE A 379 -29.39 3.31 1.41
CA ILE A 379 -29.36 3.78 2.81
C ILE A 379 -29.73 2.57 3.67
N ASN A 380 -28.84 2.20 4.59
CA ASN A 380 -29.02 1.06 5.51
C ASN A 380 -30.25 1.36 6.34
N PRO A 381 -31.24 0.45 6.41
CA PRO A 381 -32.33 0.59 7.36
C PRO A 381 -31.78 0.30 8.75
N GLU A 382 -32.49 0.75 9.79
CA GLU A 382 -32.49 0.11 11.14
C GLU A 382 -31.07 -0.23 11.59
N GLY A 383 -30.08 0.65 11.38
CA GLY A 383 -28.67 0.44 11.78
C GLY A 383 -28.01 -0.81 11.18
N LYS A 384 -28.42 -1.26 9.99
CA LYS A 384 -27.86 -2.50 9.37
C LYS A 384 -26.47 -2.25 8.73
N GLY A 385 -26.02 -0.99 8.62
CA GLY A 385 -24.71 -0.71 7.99
C GLY A 385 -23.56 -1.20 8.85
N PHE A 386 -22.57 -1.88 8.29
CA PHE A 386 -21.40 -2.30 9.10
C PHE A 386 -20.69 -1.04 9.63
N TYR A 387 -20.56 0.00 8.80
CA TYR A 387 -19.58 1.10 8.91
C TYR A 387 -20.22 2.50 8.99
N GLY A 388 -21.54 2.64 8.79
CA GLY A 388 -22.26 3.91 8.72
C GLY A 388 -23.59 3.74 8.03
N LYS A 389 -24.35 4.81 7.86
CA LYS A 389 -25.76 4.76 7.40
C LYS A 389 -25.79 4.60 5.89
N THR A 390 -24.84 5.21 5.18
CA THR A 390 -24.89 5.28 3.71
C THR A 390 -24.14 4.10 3.11
N PHE A 391 -24.77 3.43 2.15
CA PHE A 391 -24.19 2.27 1.42
C PHE A 391 -23.80 2.77 0.02
N TYR A 392 -22.50 2.98 -0.11
CA TYR A 392 -21.79 3.40 -1.33
C TYR A 392 -22.03 4.90 -1.62
N PHE A 393 -21.12 5.43 -2.41
CA PHE A 393 -21.09 6.85 -2.82
C PHE A 393 -20.68 6.92 -4.29
N GLN A 394 -21.08 7.99 -4.98
CA GLN A 394 -20.55 8.32 -6.32
C GLN A 394 -20.94 7.19 -7.27
N THR A 395 -22.12 6.65 -7.05
CA THR A 395 -22.74 5.58 -7.84
C THR A 395 -23.40 6.20 -9.10
N ALA A 396 -24.08 5.39 -9.91
CA ALA A 396 -24.86 5.86 -11.10
C ALA A 396 -26.11 6.62 -10.62
N LEU A 397 -26.80 6.08 -9.62
CA LEU A 397 -28.02 6.66 -9.00
C LEU A 397 -27.76 6.85 -7.52
N ASP A 398 -28.22 7.97 -6.92
CA ASP A 398 -28.21 8.10 -5.44
C ASP A 398 -29.37 7.23 -4.94
N ALA A 399 -29.47 6.99 -3.63
CA ALA A 399 -30.53 6.17 -3.01
C ALA A 399 -31.93 6.66 -3.42
N ALA A 400 -32.10 7.96 -3.66
CA ALA A 400 -33.40 8.56 -4.07
C ALA A 400 -33.71 8.30 -5.57
N SER A 401 -32.76 7.81 -6.37
CA SER A 401 -32.88 7.52 -7.83
C SER A 401 -32.52 8.72 -8.69
N ASN A 402 -31.99 9.80 -8.12
CA ASN A 402 -31.32 10.87 -8.91
C ASN A 402 -30.10 10.31 -9.64
N LYS A 403 -29.93 10.69 -10.91
CA LYS A 403 -28.72 10.41 -11.70
C LYS A 403 -27.55 11.23 -11.16
N LEU A 404 -26.44 10.56 -10.92
CA LEU A 404 -25.13 11.15 -10.59
C LEU A 404 -24.25 11.10 -11.83
N ALA A 405 -23.06 11.70 -11.77
CA ALA A 405 -22.11 11.83 -12.91
C ALA A 405 -21.87 10.46 -13.54
N LEU A 406 -21.75 9.40 -12.72
CA LEU A 406 -21.35 8.08 -13.28
C LEU A 406 -22.43 7.56 -14.24
N TYR A 407 -23.70 7.96 -14.05
CA TYR A 407 -24.82 7.45 -14.90
C TYR A 407 -24.47 7.67 -16.38
N ASP A 408 -24.01 8.88 -16.74
CA ASP A 408 -23.73 9.21 -18.16
C ASP A 408 -22.56 8.36 -18.67
N SER A 409 -21.55 8.07 -17.83
CA SER A 409 -20.37 7.24 -18.21
C SER A 409 -20.82 5.82 -18.55
N ILE A 410 -21.70 5.27 -17.71
CA ILE A 410 -22.25 3.89 -17.91
C ILE A 410 -23.12 3.89 -19.17
N LYS A 411 -23.95 4.90 -19.40
CA LYS A 411 -24.82 4.92 -20.59
C LYS A 411 -23.96 4.96 -21.84
N LYS A 412 -22.90 5.78 -21.85
CA LYS A 412 -21.93 5.84 -22.98
C LYS A 412 -21.27 4.48 -23.21
N VAL A 413 -20.73 3.85 -22.18
CA VAL A 413 -20.07 2.53 -22.35
C VAL A 413 -21.11 1.53 -22.86
N ASN A 414 -22.29 1.46 -22.23
CA ASN A 414 -23.28 0.42 -22.59
C ASN A 414 -23.74 0.62 -24.04
N ARG A 415 -23.90 1.87 -24.47
CA ARG A 415 -24.32 2.20 -25.85
C ARG A 415 -23.29 1.62 -26.83
N PHE A 416 -22.01 1.84 -26.59
CA PHE A 416 -20.92 1.26 -27.41
C PHE A 416 -21.09 -0.27 -27.38
N ILE A 417 -21.30 -0.86 -26.19
CA ILE A 417 -21.38 -2.35 -26.09
C ILE A 417 -22.59 -2.89 -26.87
N ARG A 418 -23.76 -2.26 -26.75
CA ARG A 418 -24.99 -2.71 -27.47
C ARG A 418 -24.79 -2.56 -28.97
N LYS A 419 -24.16 -1.49 -29.43
CA LYS A 419 -23.87 -1.31 -30.87
C LYS A 419 -22.93 -2.41 -31.36
N GLU A 420 -21.99 -2.88 -30.54
CA GLU A 420 -20.83 -3.64 -31.06
C GLU A 420 -20.80 -5.10 -30.61
N GLN A 421 -21.66 -5.54 -29.68
CA GLN A 421 -21.51 -6.80 -28.89
C GLN A 421 -21.46 -8.01 -29.82
N LYS A 422 -22.26 -8.06 -30.89
CA LYS A 422 -22.31 -9.18 -31.87
C LYS A 422 -20.93 -9.42 -32.51
N ASP A 423 -20.17 -8.37 -32.84
CA ASP A 423 -18.78 -8.51 -33.34
C ASP A 423 -17.82 -8.64 -32.16
N LEU A 424 -17.86 -7.65 -31.26
CA LEU A 424 -16.83 -7.45 -30.19
C LEU A 424 -16.73 -8.74 -29.36
N LEU A 425 -17.85 -9.36 -29.05
CA LEU A 425 -17.83 -10.58 -28.20
C LEU A 425 -17.08 -11.71 -28.92
N ARG A 426 -17.11 -11.70 -30.25
CA ARG A 426 -16.42 -12.74 -31.04
C ARG A 426 -14.98 -12.34 -31.38
N THR A 427 -14.45 -11.25 -30.87
CA THR A 427 -13.06 -10.87 -31.20
C THR A 427 -12.07 -11.53 -30.23
N ASN A 428 -10.86 -11.78 -30.71
CA ASN A 428 -9.74 -12.14 -29.81
C ASN A 428 -8.53 -11.28 -30.14
N VAL A 429 -7.58 -11.27 -29.21
CA VAL A 429 -6.23 -10.72 -29.42
C VAL A 429 -5.38 -11.89 -29.97
N ASN A 430 -4.34 -11.60 -30.74
CA ASN A 430 -3.40 -12.62 -31.25
C ASN A 430 -2.27 -12.82 -30.22
N SER A 431 -2.36 -13.83 -29.35
CA SER A 431 -1.38 -14.09 -28.28
C SER A 431 -0.41 -15.15 -28.77
N GLU A 432 0.85 -14.77 -28.97
CA GLU A 432 1.93 -15.71 -29.37
C GLU A 432 2.75 -16.16 -28.16
N ILE A 433 2.43 -15.57 -27.01
CA ILE A 433 3.11 -15.77 -25.70
C ILE A 433 2.13 -16.41 -24.73
N CYS A 434 2.55 -17.51 -24.15
CA CYS A 434 1.80 -18.20 -23.09
C CYS A 434 2.64 -18.09 -21.82
N VAL A 435 2.01 -17.73 -20.74
CA VAL A 435 2.64 -17.73 -19.39
C VAL A 435 2.00 -18.85 -18.55
N GLY A 436 2.86 -19.65 -17.92
CA GLY A 436 2.47 -20.77 -17.07
C GLY A 436 1.93 -20.29 -15.74
N PHE A 437 0.80 -20.86 -15.33
CA PHE A 437 0.20 -20.68 -14.01
C PHE A 437 0.40 -22.00 -13.25
N TYR A 438 1.34 -22.00 -12.32
CA TYR A 438 1.71 -23.15 -11.48
C TYR A 438 1.05 -22.95 -10.10
N LYS A 439 -0.08 -23.61 -9.90
CA LYS A 439 -1.00 -23.22 -8.81
C LYS A 439 -0.33 -23.47 -7.46
N PRO A 440 0.46 -24.55 -7.25
CA PRO A 440 1.07 -24.77 -5.94
C PRO A 440 1.89 -23.60 -5.40
N TYR A 441 2.44 -22.73 -6.27
CA TYR A 441 3.15 -21.50 -5.77
C TYR A 441 2.20 -20.53 -5.08
N PHE A 442 0.89 -20.63 -5.38
CA PHE A 442 -0.21 -19.79 -4.84
C PHE A 442 -0.77 -20.35 -3.55
N PHE A 443 -0.42 -21.59 -3.21
CA PHE A 443 -1.05 -22.32 -2.08
C PHE A 443 -0.32 -21.89 -0.80
N THR A 444 -0.44 -20.62 -0.38
CA THR A 444 0.29 -20.15 0.84
C THR A 444 -0.62 -19.33 1.76
N GLU A 445 -1.94 -19.32 1.56
CA GLU A 445 -2.85 -18.45 2.34
C GLU A 445 -2.79 -18.76 3.85
N LEU A 446 -2.32 -19.96 4.25
CA LEU A 446 -2.20 -20.39 5.68
C LEU A 446 -0.86 -19.93 6.28
N ILE A 447 0.11 -19.54 5.47
CA ILE A 447 1.52 -19.42 5.94
C ILE A 447 2.19 -18.14 5.46
N SER A 448 1.75 -17.55 4.34
CA SER A 448 2.43 -16.36 3.77
C SER A 448 1.47 -15.61 2.87
N SER A 449 1.10 -14.39 3.23
CA SER A 449 0.21 -13.54 2.41
C SER A 449 0.33 -12.10 2.87
N GLN A 450 -0.18 -11.16 2.08
CA GLN A 450 -0.21 -9.72 2.47
C GLN A 450 -1.09 -9.56 3.71
N LEU A 451 -2.15 -10.34 3.87
CA LEU A 451 -3.10 -10.12 4.99
C LEU A 451 -2.79 -11.01 6.20
N LEU A 452 -2.00 -12.08 6.07
CA LEU A 452 -1.85 -13.02 7.21
C LEU A 452 -1.04 -12.32 8.32
N LYS A 453 -1.48 -12.39 9.57
CA LYS A 453 -0.83 -11.66 10.69
C LYS A 453 0.57 -12.25 10.92
N GLU A 454 0.64 -13.56 11.04
CA GLU A 454 1.90 -14.29 11.37
C GLU A 454 2.56 -14.65 10.05
N LYS A 455 3.82 -14.32 9.85
CA LYS A 455 4.61 -14.86 8.72
C LYS A 455 5.13 -16.26 9.14
N LYS A 456 4.57 -17.35 8.60
CA LYS A 456 4.93 -18.71 9.01
C LYS A 456 5.98 -19.31 8.06
N LEU A 457 6.14 -18.76 6.85
CA LEU A 457 7.07 -19.31 5.83
C LEU A 457 8.29 -18.39 5.68
N ASN A 458 9.45 -18.93 6.04
CA ASN A 458 10.80 -18.32 5.90
C ASN A 458 11.65 -19.36 5.15
N VAL A 459 11.70 -19.28 3.81
CA VAL A 459 12.27 -20.38 2.98
C VAL A 459 13.75 -20.61 3.31
N GLU A 460 14.45 -19.58 3.78
CA GLU A 460 15.90 -19.69 4.14
C GLU A 460 16.09 -20.74 5.25
N GLU A 461 15.12 -20.86 6.15
CA GLU A 461 15.10 -21.90 7.22
C GLU A 461 15.09 -23.32 6.62
N LEU A 462 14.62 -23.50 5.38
CA LEU A 462 14.47 -24.81 4.71
C LEU A 462 15.64 -25.07 3.74
N GLY A 463 16.65 -24.20 3.73
CA GLY A 463 17.76 -24.24 2.75
C GLY A 463 17.33 -23.83 1.33
N LEU A 464 16.28 -23.02 1.20
CA LEU A 464 15.80 -22.48 -0.11
C LEU A 464 16.10 -20.99 -0.14
N TYR A 465 16.09 -20.36 -1.31
CA TYR A 465 16.20 -18.88 -1.39
C TYR A 465 15.07 -18.24 -2.19
N ILE A 466 14.26 -18.99 -2.95
CA ILE A 466 13.18 -18.40 -3.81
C ILE A 466 11.82 -18.64 -3.14
N ASP A 467 11.33 -17.59 -2.51
CA ASP A 467 10.02 -17.56 -1.83
C ASP A 467 8.92 -17.60 -2.88
N PRO A 468 7.98 -18.58 -2.80
CA PRO A 468 6.95 -18.73 -3.83
C PRO A 468 6.06 -17.48 -3.91
N ARG A 469 5.83 -16.79 -2.78
CA ARG A 469 4.97 -15.60 -2.79
C ARG A 469 5.73 -14.42 -3.41
N PHE A 470 6.98 -14.22 -3.06
CA PHE A 470 7.85 -13.22 -3.73
C PHE A 470 7.86 -13.47 -5.26
N LEU A 471 8.07 -14.72 -5.71
CA LEU A 471 8.09 -15.10 -7.15
C LEU A 471 6.75 -14.69 -7.78
N ARG A 472 5.62 -15.09 -7.21
CA ARG A 472 4.31 -14.93 -7.90
C ARG A 472 3.84 -13.46 -7.83
N GLU A 473 4.22 -12.69 -6.82
CA GLU A 473 3.85 -11.25 -6.73
C GLU A 473 4.79 -10.37 -7.55
N GLU A 474 6.09 -10.47 -7.35
CA GLU A 474 7.07 -9.47 -7.86
C GLU A 474 7.65 -9.95 -9.19
N ILE A 475 7.95 -11.26 -9.33
CA ILE A 475 8.58 -11.74 -10.60
C ILE A 475 7.49 -11.94 -11.66
N LEU A 476 6.35 -12.50 -11.30
CA LEU A 476 5.24 -12.77 -12.28
C LEU A 476 4.23 -11.61 -12.34
N PHE A 477 3.46 -11.34 -11.28
CA PHE A 477 2.26 -10.45 -11.40
C PHE A 477 2.70 -9.01 -11.69
N ASN A 478 3.52 -8.45 -10.81
CA ASN A 478 4.02 -7.06 -10.88
C ASN A 478 5.22 -7.01 -11.83
N GLY A 479 5.73 -8.15 -12.29
CA GLY A 479 6.98 -8.22 -13.09
C GLY A 479 6.70 -8.54 -14.54
N LEU A 480 6.68 -9.85 -14.88
CA LEU A 480 6.47 -10.35 -16.26
C LEU A 480 5.11 -9.89 -16.80
N LEU A 481 4.00 -10.14 -16.10
CA LEU A 481 2.65 -9.80 -16.65
C LEU A 481 2.57 -8.27 -16.86
N ARG A 482 3.06 -7.51 -15.89
CA ARG A 482 3.09 -6.03 -15.97
C ARG A 482 3.97 -5.58 -17.16
N GLY A 483 5.14 -6.16 -17.32
CA GLY A 483 6.10 -5.76 -18.36
C GLY A 483 5.52 -6.04 -19.72
N LEU A 484 4.92 -7.22 -19.91
CA LEU A 484 4.32 -7.61 -21.20
C LEU A 484 3.19 -6.65 -21.54
N GLN A 485 2.32 -6.32 -20.57
CA GLN A 485 1.18 -5.40 -20.85
C GLN A 485 1.73 -4.01 -21.20
N THR A 486 2.75 -3.56 -20.48
CA THR A 486 3.40 -2.23 -20.67
C THR A 486 4.05 -2.20 -22.07
N LEU A 487 4.65 -3.30 -22.49
CA LEU A 487 5.34 -3.43 -23.82
C LEU A 487 4.33 -3.69 -24.94
N ASN A 488 3.04 -3.85 -24.61
CA ASN A 488 1.94 -4.14 -25.58
C ASN A 488 2.21 -5.46 -26.33
N TYR A 489 2.67 -6.49 -25.60
CA TYR A 489 2.76 -7.88 -26.08
C TYR A 489 1.57 -8.64 -25.49
N ASN A 490 0.67 -9.16 -26.34
CA ASN A 490 -0.45 -10.04 -25.92
C ASN A 490 0.10 -11.31 -25.29
N TYR A 491 -0.49 -11.76 -24.19
CA TYR A 491 -0.12 -13.07 -23.57
C TYR A 491 -1.39 -13.78 -23.15
N ASP A 492 -1.39 -15.11 -23.19
CA ASP A 492 -2.42 -15.96 -22.55
C ASP A 492 -1.79 -16.57 -21.30
N VAL A 493 -2.61 -16.97 -20.35
CA VAL A 493 -2.15 -17.74 -19.17
C VAL A 493 -2.79 -19.11 -19.28
N VAL A 494 -2.03 -20.15 -19.00
CA VAL A 494 -2.53 -21.55 -19.05
C VAL A 494 -2.17 -22.23 -17.73
N ASP A 495 -3.16 -22.85 -17.09
CA ASP A 495 -2.99 -23.69 -15.88
C ASP A 495 -2.19 -24.93 -16.28
N LEU A 496 -1.03 -25.16 -15.65
CA LEU A 496 -0.14 -26.30 -15.97
C LEU A 496 -0.66 -27.63 -15.40
N GLU A 497 -1.66 -27.62 -14.52
CA GLU A 497 -2.15 -28.88 -13.91
C GLU A 497 -2.98 -29.63 -14.95
N ASN A 498 -2.67 -30.91 -15.19
CA ASN A 498 -3.32 -31.80 -16.19
C ASN A 498 -3.35 -31.12 -17.55
N CYS A 499 -2.33 -30.35 -17.88
CA CYS A 499 -2.34 -29.50 -19.08
C CYS A 499 -2.05 -30.34 -20.33
N ASP A 500 -2.80 -30.12 -21.38
CA ASP A 500 -2.65 -30.77 -22.71
C ASP A 500 -1.40 -30.18 -23.40
N LEU A 501 -0.44 -30.99 -23.84
CA LEU A 501 0.69 -30.50 -24.68
C LEU A 501 0.14 -29.74 -25.89
N LYS A 502 -0.93 -30.23 -26.51
CA LYS A 502 -1.56 -29.61 -27.69
C LYS A 502 -1.96 -28.16 -27.37
N SER A 503 -2.38 -27.82 -26.15
CA SER A 503 -2.79 -26.44 -25.83
C SER A 503 -1.59 -25.52 -25.54
N LEU A 504 -0.36 -26.02 -25.52
CA LEU A 504 0.86 -25.18 -25.38
C LEU A 504 1.52 -24.92 -26.75
N THR A 505 1.28 -25.75 -27.76
CA THR A 505 2.15 -25.80 -28.96
C THR A 505 1.68 -24.76 -29.98
N ALA A 506 0.51 -24.15 -29.79
CA ALA A 506 0.02 -23.02 -30.62
C ALA A 506 0.81 -21.72 -30.35
N TYR A 507 1.62 -21.64 -29.30
CA TYR A 507 2.33 -20.39 -28.92
C TYR A 507 3.73 -20.37 -29.53
N LYS A 508 4.27 -19.21 -29.86
CA LYS A 508 5.71 -19.10 -30.24
C LYS A 508 6.60 -19.27 -28.99
N GLN A 509 6.17 -18.80 -27.82
CA GLN A 509 6.94 -18.93 -26.55
C GLN A 509 6.02 -19.32 -25.40
N LEU A 510 6.52 -20.22 -24.54
CA LEU A 510 6.02 -20.51 -23.17
C LEU A 510 6.99 -19.94 -22.11
N TRP A 511 6.49 -19.09 -21.24
CA TRP A 511 7.28 -18.46 -20.16
C TRP A 511 6.88 -19.12 -18.85
N ILE A 512 7.87 -19.60 -18.12
CA ILE A 512 7.68 -20.27 -16.82
C ILE A 512 8.54 -19.55 -15.80
N THR A 513 7.89 -18.92 -14.82
CA THR A 513 8.56 -18.30 -13.65
C THR A 513 8.64 -19.41 -12.60
N SER A 514 9.83 -19.95 -12.38
CA SER A 514 10.02 -21.18 -11.56
C SER A 514 10.71 -20.87 -10.22
N ALA A 515 10.29 -21.55 -9.16
CA ALA A 515 11.04 -21.64 -7.90
C ALA A 515 11.96 -22.87 -7.98
N GLU A 516 12.52 -23.25 -6.85
CA GLU A 516 13.41 -24.43 -6.73
C GLU A 516 12.57 -25.70 -6.74
N PHE A 517 11.25 -25.61 -6.60
CA PHE A 517 10.40 -26.82 -6.49
C PHE A 517 9.33 -26.78 -7.57
N MET A 518 8.93 -27.95 -8.04
CA MET A 518 7.95 -28.16 -9.13
C MET A 518 7.70 -29.66 -9.20
N ASP A 519 6.43 -30.07 -9.29
CA ASP A 519 6.03 -31.50 -9.24
C ASP A 519 6.56 -32.18 -10.51
N ALA A 520 6.68 -33.49 -10.42
CA ALA A 520 7.19 -34.38 -11.48
C ALA A 520 6.36 -34.20 -12.73
N GLU A 521 5.05 -34.10 -12.58
CA GLU A 521 4.10 -34.01 -13.73
C GLU A 521 4.41 -32.74 -14.54
N THR A 522 4.62 -31.60 -13.88
CA THR A 522 4.90 -30.30 -14.58
C THR A 522 6.33 -30.33 -15.15
N GLN A 523 7.29 -30.86 -14.40
CA GLN A 523 8.68 -30.99 -14.93
C GLN A 523 8.63 -31.84 -16.22
N ASN A 524 7.86 -32.92 -16.24
CA ASN A 524 7.77 -33.81 -17.43
C ASN A 524 7.07 -33.08 -18.58
N LEU A 525 6.01 -32.32 -18.30
CA LEU A 525 5.27 -31.58 -19.34
C LEU A 525 6.19 -30.56 -20.01
N LEU A 526 6.93 -29.75 -19.24
CA LEU A 526 7.79 -28.71 -19.85
C LEU A 526 8.92 -29.39 -20.66
N SER A 527 9.45 -30.53 -20.19
CA SER A 527 10.49 -31.34 -20.89
C SER A 527 9.95 -31.75 -22.27
N GLU A 528 8.81 -32.43 -22.28
CA GLU A 528 8.15 -32.86 -23.53
C GLU A 528 7.84 -31.64 -24.40
N PHE A 529 7.37 -30.52 -23.83
CA PHE A 529 7.08 -29.32 -24.64
C PHE A 529 8.29 -28.96 -25.50
N VAL A 530 9.47 -28.86 -24.89
CA VAL A 530 10.70 -28.41 -25.61
C VAL A 530 11.16 -29.50 -26.59
N LEU A 531 11.25 -30.75 -26.14
CA LEU A 531 11.73 -31.86 -27.01
C LEU A 531 10.87 -31.89 -28.28
N ASN A 532 9.54 -31.69 -28.17
CA ASN A 532 8.61 -31.79 -29.32
C ASN A 532 8.62 -30.54 -30.21
N GLY A 533 9.37 -29.47 -29.87
CA GLY A 533 9.46 -28.27 -30.74
C GLY A 533 9.05 -26.97 -30.07
N GLY A 534 8.72 -26.96 -28.77
CA GLY A 534 8.37 -25.73 -28.03
C GLY A 534 9.58 -24.84 -27.70
N ASN A 535 9.36 -23.53 -27.58
CA ASN A 535 10.33 -22.49 -27.19
C ASN A 535 10.02 -22.10 -25.75
N LEU A 536 10.86 -22.53 -24.81
CA LEU A 536 10.65 -22.31 -23.36
C LEU A 536 11.60 -21.24 -22.84
N ILE A 537 11.06 -20.25 -22.14
CA ILE A 537 11.83 -19.28 -21.33
C ILE A 537 11.57 -19.60 -19.86
N LEU A 538 12.63 -19.88 -19.09
CA LEU A 538 12.54 -20.37 -17.71
C LEU A 538 13.50 -19.58 -16.82
N TYR A 539 12.98 -19.04 -15.73
CA TYR A 539 13.74 -18.22 -14.76
C TYR A 539 12.88 -18.13 -13.51
N PRO A 540 13.44 -17.83 -12.32
CA PRO A 540 14.88 -17.66 -12.12
C PRO A 540 15.65 -18.95 -11.77
N ALA A 541 14.99 -20.11 -11.82
CA ALA A 541 15.65 -21.34 -11.35
C ALA A 541 15.13 -22.54 -12.14
N VAL A 542 16.07 -23.38 -12.60
CA VAL A 542 15.80 -24.83 -12.85
C VAL A 542 15.40 -25.42 -11.51
N PRO A 543 14.16 -25.96 -11.35
CA PRO A 543 13.73 -26.56 -10.08
C PRO A 543 14.46 -27.91 -9.90
N THR A 544 14.70 -28.36 -8.66
CA THR A 544 15.41 -29.64 -8.36
C THR A 544 14.65 -30.41 -7.27
N LEU A 545 13.54 -29.84 -6.79
CA LEU A 545 12.67 -30.44 -5.75
C LEU A 545 11.24 -30.55 -6.26
N ASP A 546 10.47 -31.39 -5.60
CA ASP A 546 9.01 -31.53 -5.85
C ASP A 546 8.29 -30.66 -4.81
N ASN A 547 6.97 -30.77 -4.75
CA ASN A 547 6.11 -29.88 -3.93
C ASN A 547 6.32 -30.16 -2.44
N TYR A 548 6.92 -31.31 -2.07
CA TYR A 548 7.23 -31.72 -0.69
C TYR A 548 8.73 -31.52 -0.41
N LEU A 549 9.43 -30.85 -1.34
CA LEU A 549 10.84 -30.43 -1.23
C LEU A 549 11.75 -31.66 -1.18
N ASN A 550 11.32 -32.77 -1.81
CA ASN A 550 12.15 -33.99 -2.05
C ASN A 550 12.76 -33.87 -3.45
N ARG A 551 13.87 -34.59 -3.66
CA ARG A 551 14.69 -34.54 -4.91
C ARG A 551 13.75 -34.79 -6.09
N CYS A 552 13.77 -33.92 -7.09
CA CYS A 552 13.12 -34.18 -8.40
C CYS A 552 13.88 -33.39 -9.45
N GLU A 553 14.70 -34.08 -10.24
CA GLU A 553 15.66 -33.42 -11.16
C GLU A 553 15.28 -33.76 -12.61
N ILE A 554 14.01 -34.06 -12.84
CA ILE A 554 13.51 -34.51 -14.16
C ILE A 554 13.83 -33.45 -15.24
N LEU A 555 13.46 -32.20 -15.00
CA LEU A 555 13.63 -31.12 -16.00
C LEU A 555 15.12 -30.85 -16.20
N LYS A 556 15.84 -30.74 -15.09
CA LYS A 556 17.30 -30.47 -15.12
C LYS A 556 18.00 -31.54 -15.97
N ASN A 557 17.66 -32.82 -15.77
CA ASN A 557 18.27 -33.96 -16.48
C ASN A 557 17.79 -33.99 -17.93
N ASN A 558 16.49 -33.82 -18.18
CA ASN A 558 15.98 -33.88 -19.58
C ASN A 558 16.57 -32.74 -20.41
N PHE A 559 16.92 -31.62 -19.78
CA PHE A 559 17.48 -30.44 -20.51
C PHE A 559 19.02 -30.44 -20.51
N GLY A 560 19.66 -31.42 -19.87
CA GLY A 560 21.13 -31.57 -19.83
C GLY A 560 21.79 -30.35 -19.21
N ILE A 561 21.27 -29.91 -18.06
CA ILE A 561 21.73 -28.67 -17.35
C ILE A 561 22.61 -29.11 -16.18
N GLU A 562 23.82 -28.59 -16.10
CA GLU A 562 24.62 -28.61 -14.84
C GLU A 562 24.66 -27.19 -14.29
N PHE A 563 24.45 -27.01 -13.01
CA PHE A 563 24.68 -25.68 -12.40
C PHE A 563 25.16 -25.85 -10.96
N ILE A 564 25.78 -24.80 -10.45
CA ILE A 564 26.10 -24.57 -9.03
C ILE A 564 25.39 -23.27 -8.64
N THR A 565 24.88 -23.20 -7.42
CA THR A 565 24.26 -21.96 -6.89
C THR A 565 25.37 -21.19 -6.18
N LYS A 566 25.69 -19.97 -6.59
CA LYS A 566 26.77 -19.12 -6.02
C LYS A 566 26.27 -17.71 -5.74
N ASP A 567 26.88 -17.07 -4.74
CA ASP A 567 26.64 -15.65 -4.34
C ASP A 567 27.37 -14.71 -5.28
N SER A 568 26.71 -13.63 -5.68
CA SER A 568 27.33 -12.51 -6.40
C SER A 568 26.49 -11.24 -6.21
N SER A 569 27.03 -10.14 -6.68
CA SER A 569 26.33 -8.85 -6.86
C SER A 569 24.91 -9.08 -7.38
N HIS A 570 23.95 -8.25 -6.96
CA HIS A 570 22.56 -8.27 -7.48
C HIS A 570 22.54 -7.99 -8.99
N LYS A 571 23.52 -7.25 -9.51
CA LYS A 571 23.53 -6.84 -10.94
C LYS A 571 24.21 -7.89 -11.81
N VAL A 572 23.56 -8.17 -12.95
CA VAL A 572 24.06 -9.08 -14.01
C VAL A 572 24.00 -8.32 -15.33
N SER A 573 24.69 -8.82 -16.33
CA SER A 573 24.43 -8.40 -17.72
C SER A 573 23.75 -9.55 -18.44
N ALA A 574 22.80 -9.24 -19.33
CA ALA A 574 21.96 -10.20 -20.05
C ALA A 574 21.72 -9.63 -21.44
N PHE A 575 22.14 -10.37 -22.46
CA PHE A 575 21.92 -10.05 -23.90
C PHE A 575 22.52 -8.68 -24.19
N GLY A 576 23.63 -8.35 -23.55
CA GLY A 576 24.35 -7.07 -23.76
C GLY A 576 23.76 -5.92 -22.97
N ILE A 577 22.71 -6.17 -22.17
CA ILE A 577 22.10 -5.16 -21.26
C ILE A 577 22.88 -5.25 -19.95
N GLU A 578 23.59 -4.18 -19.60
CA GLU A 578 24.43 -4.08 -18.38
C GLU A 578 23.55 -3.67 -17.19
N ASP A 579 23.99 -4.03 -15.98
CA ASP A 579 23.44 -3.46 -14.72
C ASP A 579 21.95 -3.80 -14.61
N VAL A 580 21.60 -5.00 -15.06
CA VAL A 580 20.26 -5.56 -14.82
C VAL A 580 20.22 -5.92 -13.33
N PHE A 581 19.40 -5.22 -12.55
CA PHE A 581 19.26 -5.52 -11.10
C PHE A 581 18.43 -6.79 -10.96
N THR A 582 18.89 -7.73 -10.13
CA THR A 582 18.18 -9.02 -9.84
C THR A 582 17.91 -9.14 -8.35
N ALA A 583 16.88 -9.90 -7.98
CA ALA A 583 16.36 -9.91 -6.59
C ALA A 583 17.33 -10.58 -5.62
N PHE A 584 18.10 -11.59 -6.03
CA PHE A 584 18.89 -12.46 -5.11
C PHE A 584 20.39 -12.39 -5.40
N SER A 585 21.18 -12.52 -4.34
CA SER A 585 22.65 -12.67 -4.42
C SER A 585 23.01 -14.04 -5.02
N LYS A 586 22.33 -15.07 -4.54
CA LYS A 586 22.43 -16.45 -5.08
C LYS A 586 21.85 -16.51 -6.50
N LYS A 587 22.61 -17.09 -7.41
CA LYS A 587 22.24 -17.28 -8.83
C LYS A 587 22.59 -18.70 -9.22
N GLN A 588 21.93 -19.21 -10.26
CA GLN A 588 22.35 -20.48 -10.86
C GLN A 588 23.45 -20.16 -11.87
N ILE A 589 24.60 -20.83 -11.72
CA ILE A 589 25.77 -20.74 -12.64
C ILE A 589 25.82 -22.02 -13.49
N TYR A 590 25.58 -21.87 -14.78
CA TYR A 590 25.45 -22.98 -15.76
C TYR A 590 26.82 -23.24 -16.39
N ASN A 591 27.18 -24.47 -16.76
CA ASN A 591 28.31 -24.58 -17.73
C ASN A 591 27.75 -24.45 -19.15
N ASP A 592 28.64 -24.07 -20.07
CA ASP A 592 28.35 -23.63 -21.45
C ASP A 592 28.19 -24.82 -22.41
N THR A 593 28.19 -26.06 -21.91
CA THR A 593 28.12 -27.29 -22.74
C THR A 593 26.92 -27.18 -23.70
N ASN A 594 27.21 -27.24 -25.01
CA ASN A 594 26.18 -27.30 -26.08
C ASN A 594 25.15 -26.18 -25.89
N SER A 595 25.60 -24.96 -25.63
CA SER A 595 24.72 -23.81 -25.27
C SER A 595 25.45 -22.49 -25.56
N LYS A 596 24.70 -21.43 -25.78
CA LYS A 596 25.23 -20.07 -25.96
C LYS A 596 25.03 -19.33 -24.64
N PRO A 597 26.11 -18.92 -23.94
CA PRO A 597 25.98 -18.13 -22.73
C PRO A 597 25.45 -16.73 -23.08
N ILE A 598 24.39 -16.27 -22.42
CA ILE A 598 23.75 -14.98 -22.81
C ILE A 598 23.58 -14.07 -21.59
N ALA A 599 24.06 -14.48 -20.42
CA ALA A 599 23.97 -13.64 -19.18
C ALA A 599 25.17 -13.96 -18.30
N PHE A 600 25.72 -12.96 -17.62
CA PHE A 600 26.99 -13.06 -16.84
C PHE A 600 26.84 -12.29 -15.53
N THR A 601 27.38 -12.87 -14.44
CA THR A 601 27.49 -12.19 -13.13
C THR A 601 28.60 -11.13 -13.21
N GLN A 602 28.70 -10.29 -12.18
CA GLN A 602 29.76 -9.26 -12.12
C GLN A 602 31.14 -9.92 -12.13
N GLU A 603 31.28 -11.21 -11.80
CA GLU A 603 32.60 -11.91 -11.92
C GLU A 603 32.64 -12.71 -13.23
N ASN A 604 31.76 -12.40 -14.17
CA ASN A 604 31.71 -12.98 -15.55
C ASN A 604 31.39 -14.50 -15.53
N GLU A 605 30.80 -15.01 -14.45
CA GLU A 605 30.22 -16.39 -14.42
C GLU A 605 28.90 -16.43 -15.21
N ILE A 606 28.58 -17.58 -15.82
CA ILE A 606 27.44 -17.75 -16.74
C ILE A 606 26.18 -17.98 -15.89
N CYS A 607 25.27 -17.00 -15.87
CA CYS A 607 23.97 -17.11 -15.15
C CYS A 607 22.80 -17.10 -16.15
N GLY A 608 23.06 -17.43 -17.41
CA GLY A 608 22.00 -17.64 -18.43
C GLY A 608 22.53 -18.22 -19.71
N ILE A 609 21.77 -19.16 -20.29
CA ILE A 609 22.17 -19.87 -21.52
C ILE A 609 20.95 -20.09 -22.42
N ARG A 610 21.26 -20.32 -23.68
CA ARG A 610 20.29 -20.58 -24.76
C ARG A 610 20.77 -21.88 -25.42
N LYS A 611 19.86 -22.85 -25.65
CA LYS A 611 20.17 -24.21 -26.18
C LYS A 611 19.07 -24.71 -27.10
N LYS A 612 19.42 -25.58 -28.04
CA LYS A 612 18.47 -26.38 -28.84
C LYS A 612 18.44 -27.76 -28.21
N ILE A 613 17.23 -28.27 -28.01
CA ILE A 613 16.96 -29.58 -27.32
C ILE A 613 15.86 -30.25 -28.13
N GLY A 614 16.19 -31.39 -28.74
CA GLY A 614 15.31 -32.00 -29.74
C GLY A 614 14.98 -30.96 -30.78
N LYS A 615 13.69 -30.72 -30.99
CA LYS A 615 13.23 -29.76 -32.03
C LYS A 615 12.95 -28.39 -31.41
N GLY A 616 13.15 -28.23 -30.09
CA GLY A 616 12.78 -27.03 -29.33
C GLY A 616 13.96 -26.14 -28.99
N GLU A 617 13.65 -25.07 -28.29
CA GLU A 617 14.60 -24.03 -27.85
C GLU A 617 14.35 -23.80 -26.36
N LEU A 618 15.43 -23.70 -25.62
CA LEU A 618 15.38 -23.37 -24.19
C LEU A 618 16.23 -22.13 -23.93
N THR A 619 15.66 -21.13 -23.26
CA THR A 619 16.38 -19.99 -22.65
C THR A 619 16.18 -20.06 -21.13
N ILE A 620 17.27 -20.23 -20.38
CA ILE A 620 17.21 -20.30 -18.89
C ILE A 620 18.05 -19.15 -18.34
N LEU A 621 17.48 -18.41 -17.40
CA LEU A 621 18.14 -17.30 -16.67
C LEU A 621 18.16 -17.69 -15.20
N GLY A 622 19.37 -17.79 -14.66
CA GLY A 622 19.67 -18.22 -13.29
C GLY A 622 19.54 -17.07 -12.31
N PHE A 623 18.61 -16.15 -12.54
CA PHE A 623 18.44 -14.93 -11.72
C PHE A 623 17.02 -14.40 -11.89
N ALA A 624 16.60 -13.59 -10.91
CA ALA A 624 15.22 -13.11 -10.71
C ALA A 624 15.13 -11.61 -11.00
N PHE A 625 14.29 -11.23 -11.96
CA PHE A 625 14.00 -9.82 -12.29
C PHE A 625 12.48 -9.73 -12.38
N GLY A 626 11.91 -8.65 -11.88
CA GLY A 626 10.51 -8.28 -12.10
C GLY A 626 10.46 -7.10 -13.05
N TYR A 627 9.79 -6.01 -12.68
CA TYR A 627 9.85 -4.73 -13.43
C TYR A 627 10.02 -3.60 -12.42
N THR A 628 11.27 -3.30 -12.10
CA THR A 628 11.66 -2.22 -11.16
C THR A 628 12.71 -1.31 -11.83
N SER A 629 12.96 -1.45 -13.12
CA SER A 629 13.93 -0.61 -13.88
C SER A 629 13.63 -0.70 -15.39
N ASP A 630 14.20 0.23 -16.14
CA ASP A 630 14.10 0.25 -17.61
C ASP A 630 14.84 -0.97 -18.14
N GLU A 631 15.91 -1.44 -17.48
CA GLU A 631 16.66 -2.65 -17.94
C GLU A 631 15.72 -3.85 -17.99
N HIS A 632 14.77 -3.94 -17.04
CA HIS A 632 13.84 -5.09 -16.96
C HIS A 632 12.96 -5.13 -18.21
N LEU A 633 12.39 -3.99 -18.62
CA LEU A 633 11.57 -3.89 -19.85
C LEU A 633 12.45 -4.23 -21.05
N GLU A 634 13.69 -3.77 -21.04
CA GLU A 634 14.60 -4.03 -22.18
C GLU A 634 14.84 -5.54 -22.30
N LEU A 635 15.07 -6.19 -21.16
CA LEU A 635 15.30 -7.66 -21.11
C LEU A 635 14.06 -8.41 -21.59
N ILE A 636 12.88 -8.12 -21.05
CA ILE A 636 11.61 -8.78 -21.51
C ILE A 636 11.47 -8.60 -23.02
N ASP A 637 11.74 -7.40 -23.53
CA ASP A 637 11.60 -7.10 -24.98
C ASP A 637 12.59 -7.97 -25.77
N LYS A 638 13.83 -8.07 -25.30
CA LYS A 638 14.87 -8.89 -25.98
C LYS A 638 14.42 -10.34 -26.04
N LEU A 639 13.88 -10.86 -24.92
CA LEU A 639 13.49 -12.28 -24.84
C LEU A 639 12.35 -12.55 -25.84
N VAL A 640 11.31 -11.72 -25.82
CA VAL A 640 10.17 -11.84 -26.77
C VAL A 640 10.73 -11.83 -28.20
N LYS A 641 11.64 -10.92 -28.54
CA LYS A 641 12.18 -10.78 -29.92
C LYS A 641 13.07 -11.98 -30.29
N LEU A 642 13.47 -12.85 -29.36
CA LEU A 642 14.23 -14.08 -29.70
C LEU A 642 13.44 -14.93 -30.70
N ASN A 643 12.09 -14.86 -30.69
CA ASN A 643 11.24 -15.66 -31.59
C ASN A 643 10.47 -14.71 -32.51
N LYS A 644 10.97 -13.48 -32.66
CA LYS A 644 10.53 -12.54 -33.74
C LYS A 644 9.03 -12.26 -33.59
N ILE A 645 8.52 -12.33 -32.36
CA ILE A 645 7.16 -11.86 -31.98
C ILE A 645 7.13 -10.35 -32.12
N LYS A 646 6.10 -9.82 -32.75
CA LYS A 646 6.00 -8.38 -33.08
C LYS A 646 4.72 -7.82 -32.48
N ARG A 647 4.74 -6.57 -32.03
CA ARG A 647 3.51 -5.82 -31.65
C ARG A 647 2.61 -5.64 -32.89
N GLU A 648 1.28 -5.62 -32.71
CA GLU A 648 0.27 -5.41 -33.78
C GLU A 648 0.40 -4.01 -34.41
N LEU A 649 0.89 -3.01 -33.68
CA LEU A 649 0.94 -1.59 -34.11
C LEU A 649 2.33 -1.01 -33.79
N PHE A 650 2.84 -0.10 -34.64
CA PHE A 650 3.93 0.84 -34.28
C PHE A 650 3.24 2.08 -33.71
N VAL A 651 3.53 2.43 -32.46
CA VAL A 651 2.96 3.61 -31.79
C VAL A 651 4.14 4.48 -31.38
N SER A 652 4.10 5.78 -31.66
CA SER A 652 5.25 6.70 -31.46
C SER A 652 5.50 6.97 -29.97
N ASP A 653 4.52 6.75 -29.09
CA ASP A 653 4.67 6.97 -27.63
C ASP A 653 4.64 5.60 -26.95
N LYS A 654 5.77 5.16 -26.38
CA LYS A 654 5.92 3.82 -25.77
C LYS A 654 5.01 3.70 -24.54
N ASP A 655 4.50 4.82 -24.01
CA ASP A 655 3.73 4.84 -22.74
C ASP A 655 2.24 4.77 -23.04
N ILE A 656 1.85 4.73 -24.31
CA ILE A 656 0.46 4.40 -24.73
C ILE A 656 0.29 2.87 -24.71
N GLN A 657 -0.73 2.40 -24.01
CA GLN A 657 -1.15 0.98 -24.08
C GLN A 657 -2.20 0.80 -25.16
N PHE A 658 -2.13 -0.30 -25.88
CA PHE A 658 -3.13 -0.62 -26.91
C PHE A 658 -3.42 -2.11 -26.86
N VAL A 659 -4.63 -2.45 -27.30
CA VAL A 659 -5.05 -3.84 -27.55
C VAL A 659 -5.75 -3.85 -28.91
N VAL A 660 -5.40 -4.79 -29.77
CA VAL A 660 -6.10 -5.00 -31.06
C VAL A 660 -6.93 -6.28 -30.89
N ARG A 661 -8.24 -6.16 -30.99
CA ARG A 661 -9.12 -7.35 -30.94
C ARG A 661 -9.68 -7.54 -32.34
N GLU A 662 -9.64 -8.74 -32.89
CA GLU A 662 -10.25 -8.95 -34.23
C GLU A 662 -10.89 -10.32 -34.40
N ASN A 663 -11.74 -10.38 -35.42
CA ASN A 663 -12.30 -11.62 -36.01
C ASN A 663 -12.18 -11.48 -37.52
N ASN A 664 -12.76 -12.43 -38.26
CA ASN A 664 -13.15 -12.37 -39.69
C ASN A 664 -13.47 -10.91 -40.14
N LYS A 665 -14.46 -10.30 -39.53
CA LYS A 665 -15.24 -9.12 -40.01
C LYS A 665 -14.57 -7.80 -39.61
N SER A 666 -14.12 -7.69 -38.36
CA SER A 666 -13.89 -6.41 -37.64
C SER A 666 -12.56 -6.40 -36.89
N ARG A 667 -11.95 -5.23 -36.80
CA ARG A 667 -10.82 -4.92 -35.90
C ARG A 667 -11.24 -3.78 -34.97
N TYR A 668 -11.04 -3.95 -33.68
CA TYR A 668 -11.15 -2.86 -32.69
C TYR A 668 -9.76 -2.53 -32.19
N ILE A 669 -9.38 -1.27 -32.25
CA ILE A 669 -8.13 -0.79 -31.60
C ILE A 669 -8.53 -0.03 -30.35
N PHE A 670 -8.16 -0.54 -29.19
CA PHE A 670 -8.27 0.17 -27.90
C PHE A 670 -6.93 0.88 -27.62
N PHE A 671 -6.97 2.21 -27.44
CA PHE A 671 -5.85 3.00 -26.89
C PHE A 671 -6.19 3.40 -25.44
N LEU A 672 -5.24 3.14 -24.53
CA LEU A 672 -5.41 3.43 -23.10
C LEU A 672 -4.23 4.27 -22.64
N ASN A 673 -4.54 5.45 -22.13
CA ASN A 673 -3.57 6.37 -21.51
C ASN A 673 -3.70 6.31 -20.00
N TYR A 674 -2.84 5.54 -19.36
CA TYR A 674 -2.84 5.35 -17.89
C TYR A 674 -2.03 6.43 -17.16
N HIS A 675 -1.82 7.61 -17.79
CA HIS A 675 -0.80 8.57 -17.30
C HIS A 675 -1.46 9.95 -17.17
N ASN A 676 -0.99 10.76 -16.23
CA ASN A 676 -1.51 12.15 -16.08
C ASN A 676 -0.73 13.04 -17.04
N GLU A 677 -0.97 12.84 -18.34
CA GLU A 677 -0.33 13.63 -19.42
C GLU A 677 -1.26 13.56 -20.62
N ARG A 678 -1.53 14.70 -21.26
CA ARG A 678 -2.21 14.73 -22.58
C ARG A 678 -1.20 14.16 -23.58
N LYS A 679 -1.53 13.11 -24.31
CA LYS A 679 -0.54 12.48 -25.23
C LYS A 679 -1.03 12.59 -26.67
N THR A 680 -0.21 13.19 -27.53
CA THR A 680 -0.41 13.23 -29.00
C THR A 680 0.63 12.31 -29.62
N PHE A 681 0.18 11.31 -30.34
CA PHE A 681 1.07 10.28 -30.90
C PHE A 681 0.53 9.89 -32.27
N ASN A 682 1.33 9.12 -33.00
CA ASN A 682 0.90 8.51 -34.28
C ASN A 682 1.01 7.00 -34.14
N TYR A 683 0.26 6.27 -34.94
CA TYR A 683 0.41 4.81 -35.04
C TYR A 683 0.18 4.34 -36.47
N ARG A 684 0.57 3.09 -36.71
CA ARG A 684 0.26 2.35 -37.95
C ARG A 684 0.22 0.86 -37.59
N LYS A 685 -0.52 0.04 -38.34
CA LYS A 685 -0.46 -1.43 -38.19
C LYS A 685 0.92 -1.89 -38.66
N SER A 686 1.54 -2.86 -37.98
CA SER A 686 2.97 -3.24 -38.18
C SER A 686 3.17 -4.01 -39.49
N SER A 687 2.10 -4.56 -40.09
CA SER A 687 2.16 -5.23 -41.42
C SER A 687 2.43 -4.20 -42.52
N LYS A 693 0.51 8.64 -43.74
CA LYS A 693 0.11 7.20 -43.73
C LYS A 693 -0.14 6.78 -42.28
N SER A 694 0.73 7.14 -41.35
CA SER A 694 0.50 7.05 -39.88
C SER A 694 -0.67 7.94 -39.48
N GLU A 695 -1.62 7.43 -38.67
CA GLU A 695 -2.76 8.19 -38.09
C GLU A 695 -2.29 8.93 -36.83
N GLU A 696 -2.78 10.16 -36.59
CA GLU A 696 -2.42 10.96 -35.40
C GLU A 696 -3.61 10.96 -34.44
N ILE A 697 -3.32 10.81 -33.16
CA ILE A 697 -4.35 10.69 -32.10
C ILE A 697 -3.89 11.56 -30.95
N SER A 698 -4.85 12.22 -30.35
CA SER A 698 -4.63 13.00 -29.12
C SER A 698 -5.55 12.43 -28.04
N ILE A 699 -4.98 12.10 -26.88
CA ILE A 699 -5.73 11.41 -25.78
C ILE A 699 -5.52 12.16 -24.46
N ALA A 700 -6.62 12.43 -23.75
CA ALA A 700 -6.59 13.10 -22.44
C ALA A 700 -5.92 12.22 -21.39
N PRO A 701 -5.47 12.82 -20.27
CA PRO A 701 -5.04 12.04 -19.11
C PRO A 701 -6.10 10.98 -18.77
N PHE A 702 -5.64 9.78 -18.42
CA PHE A 702 -6.43 8.70 -17.78
C PHE A 702 -7.65 8.42 -18.67
N SER A 703 -7.42 8.43 -19.97
CA SER A 703 -8.48 8.36 -20.99
C SER A 703 -8.22 7.22 -21.98
N TYR A 704 -9.07 7.16 -22.99
CA TYR A 704 -9.13 6.04 -23.94
C TYR A 704 -9.63 6.58 -25.28
N LYS A 705 -9.26 5.85 -26.32
CA LYS A 705 -9.87 5.95 -27.66
C LYS A 705 -10.16 4.53 -28.12
N VAL A 706 -11.26 4.36 -28.84
CA VAL A 706 -11.61 3.08 -29.51
C VAL A 706 -11.85 3.39 -30.98
N ILE A 707 -11.12 2.68 -31.86
CA ILE A 707 -11.28 2.75 -33.34
C ILE A 707 -11.88 1.44 -33.81
N LYS A 708 -12.91 1.46 -34.62
CA LYS A 708 -13.39 0.24 -35.30
C LYS A 708 -13.06 0.34 -36.79
N GLU A 709 -12.54 -0.75 -37.35
CA GLU A 709 -12.29 -0.90 -38.81
C GLU A 709 -13.10 -2.08 -39.31
N ASN A 710 -13.73 -1.91 -40.47
CA ASN A 710 -14.43 -2.98 -41.22
C ASN A 710 -13.38 -3.75 -42.02
N LYS A 711 -13.18 -5.04 -41.69
CA LYS A 711 -12.22 -6.02 -42.30
C LYS A 711 -11.01 -6.20 -41.38
N SER B 1 6.85 36.79 12.95
CA SER B 1 6.32 35.50 13.50
C SER B 1 6.77 34.31 12.62
N GLU B 2 6.73 34.43 11.28
CA GLU B 2 7.09 33.31 10.36
C GLU B 2 8.62 33.13 10.34
N LYS B 3 9.06 31.89 10.10
CA LYS B 3 10.48 31.55 9.86
C LYS B 3 10.68 31.28 8.37
N TYR B 4 11.74 31.85 7.81
CA TYR B 4 12.01 31.74 6.37
C TYR B 4 13.48 32.04 6.16
N PHE B 5 13.98 31.56 5.04
CA PHE B 5 15.38 31.82 4.66
C PHE B 5 15.43 33.29 4.28
N VAL B 6 16.62 33.88 4.33
CA VAL B 6 16.82 35.31 3.98
C VAL B 6 18.01 35.40 3.02
N LYS B 7 17.90 36.24 2.01
CA LYS B 7 18.98 36.57 1.05
C LYS B 7 18.91 38.09 0.80
N ASN B 8 20.06 38.76 0.83
CA ASN B 8 20.14 40.22 0.57
C ASN B 8 19.18 40.92 1.52
N GLY B 9 19.12 40.42 2.76
CA GLY B 9 18.27 40.94 3.84
C GLY B 9 16.78 40.92 3.52
N GLN B 10 16.32 40.09 2.60
CA GLN B 10 14.86 39.97 2.32
C GLN B 10 14.45 38.52 2.51
N PRO B 11 13.15 38.25 2.72
CA PRO B 11 12.66 36.88 2.71
C PRO B 11 13.03 36.24 1.36
N HIS B 12 13.66 35.07 1.40
CA HIS B 12 14.14 34.36 0.19
C HIS B 12 13.56 32.94 0.20
N PHE B 13 12.84 32.57 -0.83
CA PHE B 13 12.39 31.18 -1.00
C PHE B 13 13.60 30.38 -1.48
N LEU B 14 14.08 29.43 -0.67
CA LEU B 14 15.21 28.59 -1.08
C LEU B 14 14.73 27.65 -2.20
N ILE B 15 15.18 27.88 -3.44
CA ILE B 15 14.88 27.01 -4.61
C ILE B 15 16.19 26.32 -5.03
N SER B 16 16.35 25.05 -4.65
CA SER B 16 17.56 24.26 -4.91
C SER B 16 17.19 23.11 -5.86
N GLY B 17 18.14 22.71 -6.68
CA GLY B 17 17.97 21.51 -7.52
C GLY B 17 19.14 20.59 -7.27
N GLU B 18 18.84 19.30 -7.10
CA GLU B 18 19.85 18.26 -6.87
C GLU B 18 20.42 17.89 -8.23
N VAL B 19 21.74 17.99 -8.34
CA VAL B 19 22.54 17.69 -9.55
C VAL B 19 23.78 16.93 -9.08
N HIS B 20 23.84 15.65 -9.40
CA HIS B 20 24.95 14.76 -8.95
C HIS B 20 26.05 14.82 -10.01
N TYR B 21 27.03 15.67 -9.78
CA TYR B 21 28.22 15.86 -10.65
C TYR B 21 28.83 14.49 -10.94
N PHE B 22 28.87 13.61 -9.94
CA PHE B 22 29.54 12.28 -10.02
C PHE B 22 28.77 11.34 -10.95
N ARG B 23 27.60 11.72 -11.43
CA ARG B 23 26.72 10.89 -12.28
C ARG B 23 26.48 11.58 -13.61
N ILE B 24 27.22 12.65 -13.89
CA ILE B 24 26.98 13.50 -15.10
C ILE B 24 28.30 13.70 -15.85
N ASN B 25 28.23 13.55 -17.16
CA ASN B 25 29.28 13.90 -18.14
C ASN B 25 29.83 15.26 -17.77
N PRO B 26 31.09 15.38 -17.26
CA PRO B 26 31.60 16.67 -16.81
C PRO B 26 31.63 17.75 -17.90
N LYS B 27 31.68 17.37 -19.17
CA LYS B 27 31.57 18.32 -20.31
C LYS B 27 30.23 19.07 -20.20
N LEU B 28 29.21 18.48 -19.56
CA LEU B 28 27.85 19.05 -19.50
C LEU B 28 27.54 19.61 -18.11
N TRP B 29 28.47 19.58 -17.18
CA TRP B 29 28.26 20.19 -15.83
C TRP B 29 27.74 21.63 -15.97
N ARG B 30 28.41 22.47 -16.76
CA ARG B 30 28.02 23.89 -16.97
C ARG B 30 26.63 23.96 -17.58
N ASN B 31 26.32 23.08 -18.53
CA ASN B 31 24.99 23.13 -19.20
C ASN B 31 23.87 22.87 -18.16
N HIS B 32 24.02 21.83 -17.34
CA HIS B 32 23.07 21.50 -16.23
C HIS B 32 22.88 22.70 -15.31
N LEU B 33 23.98 23.32 -14.87
CA LEU B 33 23.97 24.48 -13.92
C LEU B 33 23.28 25.66 -14.60
N GLN B 34 23.52 25.87 -15.89
CA GLN B 34 22.89 27.02 -16.56
C GLN B 34 21.39 26.74 -16.66
N LEU B 35 21.02 25.52 -17.06
CA LEU B 35 19.58 25.20 -17.25
C LEU B 35 18.86 25.28 -15.88
N LEU B 36 19.53 24.97 -14.78
CA LEU B 36 18.95 25.03 -13.41
C LEU B 36 18.76 26.51 -13.03
N LYS B 37 19.82 27.31 -13.17
CA LYS B 37 19.74 28.77 -12.96
C LYS B 37 18.60 29.37 -13.80
N GLN B 38 18.41 28.94 -15.05
CA GLN B 38 17.37 29.52 -15.96
C GLN B 38 15.95 29.19 -15.48
N THR B 39 15.75 28.25 -14.53
CA THR B 39 14.40 28.02 -13.93
C THR B 39 14.12 29.05 -12.82
N GLY B 40 15.10 29.87 -12.45
CA GLY B 40 15.00 30.81 -11.32
C GLY B 40 15.49 30.18 -10.02
N ALA B 41 15.91 28.92 -10.02
CA ALA B 41 16.61 28.28 -8.87
C ALA B 41 17.85 29.09 -8.45
N ASP B 42 18.13 29.18 -7.15
CA ASP B 42 19.25 30.00 -6.61
C ASP B 42 20.37 29.07 -6.14
N THR B 43 20.08 27.78 -5.92
CA THR B 43 20.98 26.82 -5.23
C THR B 43 21.02 25.49 -5.98
N VAL B 44 22.15 24.80 -5.94
CA VAL B 44 22.32 23.41 -6.45
C VAL B 44 22.80 22.55 -5.28
N SER B 45 22.35 21.29 -5.21
CA SER B 45 22.62 20.42 -4.05
C SER B 45 23.23 19.09 -4.55
N THR B 46 24.23 18.56 -3.84
CA THR B 46 24.85 17.28 -4.26
C THR B 46 25.48 16.56 -3.09
N TYR B 47 25.47 15.24 -3.16
CA TYR B 47 26.37 14.39 -2.37
C TYR B 47 27.80 14.61 -2.86
N ILE B 48 28.76 14.42 -1.96
CA ILE B 48 30.20 14.22 -2.24
C ILE B 48 30.54 12.82 -1.76
N PRO B 49 30.42 11.79 -2.61
CA PRO B 49 30.46 10.41 -2.12
C PRO B 49 31.87 9.99 -1.71
N TRP B 50 32.01 9.59 -0.45
CA TRP B 50 33.27 9.03 0.11
C TRP B 50 33.84 7.99 -0.86
N ASP B 51 33.02 7.04 -1.33
CA ASP B 51 33.49 5.92 -2.19
C ASP B 51 34.09 6.48 -3.48
N TRP B 52 33.50 7.55 -4.01
CA TRP B 52 33.87 8.17 -5.29
C TRP B 52 35.20 8.92 -5.20
N HIS B 53 35.61 9.44 -4.04
CA HIS B 53 36.78 10.35 -3.94
C HIS B 53 37.94 9.69 -3.18
N GLU B 54 37.69 8.76 -2.25
CA GLU B 54 38.79 7.96 -1.65
C GLU B 54 38.81 6.62 -2.42
N ILE B 55 39.43 6.63 -3.60
CA ILE B 55 39.39 5.55 -4.64
C ILE B 55 40.08 4.30 -4.09
N GLU B 56 41.13 4.49 -3.29
CA GLU B 56 41.74 3.43 -2.44
C GLU B 56 42.10 4.08 -1.10
N GLU B 57 42.40 3.27 -0.10
CA GLU B 57 42.71 3.74 1.26
C GLU B 57 43.84 4.75 1.17
N ASP B 58 43.58 6.00 1.56
CA ASP B 58 44.56 7.12 1.62
C ASP B 58 44.97 7.62 0.22
N ASP B 59 44.18 7.34 -0.83
CA ASP B 59 44.35 7.84 -2.22
C ASP B 59 43.13 8.69 -2.58
N PHE B 60 43.24 10.00 -2.46
CA PHE B 60 42.09 10.93 -2.66
C PHE B 60 42.25 11.64 -4.00
N ASP B 61 41.13 11.83 -4.70
CA ASP B 61 41.05 12.52 -6.01
C ASP B 61 39.79 13.39 -5.99
N PHE B 62 39.97 14.69 -5.74
CA PHE B 62 38.91 15.73 -5.78
C PHE B 62 39.13 16.63 -6.99
N GLU B 63 40.08 16.26 -7.88
CA GLU B 63 40.57 17.12 -8.99
C GLU B 63 40.37 16.43 -10.35
N GLY B 64 39.71 15.30 -10.40
CA GLY B 64 39.54 14.55 -11.65
C GLY B 64 40.85 14.01 -12.21
N LYS B 65 41.83 13.65 -11.37
CA LYS B 65 43.11 13.08 -11.89
C LYS B 65 42.83 11.72 -12.52
N THR B 66 41.93 10.93 -11.94
CA THR B 66 41.71 9.50 -12.28
C THR B 66 40.39 9.30 -13.05
N HIS B 67 39.47 10.28 -13.04
CA HIS B 67 38.19 10.25 -13.78
C HIS B 67 37.70 11.68 -13.78
N PRO B 68 37.25 12.24 -14.93
CA PRO B 68 36.95 13.66 -14.97
C PRO B 68 35.85 14.00 -13.93
N ALA B 69 34.94 13.07 -13.66
CA ALA B 69 33.76 13.36 -12.81
C ALA B 69 34.15 13.31 -11.33
N ARG B 70 35.42 13.02 -11.01
CA ARG B 70 35.97 13.19 -9.64
C ARG B 70 36.42 14.64 -9.40
N ASN B 71 36.30 15.52 -10.39
CA ASN B 71 36.77 16.92 -10.28
C ASN B 71 35.74 17.76 -9.50
N LEU B 72 35.58 17.47 -8.22
CA LEU B 72 34.72 18.25 -7.30
C LEU B 72 35.16 19.72 -7.34
N ILE B 73 36.47 19.99 -7.31
CA ILE B 73 36.99 21.39 -7.31
C ILE B 73 36.40 22.11 -8.52
N ARG B 74 36.44 21.50 -9.70
CA ARG B 74 35.90 22.18 -10.90
C ARG B 74 34.37 22.34 -10.78
N PHE B 75 33.67 21.41 -10.14
CA PHE B 75 32.20 21.53 -10.03
C PHE B 75 31.88 22.75 -9.14
N ILE B 76 32.60 22.89 -8.02
CA ILE B 76 32.44 24.09 -7.13
C ILE B 76 32.70 25.38 -7.93
N LYS B 77 33.79 25.43 -8.70
CA LYS B 77 34.15 26.61 -9.54
C LYS B 77 32.98 26.93 -10.49
N LEU B 78 32.37 25.90 -11.10
CA LEU B 78 31.26 26.08 -12.06
C LEU B 78 30.04 26.66 -11.33
N CYS B 79 29.79 26.24 -10.08
CA CYS B 79 28.66 26.79 -9.29
C CYS B 79 28.84 28.31 -9.12
N LYS B 80 30.05 28.73 -8.74
CA LYS B 80 30.42 30.15 -8.60
C LYS B 80 30.25 30.85 -9.95
N GLU B 81 30.83 30.31 -11.04
CA GLU B 81 30.75 30.96 -12.38
C GLU B 81 29.29 31.14 -12.80
N GLU B 82 28.40 30.16 -12.50
CA GLU B 82 26.98 30.23 -12.92
C GLU B 82 26.09 30.83 -11.80
N ASN B 83 26.72 31.42 -10.76
CA ASN B 83 26.06 32.13 -9.64
C ASN B 83 24.91 31.30 -9.08
N LEU B 84 25.25 30.06 -8.73
CA LEU B 84 24.44 29.17 -7.88
C LEU B 84 25.16 28.99 -6.56
N ASP B 85 24.41 29.05 -5.47
CA ASP B 85 24.87 28.61 -4.14
C ASP B 85 24.87 27.08 -4.16
N LEU B 86 25.57 26.48 -3.21
CA LEU B 86 25.85 25.03 -3.21
C LEU B 86 25.47 24.45 -1.85
N ILE B 87 24.67 23.38 -1.85
CA ILE B 87 24.51 22.49 -0.67
C ILE B 87 25.40 21.26 -0.89
N VAL B 88 26.24 20.91 0.08
CA VAL B 88 27.13 19.73 -0.07
C VAL B 88 26.78 18.72 1.01
N LYS B 89 26.89 17.46 0.65
CA LYS B 89 26.45 16.36 1.54
C LYS B 89 27.48 15.25 1.48
N PRO B 90 28.57 15.32 2.31
CA PRO B 90 29.69 14.40 2.17
C PRO B 90 29.54 13.10 2.97
N GLY B 91 28.41 12.90 3.63
CA GLY B 91 28.14 11.63 4.31
C GLY B 91 28.65 11.61 5.75
N PRO B 92 29.19 10.47 6.26
CA PRO B 92 29.69 9.37 5.42
C PRO B 92 28.67 8.59 4.57
N TYR B 93 27.49 8.29 5.09
CA TYR B 93 26.40 7.66 4.31
C TYR B 93 25.76 8.71 3.42
N ILE B 94 25.44 8.35 2.19
CA ILE B 94 24.65 9.19 1.26
C ILE B 94 23.38 8.46 0.81
N LEU B 95 23.35 7.13 0.92
CA LEU B 95 22.27 6.27 0.33
C LEU B 95 22.22 6.50 -1.18
N ALA B 96 21.28 7.33 -1.66
CA ALA B 96 21.24 7.86 -3.05
C ALA B 96 21.35 6.72 -4.08
N GLU B 97 20.88 5.51 -3.74
CA GLU B 97 20.87 4.33 -4.65
C GLU B 97 22.28 4.14 -5.22
N TYR B 98 23.30 4.44 -4.41
CA TYR B 98 24.72 4.35 -4.77
C TYR B 98 25.22 3.08 -4.09
N GLU B 99 26.05 2.27 -4.76
CA GLU B 99 26.58 0.98 -4.24
C GLU B 99 27.19 1.23 -2.85
N ASN B 100 26.87 0.37 -1.87
CA ASN B 100 27.40 0.41 -0.48
C ASN B 100 26.94 1.70 0.22
N GLN B 101 25.90 2.36 -0.31
CA GLN B 101 25.27 3.55 0.30
C GLN B 101 26.28 4.68 0.41
N GLY B 102 27.36 4.63 -0.40
CA GLY B 102 28.41 5.66 -0.42
C GLY B 102 29.66 5.28 0.33
N LEU B 103 29.63 4.22 1.14
CA LEU B 103 30.84 3.74 1.84
C LEU B 103 31.78 3.11 0.81
N PRO B 104 33.10 3.39 0.88
CA PRO B 104 34.06 2.77 -0.04
C PRO B 104 34.07 1.22 0.02
N SER B 105 34.18 0.57 -1.14
CA SER B 105 34.22 -0.92 -1.18
C SER B 105 35.41 -1.39 -0.33
N TRP B 106 36.55 -0.71 -0.42
CA TRP B 106 37.81 -1.13 0.28
C TRP B 106 37.58 -1.07 1.81
N LEU B 107 36.78 -0.12 2.30
CA LEU B 107 36.56 0.05 3.75
C LEU B 107 35.79 -1.15 4.29
N LEU B 108 34.68 -1.49 3.62
CA LEU B 108 33.69 -2.52 4.04
C LEU B 108 34.37 -3.89 4.04
N LYS B 109 35.32 -4.08 3.12
CA LYS B 109 36.06 -5.35 2.90
C LYS B 109 37.03 -5.55 4.07
N LYS B 110 37.53 -4.44 4.61
CA LYS B 110 38.66 -4.35 5.58
C LYS B 110 38.20 -4.24 7.04
N LEU B 111 36.93 -3.87 7.31
CA LEU B 111 36.43 -3.58 8.69
C LEU B 111 36.24 -4.91 9.44
N SER B 112 36.45 -4.90 10.74
CA SER B 112 36.16 -6.03 11.66
C SER B 112 34.67 -6.29 11.76
N LYS B 113 34.34 -7.54 12.06
CA LYS B 113 33.05 -8.07 12.53
C LYS B 113 32.25 -6.94 13.21
N ASN B 114 32.77 -6.38 14.31
CA ASN B 114 31.95 -5.55 15.22
C ASN B 114 32.24 -4.06 14.94
N ALA B 115 32.60 -3.76 13.69
CA ALA B 115 32.38 -2.43 13.08
C ALA B 115 30.97 -2.42 12.49
N PHE B 116 30.37 -3.60 12.27
CA PHE B 116 29.05 -3.79 11.64
C PHE B 116 27.98 -3.84 12.71
N ALA B 117 26.77 -3.41 12.33
CA ALA B 117 25.53 -3.58 13.08
C ALA B 117 25.20 -5.08 13.13
N LEU B 118 24.84 -5.60 14.31
CA LEU B 118 24.65 -7.05 14.58
C LEU B 118 23.22 -7.30 15.05
N ASP B 119 22.60 -8.45 14.69
CA ASP B 119 21.25 -8.86 15.20
C ASP B 119 21.42 -9.46 16.62
N GLU B 120 20.35 -9.91 17.29
CA GLU B 120 20.50 -10.48 18.67
C GLU B 120 21.50 -11.65 18.70
N ASN B 121 21.69 -12.35 17.57
CA ASN B 121 22.51 -13.58 17.47
C ASN B 121 23.98 -13.23 17.21
N GLY B 122 24.34 -11.94 17.10
CA GLY B 122 25.73 -11.50 16.88
C GLY B 122 26.16 -11.63 15.43
N ASN B 123 25.21 -11.69 14.48
CA ASN B 123 25.45 -11.78 13.01
C ASN B 123 25.20 -10.43 12.31
N VAL B 124 26.02 -10.12 11.31
CA VAL B 124 25.98 -8.86 10.48
C VAL B 124 24.61 -8.71 9.81
N ILE B 125 23.90 -7.61 10.07
CA ILE B 125 22.54 -7.33 9.48
C ILE B 125 22.70 -7.11 7.96
N SER B 126 23.81 -6.51 7.51
CA SER B 126 24.02 -6.11 6.10
C SER B 126 25.49 -5.85 5.84
N PRO B 127 26.05 -6.30 4.70
CA PRO B 127 27.47 -6.09 4.44
C PRO B 127 27.80 -4.60 4.20
N ASP B 128 26.81 -3.72 4.01
CA ASP B 128 27.02 -2.24 3.86
C ASP B 128 26.53 -1.45 5.09
N LEU B 129 26.15 -2.12 6.19
CA LEU B 129 25.56 -1.44 7.38
C LEU B 129 26.53 -1.53 8.57
N VAL B 130 27.22 -0.43 8.83
CA VAL B 130 28.14 -0.30 9.99
C VAL B 130 27.33 0.09 11.22
N SER B 131 27.95 -0.05 12.39
CA SER B 131 27.43 0.49 13.68
C SER B 131 28.00 1.91 13.82
N TYR B 132 27.12 2.90 13.92
CA TYR B 132 27.45 4.35 13.80
C TYR B 132 28.62 4.73 14.70
N LEU B 133 28.68 4.15 15.92
CA LEU B 133 29.71 4.53 16.92
C LEU B 133 30.83 3.48 16.96
N SER B 134 30.97 2.63 15.94
CA SER B 134 32.16 1.77 15.77
C SER B 134 33.43 2.65 15.75
N ASP B 135 34.42 2.36 16.60
CA ASP B 135 35.72 3.10 16.65
C ASP B 135 36.40 3.07 15.27
N GLU B 136 36.40 1.90 14.63
CA GLU B 136 36.94 1.68 13.26
C GLU B 136 36.27 2.65 12.29
N PHE B 137 34.94 2.64 12.28
CA PHE B 137 34.08 3.42 11.37
C PHE B 137 34.32 4.92 11.57
N LEU B 138 34.37 5.40 12.80
CA LEU B 138 34.62 6.85 13.10
C LEU B 138 36.06 7.22 12.73
N GLU B 139 37.01 6.29 12.89
CA GLU B 139 38.44 6.49 12.55
C GLU B 139 38.52 6.84 11.05
N TYR B 140 37.97 5.97 10.21
CA TYR B 140 37.97 6.11 8.73
C TYR B 140 37.11 7.32 8.32
N THR B 141 35.90 7.47 8.88
CA THR B 141 35.01 8.64 8.64
C THR B 141 35.83 9.92 8.85
N PHE B 142 36.59 9.99 9.96
CA PHE B 142 37.40 11.19 10.35
C PHE B 142 38.50 11.45 9.34
N LYS B 143 39.15 10.39 8.87
CA LYS B 143 40.19 10.44 7.82
C LYS B 143 39.59 10.95 6.50
N TRP B 144 38.37 10.58 6.15
CA TRP B 144 37.61 11.16 4.99
C TRP B 144 37.33 12.65 5.24
N TYR B 145 36.79 12.99 6.41
CA TYR B 145 36.51 14.39 6.78
C TYR B 145 37.80 15.19 6.68
N ASP B 146 38.93 14.61 7.11
CA ASP B 146 40.26 15.27 7.09
C ASP B 146 40.60 15.77 5.69
N LYS B 147 40.12 15.11 4.64
CA LYS B 147 40.41 15.49 3.24
C LYS B 147 39.29 16.35 2.65
N VAL B 148 38.03 16.00 2.88
CA VAL B 148 36.95 16.74 2.17
C VAL B 148 36.63 18.04 2.93
N MET B 149 36.77 18.09 4.26
CA MET B 149 36.28 19.27 5.03
C MET B 149 37.13 20.52 4.75
N PRO B 150 38.46 20.46 4.50
CA PRO B 150 39.22 21.65 4.13
C PRO B 150 38.76 22.29 2.83
N ILE B 151 38.34 21.45 1.89
CA ILE B 151 37.78 21.94 0.60
C ILE B 151 36.47 22.68 0.91
N ILE B 152 35.59 22.05 1.69
CA ILE B 152 34.28 22.65 2.05
C ILE B 152 34.53 23.94 2.84
N SER B 153 35.43 23.91 3.83
CA SER B 153 35.78 25.11 4.65
C SER B 153 36.19 26.27 3.74
N LYS B 154 37.09 26.01 2.81
CA LYS B 154 37.61 27.07 1.90
C LYS B 154 36.44 27.71 1.11
N HIS B 155 35.40 26.95 0.73
CA HIS B 155 34.35 27.42 -0.23
C HIS B 155 33.02 27.72 0.51
N GLN B 156 33.05 27.80 1.84
CA GLN B 156 31.84 28.06 2.67
C GLN B 156 31.47 29.56 2.57
N LYS B 157 30.18 29.86 2.69
CA LYS B 157 29.60 31.22 2.58
C LYS B 157 30.24 32.14 3.63
N GLU B 158 30.59 31.61 4.81
CA GLU B 158 31.34 32.35 5.87
C GLU B 158 32.72 32.83 5.36
N HIS B 159 33.21 32.33 4.23
CA HIS B 159 34.43 32.81 3.49
C HIS B 159 34.00 33.40 2.14
N TYR B 160 32.72 33.79 2.03
CA TYR B 160 32.10 34.42 0.83
C TYR B 160 32.16 33.43 -0.32
N GLY B 161 32.25 32.13 -0.02
CA GLY B 161 32.18 31.08 -1.05
C GLY B 161 30.72 30.71 -1.33
N PRO B 162 30.48 29.79 -2.28
CA PRO B 162 29.12 29.40 -2.67
C PRO B 162 28.43 28.40 -1.73
N ILE B 163 29.15 27.76 -0.82
CA ILE B 163 28.56 26.66 0.00
C ILE B 163 27.84 27.26 1.21
N THR B 164 26.52 27.21 1.20
CA THR B 164 25.64 27.84 2.21
C THR B 164 25.22 26.81 3.26
N MET B 165 25.10 25.53 2.93
CA MET B 165 24.66 24.50 3.92
C MET B 165 25.39 23.17 3.70
N MET B 166 25.56 22.40 4.77
CA MET B 166 26.12 21.04 4.66
C MET B 166 25.22 20.07 5.43
N GLN B 167 24.87 18.96 4.79
CA GLN B 167 24.16 17.88 5.49
C GLN B 167 25.17 16.93 6.17
N LEU B 168 24.89 16.56 7.40
CA LEU B 168 25.65 15.55 8.18
C LEU B 168 25.04 14.17 7.89
N CYS B 169 25.83 13.28 7.28
CA CYS B 169 25.42 11.88 6.93
C CYS B 169 24.16 11.97 6.07
N ASN B 170 23.24 11.03 6.25
CA ASN B 170 21.99 10.90 5.48
C ASN B 170 21.02 10.01 6.26
N GLU B 171 19.87 10.59 6.58
CA GLU B 171 18.68 9.91 7.16
C GLU B 171 19.16 8.96 8.25
N ILE B 172 19.80 9.48 9.29
CA ILE B 172 20.30 8.64 10.43
C ILE B 172 19.15 7.71 10.89
N GLY B 173 19.48 6.42 11.02
CA GLY B 173 18.60 5.36 11.54
C GLY B 173 17.74 4.73 10.47
N VAL B 174 17.80 5.21 9.23
CA VAL B 174 16.94 4.73 8.12
C VAL B 174 17.08 3.20 7.90
N PHE B 175 18.21 2.58 8.26
CA PHE B 175 18.45 1.12 8.07
C PHE B 175 17.88 0.34 9.26
N GLN B 176 17.96 0.87 10.50
CA GLN B 176 17.17 0.27 11.63
C GLN B 176 15.67 0.28 11.29
N TRP B 177 15.22 1.27 10.51
CA TRP B 177 13.80 1.37 10.11
C TRP B 177 13.51 0.34 9.03
N LEU B 178 14.19 0.40 7.88
CA LEU B 178 13.89 -0.41 6.68
C LEU B 178 13.94 -1.94 7.01
N SER B 179 14.76 -2.39 7.96
CA SER B 179 14.89 -3.83 8.34
C SER B 179 14.14 -4.13 9.64
N GLY B 180 13.67 -3.10 10.33
CA GLY B 180 13.12 -3.25 11.69
C GLY B 180 14.18 -3.75 12.68
N LYS B 181 15.35 -4.19 12.18
CA LYS B 181 16.41 -4.79 13.00
C LYS B 181 17.20 -3.67 13.70
N SER B 182 17.27 -3.75 15.02
CA SER B 182 18.09 -2.89 15.90
C SER B 182 19.53 -3.37 15.87
N ASP B 183 20.46 -2.45 16.09
CA ASP B 183 21.88 -2.78 16.21
C ASP B 183 22.12 -3.29 17.63
N TYR B 184 22.64 -4.53 17.74
CA TYR B 184 22.97 -5.28 18.99
C TYR B 184 24.50 -5.41 19.08
N ASN B 185 25.23 -4.64 18.27
CA ASN B 185 26.71 -4.49 18.37
C ASN B 185 27.08 -4.33 19.83
N PRO B 186 28.09 -5.06 20.35
CA PRO B 186 28.44 -4.98 21.76
C PRO B 186 28.76 -3.55 22.24
N LYS B 187 29.29 -2.69 21.35
CA LYS B 187 29.56 -1.26 21.65
C LYS B 187 28.24 -0.54 22.01
N VAL B 188 27.20 -0.76 21.23
CA VAL B 188 25.86 -0.13 21.37
C VAL B 188 25.23 -0.63 22.68
N ILE B 189 25.27 -1.94 22.95
CA ILE B 189 24.74 -2.58 24.18
C ILE B 189 25.45 -2.03 25.41
N ASN B 190 26.78 -1.87 25.36
CA ASN B 190 27.54 -1.26 26.47
C ASN B 190 27.03 0.19 26.68
N LEU B 191 26.87 0.97 25.60
CA LEU B 191 26.40 2.38 25.71
C LEU B 191 24.99 2.40 26.29
N TYR B 192 24.20 1.39 25.97
CA TYR B 192 22.80 1.30 26.43
C TYR B 192 22.79 1.08 27.95
N LYS B 193 23.64 0.17 28.42
CA LYS B 193 23.90 -0.12 29.85
C LYS B 193 24.30 1.18 30.57
N GLU B 194 25.27 1.93 30.04
CA GLU B 194 25.70 3.23 30.64
C GLU B 194 24.49 4.15 30.73
N PHE B 195 23.73 4.28 29.63
CA PHE B 195 22.47 5.07 29.53
C PHE B 195 21.48 4.70 30.65
N ILE B 196 21.29 3.41 30.93
CA ILE B 196 20.32 2.93 31.94
C ILE B 196 20.85 3.29 33.35
N ILE B 197 22.13 3.02 33.64
CA ILE B 197 22.73 3.28 34.98
C ILE B 197 22.58 4.78 35.26
N GLN B 198 22.95 5.60 34.28
CA GLN B 198 22.86 7.07 34.33
C GLN B 198 21.41 7.49 34.63
N ARG B 199 20.42 6.81 34.02
CA ARG B 199 19.00 7.23 34.09
C ARG B 199 18.39 6.87 35.45
N TYR B 200 18.72 5.70 35.99
CA TYR B 200 18.03 5.11 37.18
C TYR B 200 18.92 5.18 38.43
N LYS B 201 20.25 5.31 38.28
CA LYS B 201 21.27 5.39 39.37
C LYS B 201 21.42 4.04 40.09
N THR B 202 20.38 3.49 40.68
CA THR B 202 20.48 2.19 41.42
C THR B 202 19.61 1.16 40.70
N ILE B 203 19.90 -0.13 40.90
CA ILE B 203 19.05 -1.25 40.41
C ILE B 203 17.70 -1.25 41.16
N GLU B 204 17.66 -0.83 42.43
CA GLU B 204 16.38 -0.72 43.19
C GLU B 204 15.43 0.24 42.47
N LYS B 205 15.96 1.35 41.95
CA LYS B 205 15.14 2.41 41.28
C LYS B 205 14.57 1.84 39.98
N LEU B 206 15.41 1.22 39.16
CA LEU B 206 14.98 0.54 37.90
C LEU B 206 13.96 -0.55 38.24
N ASN B 207 14.32 -1.50 39.12
CA ASN B 207 13.39 -2.56 39.60
C ASN B 207 12.05 -1.92 39.98
N SER B 208 12.08 -0.77 40.66
CA SER B 208 10.88 -0.04 41.13
C SER B 208 10.02 0.42 39.95
N VAL B 209 10.61 0.80 38.82
CA VAL B 209 9.87 1.27 37.61
C VAL B 209 9.46 0.06 36.76
N TYR B 210 10.34 -0.91 36.57
CA TYR B 210 10.12 -2.02 35.61
C TYR B 210 9.31 -3.16 36.25
N SER B 211 9.21 -3.21 37.59
CA SER B 211 8.92 -4.44 38.39
C SER B 211 9.84 -5.57 37.94
N THR B 212 11.16 -5.36 37.87
CA THR B 212 12.17 -6.43 37.68
C THR B 212 12.78 -6.85 39.03
N ASN B 213 13.69 -7.84 39.03
CA ASN B 213 14.22 -8.45 40.27
C ASN B 213 15.72 -8.69 40.07
N TYR B 214 16.36 -7.81 39.31
CA TYR B 214 17.82 -7.73 39.19
C TYR B 214 18.43 -7.48 40.58
N ASN B 215 19.52 -8.19 40.87
CA ASN B 215 20.36 -7.97 42.07
C ASN B 215 21.33 -6.80 41.78
N SER B 216 21.69 -6.58 40.51
CA SER B 216 22.50 -5.40 40.08
C SER B 216 22.25 -5.06 38.60
N PHE B 217 22.90 -3.97 38.13
CA PHE B 217 22.93 -3.57 36.70
C PHE B 217 23.67 -4.61 35.86
N ASP B 218 24.54 -5.41 36.48
CA ASP B 218 25.31 -6.52 35.82
C ASP B 218 24.32 -7.55 35.22
N ASP B 219 23.14 -7.78 35.84
CA ASP B 219 22.13 -8.76 35.35
C ASP B 219 21.23 -8.14 34.28
N LEU B 220 21.53 -6.95 33.78
CA LEU B 220 20.62 -6.22 32.86
C LEU B 220 21.09 -6.54 31.43
N LYS B 221 20.19 -7.00 30.55
CA LYS B 221 20.48 -7.36 29.13
C LYS B 221 19.60 -6.50 28.21
N ALA B 222 20.11 -6.11 27.05
CA ALA B 222 19.36 -5.34 26.03
C ALA B 222 18.10 -6.10 25.71
N PRO B 223 16.92 -5.46 25.63
CA PRO B 223 15.69 -6.19 25.33
C PRO B 223 15.75 -6.75 23.90
N SER B 224 15.15 -7.92 23.68
CA SER B 224 15.04 -8.59 22.36
C SER B 224 13.82 -9.53 22.39
N GLY B 225 13.36 -9.95 21.22
CA GLY B 225 12.16 -10.79 21.10
C GLY B 225 10.87 -10.01 21.32
N LYS B 226 9.74 -10.68 21.18
CA LYS B 226 8.37 -10.13 21.36
C LYS B 226 8.18 -9.67 22.82
N ILE B 227 7.37 -8.63 23.01
CA ILE B 227 7.03 -8.13 24.37
C ILE B 227 5.92 -9.03 24.92
N LYS B 228 6.17 -9.73 26.01
CA LYS B 228 5.18 -10.63 26.66
C LYS B 228 4.72 -10.01 27.99
N LEU B 229 5.59 -9.20 28.59
CA LEU B 229 5.43 -8.67 29.97
C LEU B 229 5.52 -7.13 29.94
N ARG B 230 4.93 -6.47 30.92
CA ARG B 230 5.04 -4.99 31.05
C ARG B 230 6.52 -4.65 31.27
N SER B 231 7.26 -5.47 32.01
CA SER B 231 8.72 -5.24 32.19
C SER B 231 9.41 -5.19 30.81
N ASP B 232 8.98 -6.03 29.86
CA ASP B 232 9.57 -6.07 28.49
C ASP B 232 9.26 -4.73 27.79
N TYR B 233 8.03 -4.24 27.96
CA TYR B 233 7.57 -2.97 27.35
C TYR B 233 8.45 -1.84 27.84
N CYS B 234 8.62 -1.75 29.16
CA CYS B 234 9.52 -0.81 29.89
C CYS B 234 10.94 -0.86 29.34
N ALA B 235 11.53 -2.04 29.24
CA ALA B 235 12.94 -2.19 28.78
C ALA B 235 13.02 -1.69 27.33
N TYR B 236 12.02 -1.99 26.49
CA TYR B 236 12.01 -1.55 25.08
C TYR B 236 11.79 -0.03 24.97
N PHE B 237 11.00 0.56 25.87
CA PHE B 237 10.73 2.01 25.87
C PHE B 237 12.04 2.75 26.14
N ASP B 238 12.78 2.33 27.16
CA ASP B 238 14.12 2.90 27.44
C ASP B 238 15.09 2.59 26.29
N PHE B 239 14.98 1.45 25.62
CA PHE B 239 15.83 1.13 24.44
C PHE B 239 15.55 2.16 23.34
N HIS B 240 14.28 2.54 23.15
CA HIS B 240 13.89 3.62 22.20
C HIS B 240 14.54 4.95 22.65
N LEU B 241 14.43 5.33 23.93
CA LEU B 241 15.04 6.59 24.45
C LEU B 241 16.54 6.52 24.19
N PHE B 242 17.15 5.37 24.47
CA PHE B 242 18.61 5.19 24.29
C PHE B 242 18.98 5.47 22.82
N PHE B 243 18.23 4.92 21.85
CA PHE B 243 18.59 5.11 20.41
C PHE B 243 18.46 6.57 20.02
N ARG B 244 17.55 7.35 20.62
CA ARG B 244 17.49 8.81 20.35
C ARG B 244 18.79 9.47 20.87
N GLU B 245 19.29 9.06 22.05
CA GLU B 245 20.56 9.62 22.59
C GLU B 245 21.71 9.19 21.69
N TYR B 246 21.71 7.93 21.28
CA TYR B 246 22.79 7.33 20.46
C TYR B 246 22.95 8.18 19.18
N TYR B 247 21.85 8.47 18.51
CA TYR B 247 21.84 9.22 17.23
C TYR B 247 22.35 10.64 17.46
N ASN B 248 21.97 11.25 18.58
CA ASN B 248 22.47 12.59 18.99
C ASN B 248 23.98 12.51 19.21
N LYS B 249 24.44 11.44 19.85
CA LYS B 249 25.90 11.22 20.07
C LYS B 249 26.60 11.14 18.70
N TYR B 250 26.08 10.32 17.79
CA TYR B 250 26.64 10.17 16.43
C TYR B 250 26.70 11.56 15.76
N ILE B 251 25.61 12.31 15.73
CA ILE B 251 25.56 13.57 14.92
C ILE B 251 26.40 14.65 15.62
N SER B 252 26.51 14.61 16.95
CA SER B 252 27.38 15.50 17.76
C SER B 252 28.86 15.24 17.42
N ILE B 253 29.30 13.98 17.38
CA ILE B 253 30.69 13.63 17.00
C ILE B 253 30.98 14.17 15.59
N LEU B 254 30.10 13.94 14.61
CA LEU B 254 30.30 14.46 13.24
C LEU B 254 30.37 15.98 13.28
N LYS B 255 29.47 16.64 14.00
CA LYS B 255 29.37 18.12 14.01
C LYS B 255 30.63 18.73 14.62
N ASN B 256 31.09 18.20 15.76
CA ASN B 256 32.31 18.67 16.46
C ASN B 256 33.52 18.54 15.52
N LYS B 257 33.66 17.39 14.87
CA LYS B 257 34.74 17.18 13.89
C LYS B 257 34.61 18.26 12.80
N ILE B 258 33.41 18.46 12.24
CA ILE B 258 33.19 19.47 11.17
C ILE B 258 33.55 20.89 11.67
N ARG B 259 33.16 21.26 12.89
CA ARG B 259 33.40 22.64 13.37
C ARG B 259 34.92 22.88 13.49
N SER B 260 35.71 21.83 13.78
CA SER B 260 37.19 21.92 13.98
C SER B 260 37.91 22.36 12.70
N PHE B 261 37.24 22.38 11.55
CA PHE B 261 37.82 22.82 10.25
C PHE B 261 37.44 24.28 10.02
N GLY B 262 36.79 24.91 11.00
CA GLY B 262 36.31 26.30 10.89
C GLY B 262 35.11 26.43 9.96
N ILE B 263 34.33 25.36 9.76
CA ILE B 263 33.06 25.41 8.97
C ILE B 263 31.93 25.90 9.88
N ASN B 264 31.45 27.13 9.64
CA ASN B 264 30.46 27.83 10.51
C ASN B 264 29.15 28.03 9.76
N ILE B 265 29.03 27.51 8.53
CA ILE B 265 27.75 27.52 7.77
C ILE B 265 26.72 26.62 8.45
N LYS B 266 25.50 26.73 7.94
CA LYS B 266 24.30 26.03 8.45
C LYS B 266 24.48 24.54 8.19
N LEU B 267 24.31 23.70 9.21
CA LEU B 267 24.33 22.22 9.06
C LEU B 267 22.89 21.72 8.91
N THR B 268 22.71 20.59 8.22
CA THR B 268 21.35 20.06 7.93
C THR B 268 21.29 18.56 8.18
N HIS B 269 20.05 18.06 8.29
CA HIS B 269 19.77 16.62 8.25
C HIS B 269 18.42 16.43 7.57
N ASN B 270 18.16 15.23 7.09
CA ASN B 270 17.00 14.97 6.21
C ASN B 270 16.15 13.85 6.79
N ILE B 271 14.84 14.02 6.75
CA ILE B 271 13.89 13.09 7.42
C ILE B 271 13.24 12.17 6.39
N PRO B 272 13.43 10.85 6.51
CA PRO B 272 12.74 9.89 5.66
C PRO B 272 11.33 9.58 6.19
N GLY B 273 10.56 8.80 5.44
CA GLY B 273 9.37 8.12 5.97
C GLY B 273 8.24 7.97 4.98
N TRP B 274 8.30 8.63 3.84
CA TRP B 274 7.31 8.36 2.77
C TRP B 274 7.60 6.96 2.22
N ILE B 275 6.55 6.21 1.94
CA ILE B 275 6.66 4.96 1.14
C ILE B 275 5.32 4.73 0.43
N TYR B 276 5.36 4.32 -0.84
CA TYR B 276 4.15 4.11 -1.67
C TYR B 276 3.28 5.37 -1.69
N GLY B 277 3.88 6.56 -1.54
CA GLY B 277 3.19 7.83 -1.78
C GLY B 277 2.36 8.30 -0.60
N ASN B 278 2.54 7.71 0.59
CA ASN B 278 2.00 8.32 1.84
C ASN B 278 3.09 8.35 2.92
N ALA B 279 2.84 9.15 3.97
CA ALA B 279 3.88 9.50 4.96
C ALA B 279 3.38 9.21 6.38
N SER B 280 2.38 8.35 6.54
CA SER B 280 1.80 8.00 7.88
C SER B 280 2.88 7.50 8.83
N GLU B 281 3.99 6.96 8.33
CA GLU B 281 5.09 6.50 9.21
C GLU B 281 6.16 7.59 9.42
N LEU B 282 6.16 8.68 8.63
CA LEU B 282 7.20 9.72 8.75
C LEU B 282 7.23 10.25 10.18
N PRO B 283 6.09 10.46 10.88
CA PRO B 283 6.15 10.95 12.26
C PRO B 283 6.95 10.05 13.21
N MET B 284 6.92 8.73 13.05
CA MET B 284 7.79 7.80 13.82
C MET B 284 9.26 8.13 13.56
N LEU B 285 9.66 8.33 12.31
CA LEU B 285 11.08 8.60 11.96
C LEU B 285 11.52 9.94 12.53
N ILE B 286 10.70 10.98 12.43
CA ILE B 286 11.09 12.31 12.95
C ILE B 286 11.23 12.21 14.48
N SER B 287 10.44 11.36 15.14
CA SER B 287 10.52 11.11 16.60
C SER B 287 11.90 10.56 16.97
N THR B 288 12.61 9.88 16.06
CA THR B 288 13.95 9.29 16.35
C THR B 288 15.00 10.39 16.51
N TYR B 289 14.67 11.61 16.08
CA TYR B 289 15.59 12.77 16.09
C TYR B 289 15.27 13.71 17.25
N SER B 290 14.42 13.31 18.20
CA SER B 290 13.90 14.19 19.27
C SER B 290 15.07 14.75 20.08
N GLU B 291 16.08 13.95 20.41
CA GLU B 291 17.23 14.45 21.21
C GLU B 291 18.14 15.35 20.38
N ILE B 292 18.30 15.07 19.08
CA ILE B 292 19.15 15.94 18.21
C ILE B 292 18.53 17.33 18.19
N MET B 293 17.23 17.40 17.97
CA MET B 293 16.49 18.67 17.78
C MET B 293 16.48 19.46 19.08
N LYS B 294 16.49 18.82 20.23
CA LYS B 294 16.43 19.61 21.48
C LYS B 294 17.86 20.07 21.82
N ASN B 295 18.90 19.38 21.37
CA ASN B 295 20.30 19.71 21.75
C ASN B 295 21.05 20.48 20.65
N HIS B 296 20.53 20.61 19.44
CA HIS B 296 21.25 21.28 18.32
C HIS B 296 20.31 22.22 17.56
N PRO B 297 20.13 23.46 18.04
CA PRO B 297 19.34 24.45 17.32
C PRO B 297 20.06 25.00 16.08
N ASP B 298 21.29 24.60 15.83
CA ASP B 298 22.09 25.03 14.66
C ASP B 298 22.04 23.97 13.55
N ILE B 299 21.33 22.85 13.77
CA ILE B 299 21.09 21.81 12.72
C ILE B 299 19.63 21.93 12.26
N ILE B 300 19.45 22.31 11.00
CA ILE B 300 18.11 22.44 10.37
C ILE B 300 17.71 21.10 9.73
N PHE B 301 16.66 20.50 10.26
CA PHE B 301 16.02 19.29 9.67
C PHE B 301 15.11 19.72 8.51
N GLY B 302 15.24 19.08 7.36
CA GLY B 302 14.29 19.24 6.24
C GLY B 302 13.62 17.93 5.91
N LEU B 303 12.49 17.97 5.22
CA LEU B 303 11.69 16.77 4.90
C LEU B 303 12.09 16.17 3.55
N ASP B 304 11.97 14.85 3.43
CA ASP B 304 12.15 14.12 2.16
C ASP B 304 10.75 13.72 1.73
N HIS B 305 10.11 14.56 0.90
CA HIS B 305 8.73 14.36 0.39
C HIS B 305 8.76 13.53 -0.89
N ILE B 306 8.12 12.35 -0.89
CA ILE B 306 8.01 11.45 -2.06
C ILE B 306 6.55 11.07 -2.26
N PRO B 307 5.70 12.02 -2.71
CA PRO B 307 4.26 11.75 -2.87
C PRO B 307 3.89 10.76 -4.00
N GLU B 308 4.72 10.66 -5.06
CA GLU B 308 4.55 9.74 -6.25
C GLU B 308 3.34 10.13 -7.11
N PHE B 309 2.26 10.56 -6.47
CA PHE B 309 1.05 11.02 -7.20
C PHE B 309 0.45 12.14 -6.34
N VAL B 310 -0.58 12.83 -6.85
CA VAL B 310 -1.23 13.94 -6.10
C VAL B 310 -2.75 13.77 -6.19
N SER B 311 -3.35 13.21 -5.14
CA SER B 311 -4.81 12.93 -5.13
C SER B 311 -5.35 13.00 -3.71
N PHE B 312 -6.66 12.86 -3.58
CA PHE B 312 -7.29 12.72 -2.25
C PHE B 312 -6.68 11.52 -1.50
N ARG B 313 -6.15 10.54 -2.22
CA ARG B 313 -5.53 9.36 -1.57
C ARG B 313 -4.34 9.74 -0.68
N ASN B 314 -3.57 10.81 -0.99
CA ASN B 314 -2.41 11.22 -0.16
C ASN B 314 -2.36 12.74 0.12
N ALA B 315 -3.42 13.51 -0.16
CA ALA B 315 -3.45 14.98 0.01
C ALA B 315 -2.98 15.40 1.41
N HIS B 316 -3.30 14.61 2.44
CA HIS B 316 -3.09 15.00 3.86
C HIS B 316 -1.66 14.72 4.30
N SER B 317 -0.94 13.86 3.58
CA SER B 317 0.39 13.42 4.06
C SER B 317 1.35 14.63 4.20
N ASP B 318 1.45 15.49 3.18
CA ASP B 318 2.48 16.56 3.17
C ASP B 318 2.12 17.62 4.22
N LEU B 319 0.82 17.95 4.38
CA LEU B 319 0.45 18.97 5.41
C LEU B 319 0.78 18.43 6.81
N ALA B 320 0.34 17.22 7.16
CA ALA B 320 0.59 16.62 8.48
C ALA B 320 2.08 16.59 8.76
N CYS B 321 2.91 16.18 7.77
CA CYS B 321 4.39 16.16 7.92
C CYS B 321 4.93 17.58 8.14
N ASN B 322 4.51 18.55 7.33
CA ASN B 322 4.97 19.96 7.50
C ASN B 322 4.62 20.46 8.91
N LYS B 323 3.39 20.20 9.35
CA LYS B 323 2.88 20.69 10.65
C LYS B 323 3.66 20.04 11.80
N ILE B 324 3.99 18.76 11.70
CA ILE B 324 4.76 18.05 12.76
C ILE B 324 6.21 18.55 12.80
N LEU B 325 6.82 18.80 11.64
CA LEU B 325 8.20 19.36 11.63
C LEU B 325 8.14 20.73 12.31
N GLU B 326 7.12 21.52 12.01
CA GLU B 326 6.91 22.83 12.67
C GLU B 326 6.83 22.65 14.20
N ALA B 327 6.09 21.66 14.68
CA ALA B 327 5.94 21.34 16.12
C ALA B 327 7.31 21.09 16.73
N MET B 328 8.16 20.32 16.06
CA MET B 328 9.42 19.81 16.66
C MET B 328 10.58 20.78 16.36
N GLN B 329 10.42 21.71 15.42
CA GLN B 329 11.49 22.65 15.02
C GLN B 329 10.87 24.03 14.76
N PRO B 330 10.31 24.70 15.79
CA PRO B 330 9.54 25.92 15.58
C PRO B 330 10.38 27.16 15.26
N GLU B 331 11.69 27.07 15.41
CA GLU B 331 12.59 28.24 15.31
C GLU B 331 13.29 28.22 13.96
N ALA B 332 12.95 27.31 13.07
CA ALA B 332 13.60 27.23 11.74
C ALA B 332 12.52 27.02 10.69
N PRO B 333 12.76 27.44 9.43
CA PRO B 333 11.76 27.28 8.37
C PRO B 333 11.49 25.79 8.11
N VAL B 334 10.25 25.44 7.80
CA VAL B 334 9.86 24.11 7.27
C VAL B 334 10.34 24.09 5.82
N TRP B 335 11.14 23.10 5.46
CA TRP B 335 11.63 22.98 4.07
C TRP B 335 11.86 21.51 3.73
N ALA B 336 11.89 21.22 2.43
CA ALA B 336 12.09 19.84 1.92
C ALA B 336 13.54 19.74 1.44
N ALA B 337 14.39 19.03 2.18
CA ALA B 337 15.78 18.70 1.77
C ALA B 337 15.77 17.85 0.49
N GLU B 338 14.76 16.99 0.34
CA GLU B 338 14.49 16.20 -0.90
C GLU B 338 13.01 16.38 -1.27
N PHE B 339 12.75 17.00 -2.39
CA PHE B 339 11.40 17.46 -2.78
C PHE B 339 11.17 16.84 -4.15
N GLN B 340 10.30 15.85 -4.20
CA GLN B 340 10.20 14.96 -5.36
C GLN B 340 10.16 15.75 -6.68
N ALA B 341 11.06 15.37 -7.57
CA ALA B 341 11.20 15.76 -8.99
C ALA B 341 11.55 14.48 -9.78
N GLY B 342 10.71 14.06 -10.71
CA GLY B 342 10.87 12.74 -11.31
C GLY B 342 10.70 11.64 -10.29
N THR B 343 11.17 10.46 -10.63
CA THR B 343 10.93 9.24 -9.84
C THR B 343 12.23 8.44 -9.72
N ARG B 344 12.49 7.91 -8.52
CA ARG B 344 13.63 7.00 -8.26
C ARG B 344 13.46 5.65 -8.98
N GLU B 345 12.23 5.28 -9.36
CA GLU B 345 11.93 3.89 -9.81
C GLU B 345 11.14 3.97 -11.11
N HIS B 346 11.63 3.37 -12.19
CA HIS B 346 11.03 3.52 -13.54
C HIS B 346 9.53 3.17 -13.52
N HIS B 347 9.13 2.16 -12.73
CA HIS B 347 7.78 1.55 -12.75
C HIS B 347 6.80 2.35 -11.91
N VAL B 348 7.29 3.39 -11.24
CA VAL B 348 6.46 4.29 -10.40
C VAL B 348 6.54 5.68 -11.04
N LYS B 349 5.54 6.02 -11.84
CA LYS B 349 5.61 7.21 -12.71
C LYS B 349 5.49 8.46 -11.85
N ALA B 350 6.17 9.52 -12.27
CA ALA B 350 6.05 10.85 -11.67
C ALA B 350 5.68 11.86 -12.77
N TYR B 351 4.40 12.24 -12.83
CA TYR B 351 3.84 13.11 -13.88
C TYR B 351 4.12 14.56 -13.49
N ALA B 352 4.64 15.33 -14.46
CA ALA B 352 4.83 16.79 -14.36
C ALA B 352 3.57 17.46 -13.84
N LYS B 353 2.41 17.10 -14.40
CA LYS B 353 1.12 17.73 -14.02
C LYS B 353 0.76 17.38 -12.59
N ASP B 354 1.20 16.22 -12.09
CA ASP B 354 0.99 15.84 -10.67
C ASP B 354 1.89 16.73 -9.80
N LEU B 355 3.18 16.77 -10.13
CA LEU B 355 4.21 17.35 -9.24
C LEU B 355 3.99 18.88 -9.20
N GLU B 356 3.56 19.45 -10.32
CA GLU B 356 3.28 20.90 -10.40
C GLU B 356 2.25 21.26 -9.33
N THR B 357 1.18 20.49 -9.26
CA THR B 357 0.14 20.63 -8.22
C THR B 357 0.75 20.42 -6.83
N PHE B 358 1.55 19.37 -6.66
CA PHE B 358 2.22 19.10 -5.37
C PHE B 358 3.03 20.33 -4.95
N TYR B 359 3.73 20.96 -5.88
CA TYR B 359 4.60 22.12 -5.56
C TYR B 359 3.70 23.25 -5.02
N ILE B 360 2.59 23.53 -5.68
CA ILE B 360 1.68 24.63 -5.26
C ILE B 360 1.01 24.26 -3.91
N ALA B 361 0.54 23.02 -3.76
CA ALA B 361 -0.04 22.51 -2.49
C ALA B 361 0.97 22.71 -1.34
N SER B 362 2.24 22.45 -1.62
CA SER B 362 3.34 22.55 -0.64
C SER B 362 3.42 24.02 -0.16
N LEU B 363 3.31 25.01 -1.06
CA LEU B 363 3.26 26.46 -0.66
C LEU B 363 2.02 26.70 0.22
N ALA B 364 0.82 26.23 -0.18
CA ALA B 364 -0.43 26.31 0.64
C ALA B 364 -0.16 25.73 2.03
N HIS B 365 0.52 24.58 2.09
CA HIS B 365 0.82 23.83 3.34
C HIS B 365 2.08 24.33 4.06
N GLY B 366 2.56 25.55 3.78
CA GLY B 366 3.52 26.27 4.65
C GLY B 366 4.98 25.97 4.35
N ILE B 367 5.30 25.38 3.21
CA ILE B 367 6.74 25.10 2.92
C ILE B 367 7.44 26.44 2.61
N LYS B 368 8.70 26.58 3.02
CA LYS B 368 9.46 27.85 2.94
C LYS B 368 10.69 27.69 2.05
N GLY B 369 10.98 26.48 1.61
CA GLY B 369 12.12 26.18 0.73
C GLY B 369 12.12 24.73 0.36
N PHE B 370 12.78 24.38 -0.74
CA PHE B 370 12.91 22.99 -1.15
C PHE B 370 14.05 22.82 -2.15
N ASN B 371 14.46 21.57 -2.24
CA ASN B 371 15.51 21.06 -3.13
C ASN B 371 14.87 19.97 -3.97
N TYR B 372 14.59 20.30 -5.22
CA TYR B 372 14.08 19.34 -6.24
C TYR B 372 15.02 18.16 -6.38
N TYR B 373 14.51 16.99 -5.99
CA TYR B 373 15.27 15.71 -5.92
C TYR B 373 14.45 14.72 -6.74
N MET B 374 14.85 14.42 -8.01
CA MET B 374 16.08 14.89 -8.66
C MET B 374 15.78 15.89 -9.75
N PHE B 375 16.44 17.06 -9.69
CA PHE B 375 16.37 18.06 -10.78
C PHE B 375 16.97 17.46 -12.06
N SER B 376 18.18 16.93 -11.94
CA SER B 376 18.93 16.26 -13.02
C SER B 376 19.02 14.77 -12.71
N GLN B 377 18.60 13.98 -13.67
CA GLN B 377 18.90 12.54 -13.78
C GLN B 377 20.43 12.39 -13.80
N GLY B 378 20.88 11.22 -13.39
CA GLY B 378 22.28 10.81 -13.43
C GLY B 378 22.42 9.50 -14.18
N ILE B 379 23.64 9.22 -14.61
CA ILE B 379 24.06 7.86 -15.01
C ILE B 379 25.14 7.41 -14.03
N ASN B 380 24.87 6.33 -13.33
CA ASN B 380 25.84 5.73 -12.39
C ASN B 380 27.12 5.45 -13.16
N PRO B 381 28.29 5.96 -12.71
CA PRO B 381 29.56 5.56 -13.30
C PRO B 381 29.85 4.08 -13.01
N GLU B 382 30.62 3.43 -13.89
CA GLU B 382 31.26 2.09 -13.72
C GLU B 382 30.68 1.31 -12.53
N GLY B 383 29.47 0.76 -12.66
CA GLY B 383 28.82 -0.15 -11.68
C GLY B 383 28.81 0.38 -10.25
N LYS B 384 28.53 1.68 -10.06
CA LYS B 384 28.36 2.32 -8.72
C LYS B 384 26.87 2.40 -8.39
N GLY B 385 26.02 2.02 -9.33
CA GLY B 385 24.57 2.11 -9.17
C GLY B 385 24.06 0.84 -8.50
N PHE B 386 23.29 1.00 -7.42
CA PHE B 386 22.70 -0.11 -6.64
C PHE B 386 21.71 -0.90 -7.52
N TYR B 387 20.87 -0.22 -8.33
CA TYR B 387 19.61 -0.74 -8.94
C TYR B 387 19.57 -0.75 -10.48
N GLY B 388 20.65 -0.35 -11.14
CA GLY B 388 20.63 -0.14 -12.60
C GLY B 388 21.58 0.98 -13.02
N LYS B 389 21.69 1.20 -14.32
CA LYS B 389 22.61 2.19 -14.90
C LYS B 389 22.08 3.60 -14.63
N THR B 390 20.78 3.84 -14.78
CA THR B 390 20.19 5.20 -14.76
C THR B 390 19.75 5.56 -13.33
N PHE B 391 20.00 6.80 -12.91
CA PHE B 391 19.60 7.32 -11.57
C PHE B 391 18.47 8.33 -11.79
N TYR B 392 17.26 7.95 -11.40
CA TYR B 392 16.00 8.72 -11.59
C TYR B 392 15.58 8.83 -13.06
N PHE B 393 14.29 9.12 -13.21
CA PHE B 393 13.56 9.21 -14.51
C PHE B 393 12.56 10.36 -14.41
N GLN B 394 12.12 10.91 -15.54
CA GLN B 394 11.06 11.94 -15.58
C GLN B 394 11.47 13.16 -14.73
N THR B 395 12.76 13.46 -14.72
CA THR B 395 13.33 14.62 -13.98
C THR B 395 13.07 15.90 -14.80
N ALA B 396 13.64 17.03 -14.37
CA ALA B 396 13.57 18.30 -15.12
C ALA B 396 14.52 18.19 -16.32
N LEU B 397 15.71 17.64 -16.07
CA LEU B 397 16.76 17.39 -17.09
C LEU B 397 17.13 15.90 -17.05
N ASP B 398 17.33 15.29 -18.22
CA ASP B 398 17.92 13.94 -18.28
C ASP B 398 19.42 14.08 -17.99
N ALA B 399 20.16 12.98 -17.93
CA ALA B 399 21.57 13.01 -17.48
C ALA B 399 22.41 13.78 -18.49
N ALA B 400 21.93 13.95 -19.74
CA ALA B 400 22.64 14.70 -20.82
C ALA B 400 22.18 16.17 -20.90
N SER B 401 21.39 16.63 -19.93
CA SER B 401 20.87 18.02 -19.80
C SER B 401 19.76 18.29 -20.82
N ASN B 402 19.20 17.26 -21.45
CA ASN B 402 17.97 17.44 -22.24
C ASN B 402 16.84 17.86 -21.29
N LYS B 403 16.13 18.92 -21.64
CA LYS B 403 14.87 19.34 -20.96
C LYS B 403 13.78 18.28 -21.18
N LEU B 404 13.10 17.93 -20.09
CA LEU B 404 11.92 17.02 -20.06
C LEU B 404 10.71 17.83 -19.61
N ALA B 405 9.51 17.22 -19.63
CA ALA B 405 8.22 17.89 -19.31
C ALA B 405 8.30 18.65 -17.98
N LEU B 406 8.92 18.08 -16.95
CA LEU B 406 8.92 18.69 -15.59
C LEU B 406 9.61 20.08 -15.61
N TYR B 407 10.63 20.30 -16.45
CA TYR B 407 11.38 21.57 -16.59
C TYR B 407 10.41 22.75 -16.64
N ASP B 408 9.44 22.73 -17.55
CA ASP B 408 8.51 23.88 -17.72
C ASP B 408 7.61 24.03 -16.50
N SER B 409 7.24 22.94 -15.83
CA SER B 409 6.41 22.99 -14.60
C SER B 409 7.21 23.67 -13.50
N ILE B 410 8.49 23.33 -13.38
CA ILE B 410 9.35 23.91 -12.31
C ILE B 410 9.60 25.39 -12.61
N LYS B 411 9.84 25.75 -13.88
CA LYS B 411 10.00 27.16 -14.33
C LYS B 411 8.73 27.96 -13.99
N LYS B 412 7.54 27.48 -14.31
CA LYS B 412 6.27 28.17 -13.97
C LYS B 412 6.13 28.36 -12.45
N VAL B 413 6.33 27.31 -11.65
CA VAL B 413 6.17 27.39 -10.17
C VAL B 413 7.24 28.34 -9.59
N ASN B 414 8.46 28.24 -10.08
CA ASN B 414 9.57 29.13 -9.61
C ASN B 414 9.26 30.61 -9.93
N ARG B 415 8.67 30.89 -11.09
CA ARG B 415 8.31 32.27 -11.48
C ARG B 415 7.24 32.79 -10.51
N PHE B 416 6.22 31.98 -10.22
CA PHE B 416 5.21 32.34 -9.20
C PHE B 416 5.92 32.66 -7.87
N ILE B 417 6.75 31.74 -7.39
CA ILE B 417 7.43 31.89 -6.07
C ILE B 417 8.23 33.20 -6.05
N ARG B 418 9.11 33.43 -7.02
CA ARG B 418 9.97 34.65 -7.08
C ARG B 418 9.11 35.92 -7.05
N LYS B 419 8.00 35.94 -7.77
CA LYS B 419 7.06 37.10 -7.83
C LYS B 419 6.42 37.33 -6.45
N GLU B 420 6.20 36.29 -5.64
CA GLU B 420 5.33 36.40 -4.42
C GLU B 420 6.15 36.30 -3.12
N GLN B 421 7.38 35.76 -3.18
CA GLN B 421 8.09 35.21 -1.99
C GLN B 421 8.18 36.26 -0.86
N LYS B 422 8.34 37.55 -1.20
CA LYS B 422 8.51 38.65 -0.22
C LYS B 422 7.28 38.68 0.72
N ASP B 423 6.09 38.54 0.18
CA ASP B 423 4.82 38.55 0.95
C ASP B 423 4.50 37.12 1.40
N LEU B 424 4.55 36.16 0.48
CA LEU B 424 4.10 34.77 0.76
C LEU B 424 4.88 34.18 1.94
N LEU B 425 6.19 34.41 2.05
CA LEU B 425 7.01 33.81 3.11
C LEU B 425 6.61 34.34 4.49
N ARG B 426 5.96 35.50 4.55
CA ARG B 426 5.59 36.15 5.84
C ARG B 426 4.11 35.89 6.13
N THR B 427 3.45 34.98 5.40
CA THR B 427 2.02 34.70 5.67
C THR B 427 1.91 33.46 6.54
N ASN B 428 0.85 33.40 7.34
CA ASN B 428 0.51 32.17 8.08
C ASN B 428 -0.98 31.95 7.93
N VAL B 429 -1.42 30.73 8.25
CA VAL B 429 -2.86 30.41 8.38
C VAL B 429 -3.30 30.81 9.80
N ASN B 430 -4.60 31.01 10.00
CA ASN B 430 -5.12 31.38 11.33
C ASN B 430 -5.62 30.09 11.97
N SER B 431 -4.83 29.42 12.77
CA SER B 431 -5.27 28.16 13.42
C SER B 431 -5.87 28.47 14.79
N GLU B 432 -7.13 28.11 14.99
CA GLU B 432 -7.82 28.18 16.30
C GLU B 432 -7.89 26.77 16.90
N ILE B 433 -7.46 25.76 16.13
CA ILE B 433 -7.38 24.33 16.57
C ILE B 433 -5.91 23.97 16.75
N CYS B 434 -5.56 23.40 17.89
CA CYS B 434 -4.23 22.83 18.16
C CYS B 434 -4.38 21.32 18.37
N VAL B 435 -3.50 20.55 17.80
CA VAL B 435 -3.48 19.08 17.95
C VAL B 435 -2.17 18.70 18.64
N GLY B 436 -2.29 17.97 19.73
CA GLY B 436 -1.14 17.54 20.54
C GLY B 436 -0.35 16.43 19.86
N PHE B 437 0.98 16.55 19.91
CA PHE B 437 1.99 15.59 19.44
C PHE B 437 2.65 15.03 20.69
N TYR B 438 2.26 13.82 21.03
CA TYR B 438 2.75 13.09 22.22
C TYR B 438 3.77 12.09 21.72
N LYS B 439 5.03 12.46 21.79
CA LYS B 439 6.13 11.73 21.09
C LYS B 439 6.24 10.28 21.54
N PRO B 440 6.05 9.91 22.83
CA PRO B 440 6.21 8.51 23.25
C PRO B 440 5.35 7.50 22.47
N TYR B 441 4.21 7.92 21.94
CA TYR B 441 3.35 7.02 21.13
C TYR B 441 4.07 6.61 19.83
N PHE B 442 5.05 7.41 19.39
CA PHE B 442 5.78 7.30 18.09
C PHE B 442 7.05 6.46 18.28
N PHE B 443 7.42 6.21 19.52
CA PHE B 443 8.72 5.60 19.88
C PHE B 443 8.57 4.09 19.78
N THR B 444 8.36 3.55 18.57
CA THR B 444 8.10 2.10 18.40
C THR B 444 8.85 1.50 17.22
N GLU B 445 9.90 2.14 16.66
CA GLU B 445 10.48 1.69 15.36
C GLU B 445 11.11 0.29 15.50
N LEU B 446 11.41 -0.13 16.72
CA LEU B 446 12.04 -1.45 17.02
C LEU B 446 10.98 -2.52 17.34
N ILE B 447 9.72 -2.14 17.57
CA ILE B 447 8.70 -3.12 18.05
C ILE B 447 7.43 -3.09 17.23
N SER B 448 7.14 -1.99 16.54
CA SER B 448 5.87 -1.86 15.77
C SER B 448 6.00 -0.77 14.72
N SER B 449 5.92 -1.15 13.45
CA SER B 449 6.07 -0.23 12.30
C SER B 449 5.52 -0.86 11.01
N GLN B 450 5.33 -0.05 9.97
CA GLN B 450 4.80 -0.52 8.66
C GLN B 450 5.87 -1.37 7.97
N LEU B 451 7.15 -1.23 8.34
CA LEU B 451 8.29 -1.93 7.67
C LEU B 451 8.75 -3.13 8.49
N LEU B 452 8.80 -3.02 9.82
CA LEU B 452 8.98 -4.19 10.72
C LEU B 452 7.77 -5.11 10.46
N LYS B 453 7.99 -6.32 9.94
CA LYS B 453 6.87 -7.22 9.48
C LYS B 453 6.53 -8.28 10.55
N GLU B 454 7.46 -8.63 11.46
CA GLU B 454 7.08 -9.34 12.72
C GLU B 454 6.98 -8.32 13.88
N LYS B 455 5.73 -8.01 14.28
CA LYS B 455 5.38 -7.12 15.42
C LYS B 455 5.88 -7.73 16.75
N LYS B 456 6.69 -7.00 17.50
CA LYS B 456 7.07 -7.34 18.89
C LYS B 456 6.07 -6.77 19.89
N LEU B 457 5.29 -5.75 19.50
CA LEU B 457 4.30 -5.10 20.40
C LEU B 457 2.91 -5.66 20.10
N ASN B 458 2.32 -6.37 21.08
CA ASN B 458 0.90 -6.80 21.06
C ASN B 458 0.31 -6.36 22.40
N VAL B 459 -0.40 -5.23 22.41
CA VAL B 459 -0.80 -4.53 23.67
C VAL B 459 -1.78 -5.42 24.45
N GLU B 460 -2.51 -6.31 23.76
CA GLU B 460 -3.48 -7.23 24.44
C GLU B 460 -2.72 -8.08 25.46
N GLU B 461 -1.49 -8.48 25.15
CA GLU B 461 -0.68 -9.32 26.06
C GLU B 461 -0.30 -8.52 27.31
N LEU B 462 -0.44 -7.20 27.29
CA LEU B 462 -0.08 -6.31 28.42
C LEU B 462 -1.34 -5.86 29.17
N GLY B 463 -2.52 -6.35 28.81
CA GLY B 463 -3.81 -5.94 29.42
C GLY B 463 -4.29 -4.59 28.90
N LEU B 464 -3.87 -4.18 27.71
CA LEU B 464 -4.25 -2.89 27.07
C LEU B 464 -5.02 -3.23 25.79
N TYR B 465 -5.79 -2.30 25.25
CA TYR B 465 -6.48 -2.51 23.94
C TYR B 465 -6.17 -1.42 22.94
N ILE B 466 -5.53 -0.30 23.31
CA ILE B 466 -5.27 0.82 22.36
C ILE B 466 -3.79 0.82 22.01
N ASP B 467 -3.49 0.39 20.80
CA ASP B 467 -2.11 0.25 20.30
C ASP B 467 -1.66 1.65 19.88
N PRO B 468 -0.48 2.13 20.30
CA PRO B 468 -0.09 3.48 19.98
C PRO B 468 0.15 3.74 18.49
N ARG B 469 0.52 2.71 17.71
CA ARG B 469 0.74 2.89 16.25
C ARG B 469 -0.61 2.96 15.54
N PHE B 470 -1.53 2.09 15.90
CA PHE B 470 -2.90 2.18 15.36
C PHE B 470 -3.46 3.58 15.70
N LEU B 471 -3.30 4.02 16.95
CA LEU B 471 -3.78 5.36 17.39
C LEU B 471 -3.14 6.43 16.51
N ARG B 472 -1.81 6.47 16.44
CA ARG B 472 -1.14 7.62 15.77
C ARG B 472 -1.36 7.55 14.26
N GLU B 473 -1.51 6.36 13.65
CA GLU B 473 -1.67 6.23 12.17
C GLU B 473 -3.13 6.43 11.73
N GLU B 474 -4.07 5.74 12.38
CA GLU B 474 -5.48 5.63 11.91
C GLU B 474 -6.37 6.69 12.56
N ILE B 475 -6.19 6.99 13.84
CA ILE B 475 -7.07 7.93 14.60
C ILE B 475 -6.52 9.35 14.40
N LEU B 476 -5.21 9.51 14.45
CA LEU B 476 -4.55 10.84 14.30
C LEU B 476 -4.32 11.19 12.81
N PHE B 477 -3.36 10.52 12.17
CA PHE B 477 -2.76 10.94 10.89
C PHE B 477 -3.78 10.85 9.75
N ASN B 478 -4.31 9.65 9.53
CA ASN B 478 -5.30 9.35 8.46
C ASN B 478 -6.71 9.69 8.94
N GLY B 479 -6.88 9.98 10.22
CA GLY B 479 -8.18 10.25 10.83
C GLY B 479 -8.36 11.73 11.05
N LEU B 480 -7.98 12.24 12.22
CA LEU B 480 -8.25 13.64 12.60
C LEU B 480 -7.56 14.60 11.65
N LEU B 481 -6.27 14.43 11.40
CA LEU B 481 -5.54 15.43 10.57
C LEU B 481 -6.12 15.42 9.16
N ARG B 482 -6.42 14.23 8.63
CA ARG B 482 -7.00 14.08 7.26
C ARG B 482 -8.38 14.74 7.27
N GLY B 483 -9.13 14.53 8.34
CA GLY B 483 -10.50 15.06 8.42
C GLY B 483 -10.53 16.59 8.50
N LEU B 484 -9.64 17.21 9.31
CA LEU B 484 -9.59 18.69 9.45
C LEU B 484 -9.18 19.31 8.10
N GLN B 485 -8.19 18.70 7.44
CA GLN B 485 -7.74 19.20 6.12
C GLN B 485 -8.87 19.09 5.09
N THR B 486 -9.60 17.98 5.09
CA THR B 486 -10.71 17.75 4.14
C THR B 486 -11.82 18.78 4.38
N LEU B 487 -12.04 19.12 5.66
CA LEU B 487 -13.14 20.01 6.10
C LEU B 487 -12.67 21.46 5.96
N ASN B 488 -11.40 21.64 5.64
CA ASN B 488 -10.77 22.97 5.42
C ASN B 488 -10.75 23.74 6.74
N TYR B 489 -10.51 23.05 7.85
CA TYR B 489 -10.23 23.69 9.18
C TYR B 489 -8.72 23.77 9.37
N ASN B 490 -8.17 24.97 9.57
CA ASN B 490 -6.73 25.13 9.93
C ASN B 490 -6.49 24.46 11.28
N TYR B 491 -5.43 23.69 11.39
CA TYR B 491 -4.86 23.25 12.68
C TYR B 491 -3.37 23.55 12.73
N ASP B 492 -2.88 23.71 13.95
CA ASP B 492 -1.44 23.63 14.28
C ASP B 492 -1.20 22.39 15.14
N VAL B 493 0.03 21.86 15.08
CA VAL B 493 0.48 20.75 15.95
C VAL B 493 1.41 21.35 16.98
N VAL B 494 1.34 20.89 18.22
CA VAL B 494 2.30 21.32 19.27
C VAL B 494 2.92 20.10 19.96
N ASP B 495 4.24 20.13 20.12
CA ASP B 495 5.00 19.09 20.85
C ASP B 495 4.65 19.23 22.33
N LEU B 496 4.04 18.22 22.93
CA LEU B 496 3.57 18.34 24.34
C LEU B 496 4.76 18.25 25.32
N GLU B 497 5.95 17.83 24.88
CA GLU B 497 7.12 17.67 25.81
C GLU B 497 7.68 19.06 26.15
N ASN B 498 7.80 19.35 27.45
CA ASN B 498 8.27 20.64 28.00
C ASN B 498 7.41 21.78 27.47
N CYS B 499 6.15 21.52 27.15
CA CYS B 499 5.30 22.49 26.41
C CYS B 499 4.91 23.63 27.36
N ASP B 500 5.05 24.85 26.89
CA ASP B 500 4.65 26.09 27.60
C ASP B 500 3.12 26.14 27.66
N LEU B 501 2.50 26.29 28.85
CA LEU B 501 1.04 26.52 29.00
C LEU B 501 0.60 27.67 28.08
N LYS B 502 1.40 28.73 28.01
CA LYS B 502 1.02 29.98 27.28
C LYS B 502 0.93 29.71 25.78
N SER B 503 1.66 28.73 25.24
CA SER B 503 1.58 28.37 23.79
C SER B 503 0.34 27.51 23.50
N LEU B 504 -0.42 27.08 24.50
CA LEU B 504 -1.69 26.33 24.29
C LEU B 504 -2.89 27.29 24.38
N THR B 505 -2.79 28.37 25.17
CA THR B 505 -3.93 29.26 25.54
C THR B 505 -4.38 30.14 24.36
N ALA B 506 -3.55 30.34 23.32
CA ALA B 506 -3.93 31.12 22.12
C ALA B 506 -5.03 30.42 21.30
N TYR B 507 -5.18 29.11 21.43
CA TYR B 507 -6.07 28.25 20.61
C TYR B 507 -7.44 28.13 21.30
N LYS B 508 -8.51 28.12 20.52
CA LYS B 508 -9.89 27.88 21.02
C LYS B 508 -10.11 26.41 21.36
N GLN B 509 -9.36 25.47 20.79
CA GLN B 509 -9.52 24.03 21.13
C GLN B 509 -8.18 23.32 21.02
N LEU B 510 -7.92 22.47 21.99
CA LEU B 510 -6.77 21.55 21.97
C LEU B 510 -7.33 20.15 21.83
N TRP B 511 -6.92 19.43 20.80
CA TRP B 511 -7.33 18.02 20.56
C TRP B 511 -6.22 17.07 20.98
N ILE B 512 -6.52 16.11 21.84
CA ILE B 512 -5.54 15.07 22.27
C ILE B 512 -6.10 13.68 21.93
N THR B 513 -5.41 12.97 21.08
CA THR B 513 -5.64 11.56 20.76
C THR B 513 -4.80 10.77 21.77
N SER B 514 -5.47 10.14 22.74
CA SER B 514 -4.84 9.54 23.95
C SER B 514 -5.04 8.02 23.94
N ALA B 515 -3.96 7.26 24.17
CA ALA B 515 -4.02 5.83 24.57
C ALA B 515 -4.28 5.73 26.09
N GLU B 516 -4.08 4.54 26.65
CA GLU B 516 -4.34 4.29 28.09
C GLU B 516 -3.13 4.77 28.91
N PHE B 517 -2.06 5.22 28.24
CA PHE B 517 -0.83 5.66 28.95
C PHE B 517 -0.46 7.06 28.50
N MET B 518 0.07 7.83 29.45
CA MET B 518 0.49 9.25 29.26
C MET B 518 1.23 9.71 30.51
N ASP B 519 2.39 10.32 30.36
CA ASP B 519 3.29 10.63 31.52
C ASP B 519 2.66 11.71 32.39
N ALA B 520 3.12 11.80 33.63
CA ALA B 520 2.55 12.68 34.67
C ALA B 520 2.66 14.14 34.19
N GLU B 521 3.79 14.50 33.56
CA GLU B 521 4.05 15.90 33.13
C GLU B 521 2.95 16.30 32.13
N THR B 522 2.64 15.43 31.16
CA THR B 522 1.63 15.75 30.12
C THR B 522 0.25 15.74 30.75
N GLN B 523 -0.04 14.79 31.63
CA GLN B 523 -1.35 14.73 32.34
C GLN B 523 -1.55 16.04 33.10
N ASN B 524 -0.49 16.50 33.77
CA ASN B 524 -0.48 17.75 34.58
C ASN B 524 -0.75 18.94 33.65
N LEU B 525 -0.02 19.02 32.52
CA LEU B 525 -0.12 20.12 31.54
C LEU B 525 -1.58 20.24 31.06
N LEU B 526 -2.20 19.12 30.71
CA LEU B 526 -3.58 19.15 30.16
C LEU B 526 -4.56 19.54 31.27
N SER B 527 -4.35 19.08 32.51
CA SER B 527 -5.19 19.45 33.68
C SER B 527 -5.17 20.97 33.83
N GLU B 528 -3.96 21.54 33.89
CA GLU B 528 -3.73 23.00 34.05
C GLU B 528 -4.39 23.71 32.87
N PHE B 529 -4.21 23.18 31.65
CA PHE B 529 -4.78 23.81 30.43
C PHE B 529 -6.27 24.03 30.63
N VAL B 530 -7.02 22.99 30.98
CA VAL B 530 -8.50 23.12 31.13
C VAL B 530 -8.81 24.02 32.34
N LEU B 531 -8.17 23.80 33.48
CA LEU B 531 -8.52 24.55 34.73
C LEU B 531 -8.40 26.07 34.49
N ASN B 532 -7.42 26.51 33.71
CA ASN B 532 -7.15 27.94 33.44
C ASN B 532 -8.02 28.48 32.29
N GLY B 533 -8.96 27.69 31.76
CA GLY B 533 -9.94 28.15 30.77
C GLY B 533 -9.78 27.56 29.38
N GLY B 534 -8.92 26.55 29.17
CA GLY B 534 -8.79 25.86 27.87
C GLY B 534 -9.93 24.89 27.61
N ASN B 535 -10.24 24.65 26.32
CA ASN B 535 -11.26 23.70 25.81
C ASN B 535 -10.56 22.48 25.22
N LEU B 536 -10.68 21.34 25.89
CA LEU B 536 -9.93 20.12 25.58
C LEU B 536 -10.90 19.12 24.98
N ILE B 537 -10.56 18.55 23.83
CA ILE B 537 -11.26 17.38 23.24
C ILE B 537 -10.30 16.22 23.36
N LEU B 538 -10.72 15.15 24.03
CA LEU B 538 -9.84 14.01 24.36
C LEU B 538 -10.57 12.71 24.02
N TYR B 539 -9.87 11.83 23.30
CA TYR B 539 -10.36 10.48 22.92
C TYR B 539 -9.18 9.68 22.37
N PRO B 540 -9.30 8.35 22.23
CA PRO B 540 -10.44 7.57 22.72
C PRO B 540 -10.46 7.12 24.20
N ALA B 541 -9.47 7.52 24.98
CA ALA B 541 -9.36 7.06 26.38
C ALA B 541 -8.84 8.21 27.25
N VAL B 542 -9.46 8.40 28.39
CA VAL B 542 -8.79 9.01 29.57
C VAL B 542 -7.64 8.06 29.91
N PRO B 543 -6.37 8.52 29.92
CA PRO B 543 -5.26 7.64 30.28
C PRO B 543 -5.30 7.32 31.79
N THR B 544 -4.80 6.16 32.19
CA THR B 544 -4.71 5.74 33.61
C THR B 544 -3.29 5.26 33.95
N LEU B 545 -2.35 5.29 33.00
CA LEU B 545 -0.98 4.79 33.20
C LEU B 545 0.01 5.83 32.70
N ASP B 546 1.26 5.68 33.12
CA ASP B 546 2.40 6.52 32.68
C ASP B 546 3.09 5.74 31.56
N ASN B 547 4.19 6.27 31.05
CA ASN B 547 4.94 5.64 29.93
C ASN B 547 5.48 4.25 30.29
N TYR B 548 5.62 3.93 31.58
CA TYR B 548 6.13 2.61 32.03
C TYR B 548 4.94 1.73 32.40
N LEU B 549 3.71 2.19 32.11
CA LEU B 549 2.48 1.43 32.37
C LEU B 549 2.30 1.22 33.87
N ASN B 550 2.76 2.17 34.69
CA ASN B 550 2.47 2.22 36.15
C ASN B 550 1.32 3.21 36.37
N ARG B 551 0.51 2.97 37.40
CA ARG B 551 -0.69 3.77 37.73
C ARG B 551 -0.36 5.28 37.61
N CYS B 552 -1.11 6.01 36.80
CA CYS B 552 -1.05 7.49 36.77
C CYS B 552 -2.39 8.04 36.27
N GLU B 553 -3.17 8.60 37.18
CA GLU B 553 -4.57 9.01 36.99
C GLU B 553 -4.70 10.49 37.34
N ILE B 554 -3.65 11.26 37.13
CA ILE B 554 -3.66 12.73 37.40
C ILE B 554 -4.82 13.38 36.63
N LEU B 555 -4.91 13.16 35.32
CA LEU B 555 -5.92 13.89 34.50
C LEU B 555 -7.33 13.42 34.92
N LYS B 556 -7.49 12.11 35.07
CA LYS B 556 -8.76 11.42 35.44
C LYS B 556 -9.25 12.01 36.76
N ASN B 557 -8.41 12.01 37.80
CA ASN B 557 -8.79 12.54 39.14
C ASN B 557 -9.00 14.06 39.09
N ASN B 558 -8.14 14.83 38.42
CA ASN B 558 -8.28 16.31 38.34
C ASN B 558 -9.61 16.68 37.67
N PHE B 559 -10.10 15.88 36.74
CA PHE B 559 -11.33 16.17 35.96
C PHE B 559 -12.55 15.48 36.57
N GLY B 560 -12.41 14.75 37.68
CA GLY B 560 -13.55 14.08 38.33
C GLY B 560 -14.20 13.02 37.43
N ILE B 561 -13.37 12.30 36.69
CA ILE B 561 -13.84 11.27 35.73
C ILE B 561 -13.82 9.89 36.41
N GLU B 562 -14.89 9.13 36.22
CA GLU B 562 -14.98 7.71 36.62
C GLU B 562 -15.48 6.93 35.41
N PHE B 563 -14.92 5.76 35.15
CA PHE B 563 -15.35 4.94 34.00
C PHE B 563 -15.13 3.47 34.31
N ILE B 564 -15.88 2.64 33.61
CA ILE B 564 -15.65 1.17 33.47
C ILE B 564 -15.42 0.94 31.97
N THR B 565 -14.49 0.06 31.61
CA THR B 565 -14.32 -0.37 30.21
C THR B 565 -15.28 -1.52 29.92
N LYS B 566 -16.18 -1.36 28.97
CA LYS B 566 -17.21 -2.38 28.62
C LYS B 566 -17.23 -2.64 27.11
N ASP B 567 -17.47 -3.90 26.73
CA ASP B 567 -17.67 -4.37 25.34
C ASP B 567 -19.03 -3.94 24.81
N SER B 568 -19.10 -3.45 23.58
CA SER B 568 -20.36 -3.13 22.89
C SER B 568 -20.12 -3.18 21.37
N SER B 569 -21.19 -3.07 20.59
CA SER B 569 -21.16 -2.88 19.11
C SER B 569 -20.16 -1.78 18.75
N HIS B 570 -19.46 -1.95 17.62
CA HIS B 570 -18.49 -0.99 17.04
C HIS B 570 -19.13 0.39 16.86
N LYS B 571 -20.43 0.45 16.62
CA LYS B 571 -21.10 1.74 16.29
C LYS B 571 -21.66 2.42 17.55
N VAL B 572 -21.52 3.74 17.63
CA VAL B 572 -22.12 4.57 18.70
C VAL B 572 -22.93 5.68 18.06
N SER B 573 -23.72 6.38 18.86
CA SER B 573 -24.28 7.69 18.48
C SER B 573 -23.50 8.74 19.25
N ALA B 574 -23.32 9.92 18.65
CA ALA B 574 -22.50 11.01 19.21
C ALA B 574 -23.03 12.31 18.66
N PHE B 575 -23.47 13.19 19.55
CA PHE B 575 -24.06 14.51 19.19
C PHE B 575 -25.19 14.32 18.15
N GLY B 576 -26.02 13.30 18.36
CA GLY B 576 -27.20 13.03 17.52
C GLY B 576 -26.82 12.41 16.18
N ILE B 577 -25.53 12.19 15.92
CA ILE B 577 -25.12 11.44 14.71
C ILE B 577 -25.19 9.96 15.05
N GLU B 578 -26.03 9.22 14.33
CA GLU B 578 -26.25 7.75 14.47
C GLU B 578 -25.23 6.99 13.64
N ASP B 579 -24.91 5.76 14.03
CA ASP B 579 -24.03 4.82 13.28
C ASP B 579 -22.65 5.45 13.02
N VAL B 580 -22.03 6.01 14.05
CA VAL B 580 -20.60 6.38 14.04
C VAL B 580 -19.81 5.08 14.26
N PHE B 581 -19.07 4.65 13.26
CA PHE B 581 -18.24 3.43 13.39
C PHE B 581 -17.02 3.75 14.27
N THR B 582 -16.73 2.92 15.26
CA THR B 582 -15.56 3.07 16.15
C THR B 582 -14.69 1.83 16.04
N ALA B 583 -13.41 1.96 16.33
CA ALA B 583 -12.40 0.93 16.02
C ALA B 583 -12.49 -0.24 16.99
N PHE B 584 -13.01 -0.04 18.22
CA PHE B 584 -12.92 -1.01 19.33
C PHE B 584 -14.30 -1.36 19.88
N SER B 585 -14.45 -2.64 20.20
CA SER B 585 -15.57 -3.16 21.00
C SER B 585 -15.53 -2.53 22.41
N LYS B 586 -14.36 -2.54 23.03
CA LYS B 586 -14.13 -1.96 24.38
C LYS B 586 -14.27 -0.43 24.28
N LYS B 587 -15.08 0.18 25.15
CA LYS B 587 -15.26 1.65 25.25
C LYS B 587 -15.23 2.06 26.73
N GLN B 588 -14.85 3.30 27.00
CA GLN B 588 -15.00 3.88 28.36
C GLN B 588 -16.44 4.31 28.54
N ILE B 589 -17.10 3.80 29.59
CA ILE B 589 -18.47 4.19 30.00
C ILE B 589 -18.34 5.08 31.23
N TYR B 590 -18.77 6.33 31.13
CA TYR B 590 -18.47 7.43 32.07
C TYR B 590 -19.64 7.62 33.02
N ASN B 591 -19.32 7.75 34.30
CA ASN B 591 -20.22 8.33 35.31
C ASN B 591 -20.52 9.76 34.86
N ASP B 592 -21.80 10.13 34.81
CA ASP B 592 -22.26 11.41 34.19
C ASP B 592 -22.62 12.43 35.28
N THR B 593 -22.29 12.16 36.55
CA THR B 593 -22.46 13.16 37.62
C THR B 593 -21.76 14.46 37.17
N ASN B 594 -22.51 15.56 37.23
CA ASN B 594 -21.99 16.91 36.95
C ASN B 594 -21.47 16.99 35.50
N SER B 595 -22.06 16.24 34.59
CA SER B 595 -21.56 16.03 33.21
C SER B 595 -22.77 16.06 32.29
N LYS B 596 -22.59 16.36 31.02
CA LYS B 596 -23.61 16.16 29.98
C LYS B 596 -23.20 15.01 29.07
N PRO B 597 -24.03 13.93 29.01
CA PRO B 597 -23.74 12.82 28.13
C PRO B 597 -24.00 13.25 26.68
N ILE B 598 -23.06 12.95 25.77
CA ILE B 598 -23.18 13.39 24.35
C ILE B 598 -22.93 12.22 23.39
N ALA B 599 -22.63 11.04 23.91
CA ALA B 599 -22.39 9.84 23.08
C ALA B 599 -22.91 8.61 23.82
N PHE B 600 -23.45 7.64 23.07
CA PHE B 600 -24.15 6.46 23.62
C PHE B 600 -23.82 5.21 22.82
N THR B 601 -23.63 4.10 23.50
CA THR B 601 -23.47 2.76 22.88
C THR B 601 -24.82 2.31 22.32
N GLN B 602 -24.85 1.19 21.63
CA GLN B 602 -26.09 0.62 21.04
C GLN B 602 -27.05 0.26 22.18
N GLU B 603 -26.55 0.01 23.40
CA GLU B 603 -27.37 -0.35 24.59
C GLU B 603 -27.54 0.90 25.46
N ASN B 604 -27.29 2.10 24.91
CA ASN B 604 -27.54 3.44 25.50
C ASN B 604 -26.71 3.69 26.76
N GLU B 605 -25.56 3.04 26.91
CA GLU B 605 -24.55 3.41 27.93
C GLU B 605 -23.79 4.65 27.45
N ILE B 606 -23.40 5.50 28.40
CA ILE B 606 -22.73 6.80 28.13
C ILE B 606 -21.25 6.56 27.83
N CYS B 607 -20.86 6.74 26.56
CA CYS B 607 -19.43 6.59 26.14
C CYS B 607 -18.86 7.94 25.68
N GLY B 608 -19.50 9.05 26.02
CA GLY B 608 -18.86 10.38 25.90
C GLY B 608 -19.57 11.42 26.73
N ILE B 609 -18.83 12.38 27.30
CA ILE B 609 -19.43 13.44 28.15
C ILE B 609 -18.80 14.79 27.87
N ARG B 610 -19.53 15.84 28.20
CA ARG B 610 -18.99 17.21 28.30
C ARG B 610 -19.17 17.72 29.73
N LYS B 611 -18.24 18.55 30.14
CA LYS B 611 -18.13 19.00 31.54
C LYS B 611 -17.42 20.35 31.56
N LYS B 612 -17.72 21.15 32.57
CA LYS B 612 -16.89 22.33 32.92
C LYS B 612 -15.92 21.94 34.02
N ILE B 613 -14.67 22.36 33.90
CA ILE B 613 -13.66 22.19 34.97
C ILE B 613 -12.92 23.53 35.10
N GLY B 614 -12.97 24.10 36.30
CA GLY B 614 -12.46 25.46 36.58
C GLY B 614 -13.07 26.37 35.57
N LYS B 615 -12.25 27.08 34.80
CA LYS B 615 -12.72 28.07 33.79
C LYS B 615 -12.88 27.39 32.42
N GLY B 616 -12.51 26.12 32.28
CA GLY B 616 -12.39 25.45 30.98
C GLY B 616 -13.53 24.49 30.68
N GLU B 617 -13.43 23.82 29.54
CA GLU B 617 -14.41 22.83 29.07
C GLU B 617 -13.68 21.54 28.70
N LEU B 618 -14.33 20.42 28.98
CA LEU B 618 -13.83 19.08 28.65
C LEU B 618 -14.87 18.37 27.77
N THR B 619 -14.43 17.80 26.64
CA THR B 619 -15.19 16.79 25.87
C THR B 619 -14.34 15.52 25.84
N ILE B 620 -14.85 14.44 26.44
CA ILE B 620 -14.21 13.10 26.42
C ILE B 620 -15.11 12.13 25.63
N LEU B 621 -14.53 11.43 24.67
CA LEU B 621 -15.19 10.36 23.89
C LEU B 621 -14.45 9.06 24.19
N GLY B 622 -15.15 8.10 24.76
CA GLY B 622 -14.57 6.80 25.16
C GLY B 622 -14.55 5.84 24.00
N PHE B 623 -14.32 6.32 22.78
CA PHE B 623 -14.32 5.49 21.56
C PHE B 623 -13.40 6.12 20.54
N ALA B 624 -12.88 5.28 19.65
CA ALA B 624 -11.87 5.60 18.64
C ALA B 624 -12.55 5.67 17.27
N PHE B 625 -12.53 6.83 16.63
CA PHE B 625 -13.01 7.01 15.24
C PHE B 625 -11.88 7.65 14.46
N GLY B 626 -11.71 7.21 13.22
CA GLY B 626 -10.79 7.84 12.26
C GLY B 626 -11.58 8.63 11.25
N TYR B 627 -11.21 8.52 9.98
CA TYR B 627 -12.07 9.04 8.88
C TYR B 627 -12.26 7.92 7.86
N THR B 628 -13.32 7.15 8.02
CA THR B 628 -13.68 6.04 7.10
C THR B 628 -15.16 6.13 6.74
N SER B 629 -15.86 7.19 7.14
CA SER B 629 -17.27 7.39 6.81
C SER B 629 -17.56 8.88 6.77
N ASP B 630 -18.68 9.26 6.15
CA ASP B 630 -19.21 10.65 6.17
C ASP B 630 -19.59 11.01 7.62
N GLU B 631 -20.00 10.04 8.43
CA GLU B 631 -20.35 10.30 9.85
C GLU B 631 -19.12 10.82 10.61
N HIS B 632 -17.94 10.31 10.32
CA HIS B 632 -16.68 10.77 10.92
C HIS B 632 -16.46 12.27 10.63
N LEU B 633 -16.64 12.72 9.38
CA LEU B 633 -16.53 14.16 9.02
C LEU B 633 -17.58 14.97 9.76
N GLU B 634 -18.81 14.45 9.88
CA GLU B 634 -19.90 15.14 10.61
C GLU B 634 -19.51 15.33 12.07
N LEU B 635 -18.93 14.28 12.69
CA LEU B 635 -18.54 14.28 14.13
C LEU B 635 -17.40 15.29 14.34
N ILE B 636 -16.37 15.25 13.50
CA ILE B 636 -15.23 16.21 13.61
C ILE B 636 -15.81 17.61 13.46
N ASP B 637 -16.66 17.82 12.48
CA ASP B 637 -17.33 19.13 12.24
C ASP B 637 -18.14 19.58 13.46
N LYS B 638 -18.95 18.72 14.05
CA LYS B 638 -19.73 19.09 15.27
C LYS B 638 -18.78 19.47 16.42
N LEU B 639 -17.68 18.73 16.59
CA LEU B 639 -16.72 18.97 17.68
C LEU B 639 -16.07 20.34 17.52
N VAL B 640 -15.60 20.65 16.31
CA VAL B 640 -15.00 21.97 15.99
C VAL B 640 -16.05 23.04 16.30
N LYS B 641 -17.30 22.83 15.91
CA LYS B 641 -18.35 23.88 16.09
C LYS B 641 -18.75 24.00 17.56
N LEU B 642 -18.35 23.08 18.47
CA LEU B 642 -18.67 23.27 19.91
C LEU B 642 -18.10 24.61 20.39
N ASN B 643 -16.99 25.08 19.83
CA ASN B 643 -16.37 26.36 20.26
C ASN B 643 -16.50 27.37 19.12
N LYS B 644 -17.46 27.17 18.23
CA LYS B 644 -17.90 28.19 17.25
C LYS B 644 -16.72 28.55 16.34
N ILE B 645 -15.90 27.56 15.97
CA ILE B 645 -14.74 27.77 15.07
C ILE B 645 -15.29 27.76 13.64
N LYS B 646 -14.90 28.75 12.85
CA LYS B 646 -15.45 28.93 11.48
C LYS B 646 -14.34 28.68 10.47
N ARG B 647 -14.67 28.06 9.32
CA ARG B 647 -13.82 28.07 8.10
C ARG B 647 -13.61 29.51 7.64
N GLU B 648 -12.47 29.79 7.00
CA GLU B 648 -12.16 31.16 6.46
C GLU B 648 -13.07 31.47 5.27
N LEU B 649 -13.51 30.47 4.51
CA LEU B 649 -14.33 30.69 3.29
C LEU B 649 -15.54 29.78 3.33
N PHE B 650 -16.60 30.21 2.64
CA PHE B 650 -17.73 29.36 2.18
C PHE B 650 -17.46 29.07 0.70
N VAL B 651 -17.21 27.80 0.39
CA VAL B 651 -16.92 27.32 -0.99
C VAL B 651 -18.05 26.39 -1.40
N SER B 652 -18.65 26.61 -2.57
CA SER B 652 -19.89 25.92 -2.99
C SER B 652 -19.65 24.42 -3.10
N ASP B 653 -18.43 23.97 -3.40
CA ASP B 653 -18.09 22.53 -3.59
C ASP B 653 -17.23 22.10 -2.39
N LYS B 654 -17.73 21.17 -1.57
CA LYS B 654 -17.07 20.77 -0.30
C LYS B 654 -15.81 19.93 -0.60
N ASP B 655 -15.69 19.41 -1.83
CA ASP B 655 -14.55 18.57 -2.28
C ASP B 655 -13.37 19.44 -2.74
N ILE B 656 -13.54 20.76 -2.85
CA ILE B 656 -12.41 21.68 -3.12
C ILE B 656 -11.67 21.96 -1.79
N GLN B 657 -10.37 21.71 -1.75
CA GLN B 657 -9.54 22.13 -0.58
C GLN B 657 -9.05 23.57 -0.76
N PHE B 658 -9.03 24.32 0.33
CA PHE B 658 -8.50 25.69 0.28
C PHE B 658 -7.63 25.90 1.49
N VAL B 659 -6.61 26.74 1.29
CA VAL B 659 -5.77 27.31 2.38
C VAL B 659 -5.72 28.82 2.16
N VAL B 660 -6.16 29.55 3.17
CA VAL B 660 -6.04 31.02 3.25
C VAL B 660 -4.78 31.32 4.06
N ARG B 661 -3.81 31.98 3.43
CA ARG B 661 -2.57 32.45 4.11
C ARG B 661 -2.63 33.97 4.09
N GLU B 662 -2.36 34.60 5.23
CA GLU B 662 -2.37 36.07 5.30
C GLU B 662 -1.31 36.57 6.27
N ASN B 663 -0.99 37.86 6.08
CA ASN B 663 -0.27 38.73 7.04
C ASN B 663 -1.07 40.03 7.11
N ASN B 664 -0.49 41.14 7.61
CA ASN B 664 -1.29 42.39 7.86
C ASN B 664 -1.80 42.94 6.53
N LYS B 665 -1.03 42.77 5.45
CA LYS B 665 -1.22 43.48 4.14
C LYS B 665 -1.79 42.54 3.07
N SER B 666 -1.41 41.25 3.09
CA SER B 666 -1.57 40.31 1.96
C SER B 666 -2.42 39.09 2.38
N ARG B 667 -3.23 38.62 1.45
CA ARG B 667 -3.91 37.30 1.54
C ARG B 667 -3.66 36.54 0.24
N TYR B 668 -3.34 35.26 0.41
CA TYR B 668 -3.29 34.22 -0.66
C TYR B 668 -4.36 33.19 -0.35
N ILE B 669 -5.26 32.94 -1.30
CA ILE B 669 -6.18 31.78 -1.26
C ILE B 669 -5.64 30.77 -2.27
N PHE B 670 -5.25 29.61 -1.76
CA PHE B 670 -4.87 28.41 -2.54
C PHE B 670 -6.06 27.48 -2.62
N PHE B 671 -6.58 27.26 -3.82
CA PHE B 671 -7.61 26.23 -4.12
C PHE B 671 -6.94 25.04 -4.76
N LEU B 672 -7.26 23.86 -4.23
CA LEU B 672 -6.56 22.61 -4.61
C LEU B 672 -7.64 21.58 -4.95
N ASN B 673 -7.57 21.02 -6.16
CA ASN B 673 -8.55 20.03 -6.65
C ASN B 673 -7.81 18.70 -6.73
N TYR B 674 -7.96 17.88 -5.67
CA TYR B 674 -7.28 16.58 -5.49
C TYR B 674 -8.06 15.45 -6.18
N HIS B 675 -8.96 15.76 -7.12
CA HIS B 675 -9.95 14.80 -7.64
C HIS B 675 -9.80 14.71 -9.16
N ASN B 676 -10.14 13.55 -9.73
CA ASN B 676 -10.18 13.40 -11.19
C ASN B 676 -11.55 13.86 -11.70
N GLU B 677 -11.77 15.17 -11.64
CA GLU B 677 -13.05 15.83 -11.99
C GLU B 677 -12.76 17.31 -12.25
N ARG B 678 -13.24 17.85 -13.36
CA ARG B 678 -13.32 19.32 -13.57
C ARG B 678 -14.33 19.86 -12.58
N LYS B 679 -13.94 20.77 -11.68
CA LYS B 679 -14.91 21.38 -10.72
C LYS B 679 -15.05 22.87 -10.99
N THR B 680 -16.30 23.33 -11.05
CA THR B 680 -16.71 24.75 -11.09
C THR B 680 -17.40 25.02 -9.76
N PHE B 681 -17.02 26.11 -9.11
CA PHE B 681 -17.54 26.49 -7.78
C PHE B 681 -17.38 28.00 -7.60
N ASN B 682 -18.02 28.50 -6.55
CA ASN B 682 -17.84 29.90 -6.11
C ASN B 682 -17.50 29.86 -4.62
N TYR B 683 -16.96 30.95 -4.14
CA TYR B 683 -16.56 31.13 -2.73
C TYR B 683 -16.91 32.55 -2.33
N ARG B 684 -16.90 32.82 -1.03
CA ARG B 684 -17.05 34.18 -0.43
C ARG B 684 -16.40 34.04 0.94
N LYS B 685 -15.95 35.13 1.56
CA LYS B 685 -15.40 35.13 2.95
C LYS B 685 -16.49 34.61 3.89
N SER B 686 -16.11 34.08 5.04
CA SER B 686 -17.07 33.57 6.07
C SER B 686 -17.77 34.74 6.80
N ILE B 697 -15.36 29.90 -10.34
CA ILE B 697 -14.01 29.52 -10.86
C ILE B 697 -13.98 28.03 -11.23
N SER B 698 -13.21 27.68 -12.26
CA SER B 698 -13.06 26.29 -12.77
C SER B 698 -11.65 25.81 -12.55
N ILE B 699 -11.51 24.62 -11.98
CA ILE B 699 -10.19 24.00 -11.77
C ILE B 699 -10.21 22.65 -12.48
N ALA B 700 -9.16 22.36 -13.24
CA ALA B 700 -9.00 21.08 -13.95
C ALA B 700 -8.79 19.96 -12.92
N PRO B 701 -8.94 18.67 -13.31
CA PRO B 701 -8.56 17.57 -12.43
C PRO B 701 -7.15 17.75 -11.84
N PHE B 702 -6.95 17.39 -10.58
CA PHE B 702 -5.61 17.32 -9.96
C PHE B 702 -4.81 18.61 -10.17
N SER B 703 -5.43 19.75 -9.96
CA SER B 703 -4.92 21.06 -10.36
C SER B 703 -5.20 22.05 -9.24
N TYR B 704 -4.96 23.32 -9.49
CA TYR B 704 -4.87 24.35 -8.44
C TYR B 704 -5.28 25.70 -9.03
N LYS B 705 -5.58 26.61 -8.12
CA LYS B 705 -5.76 28.03 -8.47
C LYS B 705 -5.32 28.85 -7.26
N VAL B 706 -4.48 29.86 -7.49
CA VAL B 706 -4.05 30.80 -6.42
C VAL B 706 -4.67 32.18 -6.69
N ILE B 707 -5.28 32.77 -5.68
CA ILE B 707 -5.91 34.12 -5.70
C ILE B 707 -5.20 34.97 -4.65
N LYS B 708 -4.90 36.21 -4.99
CA LYS B 708 -4.30 37.21 -4.07
C LYS B 708 -5.38 38.23 -3.71
N GLU B 709 -5.46 38.62 -2.45
CA GLU B 709 -6.31 39.74 -1.98
C GLU B 709 -5.39 40.67 -1.20
N ASN B 710 -5.53 41.98 -1.44
CA ASN B 710 -5.01 43.04 -0.52
C ASN B 710 -6.09 43.18 0.55
N LYS B 711 -5.72 43.29 1.82
CA LYS B 711 -6.70 43.32 2.94
C LYS B 711 -7.20 44.76 3.17
C2 BGC C . -14.48 -7.31 -0.95
C3 BGC C . -13.37 -8.11 -1.64
C4 BGC C . -12.05 -7.39 -1.38
C5 BGC C . -11.84 -7.13 0.12
C6 BGC C . -10.59 -6.31 0.40
C1 BGC C . -14.14 -7.12 0.54
O1 BGC C . -15.17 -6.32 1.13
O2 BGC C . -15.70 -8.04 -1.02
O3 BGC C . -13.71 -8.25 -3.05
O4 BGC C . -10.96 -8.16 -1.88
O5 BGC C . -12.93 -6.37 0.67
O6 BGC C . -10.66 -5.13 -0.40
C2 BGC C . -18.10 -8.25 -1.53
C3 BGC C . -19.28 -7.26 -1.55
C4 BGC C . -18.86 -5.87 -1.05
C5 BGC C . -17.77 -5.35 -1.97
C6 BGC C . -17.12 -4.06 -1.47
C1 BGC C . -16.73 -7.70 -2.03
O2 BGC C . -18.50 -9.49 -2.16
O3 BGC C . -20.25 -7.83 -0.67
O4 BGC C . -19.94 -4.93 -0.86
O5 BGC C . -16.69 -6.29 -2.30
O6 BGC C . -16.47 -4.16 -0.17
C1 GLC D . 14.66 5.94 0.87
C2 GLC D . 14.42 7.45 0.97
C3 GLC D . 13.44 7.73 2.12
C4 GLC D . 12.17 6.85 2.02
C5 GLC D . 12.54 5.35 1.89
C6 GLC D . 11.31 4.44 1.73
O1 GLC D . 15.36 5.67 2.10
O2 GLC D . 15.74 8.06 1.22
O3 GLC D . 13.10 9.13 2.11
O4 GLC D . 11.27 7.07 3.11
O5 GLC D . 13.42 5.23 0.75
O6 GLC D . 10.48 4.85 0.61
C2 BGC D . 17.56 9.50 0.50
C3 BGC D . 18.11 9.72 -0.91
C4 BGC D . 17.40 8.85 -1.95
C5 BGC D . 15.93 9.29 -2.01
C6 BGC D . 15.07 8.39 -2.92
C1 BGC D . 16.01 9.33 0.56
O2 BGC D . 18.12 10.44 1.44
O3 BGC D . 19.51 9.37 -0.89
O4 BGC D . 18.02 8.99 -3.22
O5 BGC D . 15.31 9.34 -0.70
O6 BGC D . 15.25 6.97 -2.61
CA CA E . -8.60 -13.47 -25.23
CA CA F . -17.05 12.33 39.05
CA CA G . 2.20 27.72 9.65
#